data_1HRZ
#
_entry.id   1HRZ
#
_cell.length_a   1.000
_cell.length_b   1.000
_cell.length_c   1.000
_cell.angle_alpha   90.00
_cell.angle_beta   90.00
_cell.angle_gamma   90.00
#
_symmetry.space_group_name_H-M   'P 1'
#
loop_
_entity.id
_entity.type
_entity.pdbx_description
1 polymer "DNA (5'-D(*GP*CP*AP*CP*AP*AP*AP*C)-3')"
2 polymer "DNA (5'-D(*GP*TP*TP*TP*GP*TP*GP*C)-3')"
3 polymer 'HUMAN SRY'
#
loop_
_entity_poly.entity_id
_entity_poly.type
_entity_poly.pdbx_seq_one_letter_code
_entity_poly.pdbx_strand_id
1 'polydeoxyribonucleotide' (DG)(DC)(DA)(DC)(DA)(DA)(DA)(DC) B
2 'polydeoxyribonucleotide' (DG)(DT)(DT)(DT)(DG)(DT)(DG)(DC) C
3 'polypeptide(L)' VQDRVKRPMNAFIVWSRDQRRKMALENPRMRNSEISKQLGYQWKMLTEAEKWPFFQEAQKLQAMHREKYPNYKYRP A
#
# COMPACT_ATOMS: atom_id res chain seq x y z
N ASP C 3 7.33 18.72 -14.46
CA ASP C 3 7.36 17.46 -15.28
C ASP C 3 6.67 16.35 -14.51
N ARG C 4 7.42 15.52 -13.84
CA ARG C 4 6.80 14.40 -13.07
C ARG C 4 6.19 14.95 -11.78
N VAL C 5 5.03 14.47 -11.41
CA VAL C 5 4.40 14.94 -10.15
C VAL C 5 4.99 14.14 -9.00
N LYS C 6 4.66 14.45 -7.77
CA LYS C 6 5.25 13.67 -6.65
C LYS C 6 4.59 12.30 -6.61
N ARG C 7 5.01 11.45 -5.72
CA ARG C 7 4.42 10.09 -5.67
C ARG C 7 4.49 9.47 -4.26
N PRO C 8 3.61 9.90 -3.38
CA PRO C 8 3.59 9.37 -2.01
C PRO C 8 3.38 7.84 -2.06
N MET C 9 3.63 7.15 -0.98
CA MET C 9 3.45 5.67 -0.99
C MET C 9 2.00 5.34 -1.37
N ASN C 10 1.79 4.29 -2.12
CA ASN C 10 0.40 3.92 -2.54
C ASN C 10 -0.26 3.04 -1.47
N ALA C 11 -1.56 3.15 -1.32
CA ALA C 11 -2.27 2.33 -0.31
C ALA C 11 -1.84 0.87 -0.43
N PHE C 12 -1.34 0.46 -1.57
CA PHE C 12 -0.90 -0.95 -1.74
C PHE C 12 0.46 -1.12 -1.05
N ILE C 13 1.41 -0.30 -1.38
CA ILE C 13 2.74 -0.44 -0.74
C ILE C 13 2.59 -0.16 0.76
N VAL C 14 1.53 0.49 1.17
CA VAL C 14 1.34 0.73 2.63
C VAL C 14 1.33 -0.64 3.32
N TRP C 15 0.54 -1.55 2.81
CA TRP C 15 0.47 -2.91 3.41
C TRP C 15 1.88 -3.48 3.45
N SER C 16 2.61 -3.38 2.37
CA SER C 16 4.00 -3.93 2.34
C SER C 16 4.72 -3.56 3.64
N ARG C 17 4.89 -2.29 3.89
CA ARG C 17 5.58 -1.85 5.15
C ARG C 17 5.12 -2.70 6.34
N ASP C 18 3.93 -2.49 6.80
CA ASP C 18 3.42 -3.25 8.00
C ASP C 18 3.01 -4.69 7.64
N GLN C 19 2.17 -4.88 6.67
CA GLN C 19 1.73 -6.26 6.33
C GLN C 19 2.94 -7.17 6.14
N ARG C 20 3.94 -6.76 5.40
CA ARG C 20 5.10 -7.66 5.20
C ARG C 20 5.76 -7.94 6.57
N ARG C 21 5.76 -7.00 7.48
CA ARG C 21 6.38 -7.28 8.80
C ARG C 21 5.79 -8.58 9.35
N LYS C 22 4.53 -8.82 9.08
CA LYS C 22 3.90 -10.08 9.58
C LYS C 22 4.55 -11.27 8.90
N MET C 23 4.62 -11.26 7.60
CA MET C 23 5.23 -12.39 6.86
C MET C 23 6.71 -12.53 7.25
N ALA C 24 7.37 -11.43 7.53
CA ALA C 24 8.80 -11.51 7.90
C ALA C 24 8.97 -12.12 9.30
N LEU C 25 8.05 -11.86 10.18
CA LEU C 25 8.16 -12.41 11.56
C LEU C 25 8.06 -13.94 11.53
N GLU C 26 6.97 -14.44 11.06
CA GLU C 26 6.77 -15.92 11.04
C GLU C 26 7.47 -16.57 9.82
N ASN C 27 7.75 -15.82 8.78
CA ASN C 27 8.43 -16.43 7.59
C ASN C 27 9.54 -15.52 7.05
N PRO C 28 10.51 -15.19 7.88
CA PRO C 28 11.64 -14.34 7.45
C PRO C 28 12.55 -15.12 6.49
N ARG C 29 12.19 -16.33 6.13
CA ARG C 29 13.06 -17.16 5.21
C ARG C 29 12.28 -17.62 3.98
N MET C 30 11.68 -16.71 3.26
CA MET C 30 10.93 -17.11 2.03
C MET C 30 11.91 -17.27 0.87
N ARG C 31 12.00 -18.44 0.30
CA ARG C 31 12.93 -18.66 -0.83
C ARG C 31 12.35 -18.03 -2.10
N ASN C 32 11.45 -18.72 -2.76
CA ASN C 32 10.85 -18.17 -4.00
C ASN C 32 10.12 -16.86 -3.68
N SER C 33 9.36 -16.33 -4.61
CA SER C 33 8.62 -15.06 -4.36
C SER C 33 7.15 -15.37 -4.06
N GLU C 34 6.87 -15.89 -2.90
CA GLU C 34 5.47 -16.23 -2.54
C GLU C 34 4.77 -15.01 -1.94
N ILE C 35 5.46 -14.24 -1.13
CA ILE C 35 4.81 -13.04 -0.52
C ILE C 35 4.05 -12.26 -1.59
N SER C 36 4.35 -12.47 -2.84
CA SER C 36 3.64 -11.73 -3.92
C SER C 36 2.21 -12.28 -4.07
N LYS C 37 2.09 -13.55 -4.36
CA LYS C 37 0.74 -14.15 -4.54
C LYS C 37 0.00 -14.19 -3.20
N GLN C 38 0.71 -14.18 -2.11
CA GLN C 38 0.02 -14.24 -0.78
C GLN C 38 -0.81 -12.97 -0.57
N LEU C 39 -0.23 -11.83 -0.79
CA LEU C 39 -1.01 -10.57 -0.60
C LEU C 39 -2.20 -10.57 -1.56
N GLY C 40 -2.00 -10.98 -2.77
CA GLY C 40 -3.14 -10.99 -3.73
C GLY C 40 -4.33 -11.71 -3.07
N TYR C 41 -4.07 -12.77 -2.38
CA TYR C 41 -5.17 -13.51 -1.69
C TYR C 41 -5.82 -12.61 -0.64
N GLN C 42 -5.04 -11.78 0.02
CA GLN C 42 -5.60 -10.87 1.06
C GLN C 42 -6.50 -9.82 0.41
N TRP C 43 -6.21 -9.45 -0.81
CA TRP C 43 -7.04 -8.42 -1.50
C TRP C 43 -8.44 -8.97 -1.79
N LYS C 44 -8.55 -10.17 -2.28
CA LYS C 44 -9.90 -10.74 -2.55
C LYS C 44 -10.60 -10.92 -1.20
N MET C 45 -9.86 -10.75 -0.13
CA MET C 45 -10.43 -10.88 1.24
C MET C 45 -9.69 -9.90 2.15
N LEU C 46 -9.95 -8.62 1.97
CA LEU C 46 -9.23 -7.59 2.78
C LEU C 46 -9.60 -7.72 4.27
N THR C 47 -8.60 -7.71 5.12
CA THR C 47 -8.85 -7.81 6.58
C THR C 47 -9.21 -6.42 7.14
N GLU C 48 -10.41 -6.25 7.61
CA GLU C 48 -10.83 -4.91 8.16
C GLU C 48 -9.95 -4.53 9.35
N ALA C 49 -9.49 -5.50 10.10
CA ALA C 49 -8.63 -5.19 11.27
C ALA C 49 -7.40 -4.41 10.81
N GLU C 50 -7.12 -4.45 9.54
CA GLU C 50 -5.92 -3.74 9.00
C GLU C 50 -6.34 -2.51 8.18
N LYS C 51 -7.53 -2.53 7.62
CA LYS C 51 -7.99 -1.39 6.78
C LYS C 51 -8.13 -0.11 7.61
N TRP C 52 -9.15 -0.04 8.41
CA TRP C 52 -9.42 1.17 9.24
C TRP C 52 -8.12 1.89 9.72
N PRO C 53 -7.23 1.21 10.43
CA PRO C 53 -6.00 1.86 10.94
C PRO C 53 -5.35 2.84 9.94
N PHE C 54 -4.70 2.36 8.90
CA PHE C 54 -3.98 3.32 7.97
C PHE C 54 -4.89 3.98 6.92
N PHE C 55 -6.07 3.47 6.65
CA PHE C 55 -6.92 4.14 5.61
C PHE C 55 -7.36 5.53 6.10
N GLN C 56 -7.47 5.74 7.38
CA GLN C 56 -7.90 7.08 7.87
C GLN C 56 -7.02 8.15 7.24
N GLU C 57 -5.75 8.10 7.53
CA GLU C 57 -4.82 9.12 6.96
C GLU C 57 -4.75 8.96 5.43
N ALA C 58 -4.68 7.76 4.93
CA ALA C 58 -4.60 7.57 3.44
C ALA C 58 -5.58 8.50 2.73
N GLN C 59 -6.65 8.87 3.40
CA GLN C 59 -7.63 9.79 2.76
C GLN C 59 -7.01 11.18 2.62
N LYS C 60 -6.41 11.69 3.67
CA LYS C 60 -5.81 13.05 3.57
C LYS C 60 -4.68 13.07 2.52
N LEU C 61 -4.01 11.96 2.30
CA LEU C 61 -2.93 11.95 1.26
C LEU C 61 -3.54 12.35 -0.09
N GLN C 62 -4.58 11.68 -0.49
CA GLN C 62 -5.22 11.98 -1.79
C GLN C 62 -5.79 13.40 -1.83
N ALA C 63 -6.60 13.75 -0.87
CA ALA C 63 -7.22 15.11 -0.86
C ALA C 63 -6.18 16.25 -0.92
N MET C 64 -5.16 16.19 -0.11
CA MET C 64 -4.15 17.28 -0.10
C MET C 64 -3.44 17.41 -1.46
N HIS C 65 -2.73 16.39 -1.84
CA HIS C 65 -1.97 16.45 -3.13
C HIS C 65 -2.91 16.67 -4.33
N ARG C 66 -4.10 16.15 -4.33
CA ARG C 66 -5.00 16.38 -5.50
C ARG C 66 -5.28 17.89 -5.63
N GLU C 67 -5.25 18.60 -4.54
CA GLU C 67 -5.52 20.07 -4.61
C GLU C 67 -4.29 20.78 -5.19
N LYS C 68 -3.13 20.20 -5.06
CA LYS C 68 -1.90 20.86 -5.61
C LYS C 68 -1.76 20.53 -7.09
N TYR C 69 -2.51 19.58 -7.59
CA TYR C 69 -2.40 19.18 -9.04
C TYR C 69 -3.81 18.98 -9.62
N PRO C 70 -4.62 20.02 -9.60
CA PRO C 70 -6.00 19.92 -10.11
C PRO C 70 -6.10 19.03 -11.36
N ASN C 71 -5.76 19.54 -12.52
CA ASN C 71 -5.86 18.71 -13.76
C ASN C 71 -4.45 18.33 -14.25
N TYR C 72 -3.44 18.58 -13.47
CA TYR C 72 -2.07 18.21 -13.93
C TYR C 72 -1.93 16.69 -13.85
N LYS C 73 -1.89 16.02 -14.98
CA LYS C 73 -1.76 14.53 -14.98
C LYS C 73 -0.32 14.13 -15.30
N TYR C 74 -0.08 12.86 -15.53
CA TYR C 74 1.30 12.40 -15.85
C TYR C 74 1.73 12.93 -17.23
N ARG C 75 2.96 13.35 -17.34
CA ARG C 75 3.47 13.89 -18.64
C ARG C 75 4.91 13.39 -18.85
N ASP C 3 8.84 18.75 -13.11
CA ASP C 3 8.78 17.55 -13.98
C ASP C 3 7.92 16.48 -13.28
N ARG C 4 8.55 15.48 -12.73
CA ARG C 4 7.78 14.40 -12.05
C ARG C 4 7.29 14.90 -10.68
N VAL C 5 6.04 14.68 -10.39
CA VAL C 5 5.50 15.13 -9.07
C VAL C 5 5.78 14.05 -8.03
N LYS C 6 5.88 14.42 -6.78
CA LYS C 6 6.16 13.41 -5.72
C LYS C 6 4.86 12.67 -5.34
N ARG C 7 4.98 11.47 -4.85
CA ARG C 7 3.77 10.69 -4.44
C ARG C 7 4.13 9.81 -3.22
N PRO C 8 3.41 9.94 -2.10
CA PRO C 8 3.73 9.13 -0.91
C PRO C 8 3.44 7.65 -1.18
N MET C 9 3.45 6.85 -0.14
CA MET C 9 3.17 5.40 -0.31
C MET C 9 1.72 5.21 -0.76
N ASN C 10 1.46 4.23 -1.58
CA ASN C 10 0.06 3.99 -2.04
C ASN C 10 -0.65 3.11 -1.00
N ALA C 11 -1.93 3.31 -0.80
CA ALA C 11 -2.68 2.49 0.20
C ALA C 11 -2.27 1.02 0.07
N PHE C 12 -1.83 0.63 -1.08
CA PHE C 12 -1.41 -0.78 -1.28
C PHE C 12 -0.01 -0.99 -0.66
N ILE C 13 0.93 -0.17 -0.99
CA ILE C 13 2.28 -0.35 -0.38
C ILE C 13 2.18 -0.08 1.12
N VAL C 14 1.18 0.65 1.56
CA VAL C 14 1.06 0.87 3.03
C VAL C 14 1.04 -0.50 3.70
N TRP C 15 0.30 -1.43 3.13
CA TRP C 15 0.28 -2.79 3.69
C TRP C 15 1.70 -3.31 3.71
N SER C 16 2.40 -3.20 2.61
CA SER C 16 3.82 -3.70 2.56
C SER C 16 4.55 -3.33 3.86
N ARG C 17 4.57 -2.08 4.20
CA ARG C 17 5.26 -1.67 5.45
C ARG C 17 4.86 -2.60 6.62
N ASP C 18 3.66 -2.47 7.12
CA ASP C 18 3.22 -3.33 8.26
C ASP C 18 2.88 -4.76 7.83
N GLN C 19 2.07 -4.89 6.81
CA GLN C 19 1.66 -6.25 6.35
C GLN C 19 2.88 -7.12 6.01
N ARG C 20 3.71 -6.69 5.11
CA ARG C 20 4.88 -7.55 4.77
C ARG C 20 5.75 -7.76 6.01
N ARG C 21 5.86 -6.77 6.86
CA ARG C 21 6.70 -6.96 8.07
C ARG C 21 6.24 -8.24 8.78
N LYS C 22 4.97 -8.55 8.70
CA LYS C 22 4.46 -9.79 9.35
C LYS C 22 5.11 -11.00 8.67
N MET C 23 5.06 -11.05 7.38
CA MET C 23 5.67 -12.21 6.66
C MET C 23 7.17 -12.27 6.94
N ALA C 24 7.78 -11.16 7.23
CA ALA C 24 9.25 -11.16 7.50
C ALA C 24 9.54 -11.82 8.85
N LEU C 25 8.65 -11.75 9.80
CA LEU C 25 8.91 -12.39 11.12
C LEU C 25 8.98 -13.91 10.95
N GLU C 26 8.01 -14.48 10.31
CA GLU C 26 8.01 -15.96 10.13
C GLU C 26 8.95 -16.34 8.98
N ASN C 27 9.11 -15.47 8.01
CA ASN C 27 10.01 -15.77 6.85
C ASN C 27 10.91 -14.58 6.54
N PRO C 28 11.78 -14.22 7.46
CA PRO C 28 12.70 -13.10 7.23
C PRO C 28 13.56 -13.41 5.99
N ARG C 29 13.45 -14.62 5.49
CA ARG C 29 14.25 -15.02 4.29
C ARG C 29 13.33 -15.80 3.32
N MET C 30 12.50 -15.12 2.58
CA MET C 30 11.61 -15.84 1.63
C MET C 30 12.41 -16.27 0.41
N ARG C 31 12.09 -17.40 -0.17
CA ARG C 31 12.84 -17.89 -1.36
C ARG C 31 12.40 -17.11 -2.60
N ASN C 32 11.66 -17.75 -3.47
CA ASN C 32 11.20 -17.05 -4.72
C ASN C 32 10.31 -15.85 -4.37
N SER C 33 9.32 -15.58 -5.20
CA SER C 33 8.40 -14.42 -4.95
C SER C 33 6.99 -14.92 -4.62
N GLU C 34 6.82 -15.50 -3.45
CA GLU C 34 5.47 -16.00 -3.05
C GLU C 34 4.68 -14.86 -2.40
N ILE C 35 5.27 -14.21 -1.44
CA ILE C 35 4.58 -13.09 -0.72
C ILE C 35 3.84 -12.19 -1.73
N SER C 36 4.16 -12.27 -2.99
CA SER C 36 3.45 -11.39 -3.98
C SER C 36 2.04 -11.95 -4.25
N LYS C 37 1.96 -13.10 -4.86
CA LYS C 37 0.61 -13.70 -5.17
C LYS C 37 -0.16 -13.95 -3.87
N GLN C 38 0.53 -14.16 -2.79
CA GLN C 38 -0.17 -14.44 -1.51
C GLN C 38 -0.98 -13.21 -1.08
N LEU C 39 -0.41 -12.05 -1.12
CA LEU C 39 -1.19 -10.85 -0.71
C LEU C 39 -2.43 -10.77 -1.60
N GLY C 40 -2.31 -11.16 -2.84
CA GLY C 40 -3.50 -11.12 -3.74
C GLY C 40 -4.65 -11.85 -3.04
N TYR C 41 -4.35 -12.93 -2.37
CA TYR C 41 -5.40 -13.70 -1.64
C TYR C 41 -6.05 -12.80 -0.58
N GLN C 42 -5.28 -12.03 0.14
CA GLN C 42 -5.87 -11.14 1.19
C GLN C 42 -6.81 -10.12 0.54
N TRP C 43 -6.41 -9.57 -0.57
CA TRP C 43 -7.26 -8.57 -1.27
C TRP C 43 -8.67 -9.11 -1.53
N LYS C 44 -8.80 -10.34 -1.90
CA LYS C 44 -10.18 -10.88 -2.13
C LYS C 44 -10.91 -10.93 -0.78
N MET C 45 -10.17 -10.83 0.29
CA MET C 45 -10.78 -10.84 1.66
C MET C 45 -10.00 -9.85 2.53
N LEU C 46 -10.21 -8.58 2.33
CA LEU C 46 -9.47 -7.55 3.11
C LEU C 46 -9.80 -7.66 4.60
N THR C 47 -8.80 -7.61 5.43
CA THR C 47 -9.03 -7.71 6.90
C THR C 47 -9.45 -6.32 7.43
N GLU C 48 -10.59 -6.25 8.09
CA GLU C 48 -11.08 -4.94 8.63
C GLU C 48 -10.08 -4.37 9.63
N ALA C 49 -9.47 -5.20 10.43
CA ALA C 49 -8.50 -4.69 11.44
C ALA C 49 -7.40 -3.90 10.73
N GLU C 50 -7.32 -4.01 9.43
CA GLU C 50 -6.26 -3.30 8.65
C GLU C 50 -6.88 -2.17 7.80
N LYS C 51 -8.13 -2.30 7.44
CA LYS C 51 -8.76 -1.25 6.58
C LYS C 51 -8.96 0.06 7.34
N TRP C 52 -9.95 0.13 8.18
CA TRP C 52 -10.22 1.41 8.91
C TRP C 52 -8.93 2.10 9.46
N PRO C 53 -8.09 1.42 10.21
CA PRO C 53 -6.89 2.09 10.77
C PRO C 53 -6.15 3.01 9.78
N PHE C 54 -5.46 2.48 8.81
CA PHE C 54 -4.65 3.36 7.89
C PHE C 54 -5.45 3.95 6.71
N PHE C 55 -6.62 3.48 6.41
CA PHE C 55 -7.35 4.10 5.25
C PHE C 55 -7.66 5.58 5.56
N GLN C 56 -8.14 5.88 6.73
CA GLN C 56 -8.44 7.31 7.05
C GLN C 56 -7.19 8.16 6.79
N GLU C 57 -6.06 7.74 7.27
CA GLU C 57 -4.82 8.54 7.05
C GLU C 57 -4.42 8.51 5.56
N ALA C 58 -4.24 7.35 4.99
CA ALA C 58 -3.83 7.28 3.56
C ALA C 58 -4.72 8.18 2.69
N GLN C 59 -5.91 8.50 3.14
CA GLN C 59 -6.80 9.37 2.33
C GLN C 59 -6.24 10.79 2.25
N LYS C 60 -5.94 11.40 3.37
CA LYS C 60 -5.42 12.79 3.35
C LYS C 60 -4.09 12.85 2.58
N LEU C 61 -3.17 11.94 2.84
CA LEU C 61 -1.88 11.97 2.08
C LEU C 61 -2.13 12.20 0.58
N GLN C 62 -2.79 11.28 -0.05
CA GLN C 62 -3.05 11.40 -1.51
C GLN C 62 -3.87 12.66 -1.82
N ALA C 63 -4.81 13.00 -0.99
CA ALA C 63 -5.67 14.19 -1.26
C ALA C 63 -4.83 15.49 -1.33
N MET C 64 -4.08 15.80 -0.32
CA MET C 64 -3.29 17.07 -0.35
C MET C 64 -2.44 17.15 -1.62
N HIS C 65 -1.61 16.18 -1.84
CA HIS C 65 -0.73 16.20 -3.04
C HIS C 65 -1.56 16.17 -4.34
N ARG C 66 -2.60 15.37 -4.40
CA ARG C 66 -3.41 15.32 -5.66
C ARG C 66 -4.18 16.62 -5.85
N GLU C 67 -4.54 17.30 -4.79
CA GLU C 67 -5.30 18.57 -4.95
C GLU C 67 -4.38 19.66 -5.51
N LYS C 68 -3.10 19.51 -5.36
CA LYS C 68 -2.17 20.54 -5.90
C LYS C 68 -1.89 20.25 -7.37
N TYR C 69 -2.15 19.04 -7.80
CA TYR C 69 -1.91 18.67 -9.23
C TYR C 69 -3.08 17.78 -9.74
N PRO C 70 -4.30 18.31 -9.70
CA PRO C 70 -5.49 17.53 -10.13
C PRO C 70 -5.41 17.17 -11.62
N ASN C 71 -5.85 18.04 -12.48
CA ASN C 71 -5.83 17.73 -13.94
C ASN C 71 -4.43 17.32 -14.38
N TYR C 72 -3.48 17.35 -13.49
CA TYR C 72 -2.09 16.96 -13.88
C TYR C 72 -2.04 15.48 -14.25
N LYS C 73 -1.65 15.17 -15.45
CA LYS C 73 -1.54 13.73 -15.88
C LYS C 73 -0.06 13.37 -15.97
N TYR C 74 0.27 12.15 -15.69
CA TYR C 74 1.71 11.75 -15.76
C TYR C 74 2.33 12.25 -17.07
N ARG C 75 3.61 12.51 -17.07
CA ARG C 75 4.28 13.02 -18.30
C ARG C 75 5.65 12.32 -18.45
N ASP C 3 7.06 16.93 -15.00
CA ASP C 3 6.52 15.55 -15.21
C ASP C 3 6.29 14.88 -13.85
N ARG C 4 7.31 14.36 -13.25
CA ARG C 4 7.14 13.68 -11.93
C ARG C 4 6.97 14.67 -10.78
N VAL C 5 5.79 14.70 -10.23
CA VAL C 5 5.50 15.56 -9.05
C VAL C 5 5.71 14.68 -7.82
N LYS C 6 5.35 15.11 -6.64
CA LYS C 6 5.56 14.22 -5.46
C LYS C 6 4.52 13.10 -5.49
N ARG C 7 4.82 11.98 -4.87
CA ARG C 7 3.85 10.85 -4.86
C ARG C 7 4.07 9.98 -3.60
N PRO C 8 3.31 10.21 -2.53
CA PRO C 8 3.47 9.41 -1.30
C PRO C 8 3.25 7.92 -1.59
N MET C 9 3.34 7.09 -0.58
CA MET C 9 3.14 5.63 -0.81
C MET C 9 1.71 5.36 -1.27
N ASN C 10 1.49 4.24 -1.90
CA ASN C 10 0.12 3.90 -2.39
C ASN C 10 -0.57 2.97 -1.38
N ALA C 11 -1.86 3.11 -1.21
CA ALA C 11 -2.59 2.23 -0.23
C ALA C 11 -2.14 0.78 -0.40
N PHE C 12 -1.62 0.45 -1.54
CA PHE C 12 -1.17 -0.95 -1.77
C PHE C 12 0.18 -1.16 -1.07
N ILE C 13 1.14 -0.32 -1.34
CA ILE C 13 2.45 -0.47 -0.67
C ILE C 13 2.27 -0.20 0.83
N VAL C 14 1.17 0.39 1.22
CA VAL C 14 0.94 0.60 2.67
C VAL C 14 0.92 -0.77 3.34
N TRP C 15 0.18 -1.70 2.78
CA TRP C 15 0.16 -3.08 3.35
C TRP C 15 1.59 -3.56 3.45
N SER C 16 2.35 -3.37 2.39
CA SER C 16 3.77 -3.84 2.43
C SER C 16 4.41 -3.39 3.74
N ARG C 17 4.52 -2.11 3.95
CA ARG C 17 5.14 -1.59 5.21
C ARG C 17 4.79 -2.48 6.43
N ASP C 18 3.55 -2.43 6.87
CA ASP C 18 3.17 -3.23 8.08
C ASP C 18 3.00 -4.72 7.78
N GLN C 19 2.24 -5.09 6.78
CA GLN C 19 2.03 -6.54 6.51
C GLN C 19 3.39 -7.24 6.28
N ARG C 20 4.29 -6.59 5.62
CA ARG C 20 5.64 -7.20 5.39
C ARG C 20 6.27 -7.49 6.74
N ARG C 21 6.19 -6.55 7.66
CA ARG C 21 6.79 -6.79 9.01
C ARG C 21 6.25 -8.10 9.56
N LYS C 22 5.04 -8.46 9.24
CA LYS C 22 4.48 -9.73 9.75
C LYS C 22 5.19 -10.91 9.10
N MET C 23 5.30 -10.91 7.79
CA MET C 23 5.97 -12.03 7.09
C MET C 23 7.45 -12.08 7.47
N ALA C 24 8.05 -10.95 7.73
CA ALA C 24 9.50 -10.94 8.10
C ALA C 24 9.71 -11.55 9.49
N LEU C 25 8.79 -11.35 10.40
CA LEU C 25 8.96 -11.91 11.77
C LEU C 25 8.83 -13.43 11.75
N GLU C 26 7.73 -13.92 11.26
CA GLU C 26 7.52 -15.40 11.25
C GLU C 26 8.23 -16.06 10.06
N ASN C 27 8.49 -15.35 8.99
CA ASN C 27 9.16 -15.98 7.81
C ASN C 27 10.29 -15.08 7.24
N PRO C 28 11.22 -14.69 8.07
CA PRO C 28 12.36 -13.86 7.61
C PRO C 28 13.20 -14.67 6.58
N ARG C 29 12.88 -15.93 6.40
CA ARG C 29 13.66 -16.79 5.44
C ARG C 29 12.82 -17.01 4.16
N MET C 30 12.65 -15.99 3.36
CA MET C 30 11.86 -16.17 2.10
C MET C 30 12.75 -16.80 1.02
N ARG C 31 12.43 -18.00 0.61
CA ARG C 31 13.25 -18.68 -0.43
C ARG C 31 12.80 -18.25 -1.83
N ASN C 32 11.70 -17.53 -1.95
CA ASN C 32 11.24 -17.10 -3.31
C ASN C 32 10.37 -15.84 -3.18
N SER C 33 9.81 -15.41 -4.27
CA SER C 33 8.93 -14.21 -4.25
C SER C 33 7.50 -14.66 -3.96
N GLU C 34 7.29 -15.37 -2.88
CA GLU C 34 5.92 -15.85 -2.55
C GLU C 34 5.14 -14.73 -1.87
N ILE C 35 5.76 -14.01 -0.98
CA ILE C 35 5.05 -12.89 -0.29
C ILE C 35 4.28 -12.07 -1.32
N SER C 36 4.63 -12.18 -2.57
CA SER C 36 3.92 -11.40 -3.63
C SER C 36 2.62 -12.14 -4.01
N LYS C 37 2.73 -13.38 -4.41
CA LYS C 37 1.51 -14.15 -4.81
C LYS C 37 0.61 -14.36 -3.57
N GLN C 38 1.20 -14.53 -2.42
CA GLN C 38 0.38 -14.75 -1.20
C GLN C 38 -0.48 -13.52 -0.93
N LEU C 39 0.09 -12.35 -1.00
CA LEU C 39 -0.73 -11.13 -0.76
C LEU C 39 -1.88 -11.09 -1.77
N GLY C 40 -1.65 -11.60 -2.95
CA GLY C 40 -2.75 -11.60 -3.96
C GLY C 40 -3.98 -12.26 -3.33
N TYR C 41 -3.77 -13.32 -2.60
CA TYR C 41 -4.92 -14.02 -1.95
C TYR C 41 -5.61 -13.08 -0.93
N GLN C 42 -4.84 -12.31 -0.20
CA GLN C 42 -5.45 -11.40 0.82
C GLN C 42 -6.37 -10.39 0.13
N TRP C 43 -6.07 -10.02 -1.08
CA TRP C 43 -6.92 -9.03 -1.80
C TRP C 43 -8.28 -9.67 -2.13
N LYS C 44 -8.29 -10.87 -2.64
CA LYS C 44 -9.60 -11.52 -2.94
C LYS C 44 -10.32 -11.77 -1.61
N MET C 45 -9.61 -11.63 -0.53
CA MET C 45 -10.22 -11.83 0.83
C MET C 45 -9.59 -10.79 1.77
N LEU C 46 -9.96 -9.55 1.60
CA LEU C 46 -9.37 -8.46 2.44
C LEU C 46 -9.77 -8.61 3.92
N THR C 47 -8.81 -8.46 4.79
CA THR C 47 -9.10 -8.53 6.25
C THR C 47 -9.55 -7.13 6.72
N GLU C 48 -10.79 -6.98 7.09
CA GLU C 48 -11.27 -5.63 7.54
C GLU C 48 -10.48 -5.18 8.79
N ALA C 49 -9.93 -6.12 9.51
CA ALA C 49 -9.15 -5.76 10.73
C ALA C 49 -7.97 -4.86 10.35
N GLU C 50 -7.47 -5.00 9.16
CA GLU C 50 -6.29 -4.17 8.72
C GLU C 50 -6.77 -2.97 7.86
N LYS C 51 -7.90 -3.07 7.23
CA LYS C 51 -8.35 -1.95 6.35
C LYS C 51 -8.64 -0.67 7.15
N TRP C 52 -9.80 -0.62 7.74
CA TRP C 52 -10.23 0.60 8.50
C TRP C 52 -9.05 1.35 9.19
N PRO C 53 -8.27 0.70 10.04
CA PRO C 53 -7.17 1.40 10.74
C PRO C 53 -6.36 2.35 9.83
N PHE C 54 -5.60 1.85 8.88
CA PHE C 54 -4.74 2.77 8.05
C PHE C 54 -5.49 3.50 6.92
N PHE C 55 -6.65 3.05 6.50
CA PHE C 55 -7.34 3.80 5.38
C PHE C 55 -7.76 5.20 5.85
N GLN C 56 -8.11 5.37 7.09
CA GLN C 56 -8.54 6.73 7.53
C GLN C 56 -7.48 7.76 7.18
N GLU C 57 -6.26 7.53 7.57
CA GLU C 57 -5.18 8.50 7.26
C GLU C 57 -4.89 8.56 5.75
N ALA C 58 -4.68 7.42 5.13
CA ALA C 58 -4.35 7.41 3.67
C ALA C 58 -5.27 8.36 2.90
N GLN C 59 -6.43 8.64 3.42
CA GLN C 59 -7.36 9.56 2.71
C GLN C 59 -6.77 10.97 2.71
N LYS C 60 -6.45 11.49 3.87
CA LYS C 60 -5.89 12.87 3.92
C LYS C 60 -4.52 12.96 3.20
N LEU C 61 -3.73 11.92 3.24
CA LEU C 61 -2.40 11.98 2.53
C LEU C 61 -2.59 12.39 1.07
N GLN C 62 -3.15 11.53 0.26
CA GLN C 62 -3.32 11.84 -1.19
C GLN C 62 -4.17 13.10 -1.38
N ALA C 63 -5.19 13.23 -0.60
CA ALA C 63 -6.10 14.42 -0.74
C ALA C 63 -5.32 15.74 -0.80
N MET C 64 -4.59 16.09 0.23
CA MET C 64 -3.85 17.39 0.21
C MET C 64 -2.88 17.47 -0.97
N HIS C 65 -2.00 16.51 -1.09
CA HIS C 65 -1.01 16.55 -2.19
C HIS C 65 -1.70 16.63 -3.55
N ARG C 66 -2.68 15.82 -3.80
CA ARG C 66 -3.38 15.87 -5.11
C ARG C 66 -4.10 17.21 -5.29
N GLU C 67 -4.49 17.84 -4.21
CA GLU C 67 -5.21 19.15 -4.35
C GLU C 67 -4.22 20.25 -4.72
N LYS C 68 -2.95 20.03 -4.53
CA LYS C 68 -1.94 21.09 -4.88
C LYS C 68 -1.63 21.02 -6.38
N TYR C 69 -2.12 20.01 -7.06
CA TYR C 69 -1.84 19.86 -8.53
C TYR C 69 -3.12 19.47 -9.28
N PRO C 70 -4.14 20.29 -9.20
CA PRO C 70 -5.44 20.01 -9.84
C PRO C 70 -5.31 19.73 -11.35
N ASN C 71 -4.40 20.37 -12.05
CA ASN C 71 -4.29 20.16 -13.54
C ASN C 71 -2.96 19.52 -13.94
N TYR C 72 -2.01 19.40 -13.07
CA TYR C 72 -0.71 18.78 -13.52
C TYR C 72 -0.89 17.26 -13.66
N LYS C 73 -0.71 16.73 -14.86
CA LYS C 73 -0.87 15.25 -15.07
C LYS C 73 0.33 14.72 -15.87
N TYR C 74 0.57 13.43 -15.83
CA TYR C 74 1.73 12.86 -16.59
C TYR C 74 1.78 13.46 -18.00
N ARG C 75 2.95 13.50 -18.59
CA ARG C 75 3.09 14.08 -19.97
C ARG C 75 3.17 12.94 -20.99
N ASP C 3 5.10 16.28 -15.38
CA ASP C 3 5.68 14.94 -15.66
C ASP C 3 5.68 14.11 -14.37
N ARG C 4 6.75 14.15 -13.63
CA ARG C 4 6.82 13.36 -12.36
C ARG C 4 6.04 14.08 -11.25
N VAL C 5 4.84 13.65 -10.98
CA VAL C 5 4.05 14.27 -9.88
C VAL C 5 4.45 13.57 -8.59
N LYS C 6 4.02 14.04 -7.45
CA LYS C 6 4.44 13.35 -6.19
C LYS C 6 3.63 12.07 -6.01
N ARG C 7 4.19 11.09 -5.34
CA ARG C 7 3.46 9.80 -5.16
C ARG C 7 3.88 9.09 -3.86
N PRO C 8 3.52 9.64 -2.72
CA PRO C 8 3.88 9.04 -1.42
C PRO C 8 3.47 7.55 -1.35
N MET C 9 3.46 6.99 -0.18
CA MET C 9 3.09 5.54 -0.04
C MET C 9 1.69 5.29 -0.60
N ASN C 10 1.56 4.36 -1.50
CA ASN C 10 0.22 4.05 -2.08
C ASN C 10 -0.55 3.17 -1.11
N ALA C 11 -1.85 3.30 -1.05
CA ALA C 11 -2.65 2.47 -0.12
C ALA C 11 -2.21 1.00 -0.24
N PHE C 12 -1.70 0.62 -1.38
CA PHE C 12 -1.25 -0.79 -1.54
C PHE C 12 0.09 -0.98 -0.84
N ILE C 13 1.07 -0.15 -1.13
CA ILE C 13 2.38 -0.34 -0.47
C ILE C 13 2.24 -0.04 1.04
N VAL C 14 1.22 0.65 1.47
CA VAL C 14 1.08 0.88 2.94
C VAL C 14 1.04 -0.50 3.59
N TRP C 15 0.22 -1.37 3.06
CA TRP C 15 0.16 -2.75 3.61
C TRP C 15 1.58 -3.30 3.61
N SER C 16 2.15 -3.44 2.45
CA SER C 16 3.53 -3.99 2.32
C SER C 16 4.41 -3.56 3.52
N ARG C 17 4.53 -2.29 3.75
CA ARG C 17 5.35 -1.78 4.87
C ARG C 17 5.16 -2.62 6.13
N ASP C 18 4.05 -2.45 6.82
CA ASP C 18 3.84 -3.23 8.07
C ASP C 18 3.42 -4.67 7.76
N GLN C 19 2.80 -4.90 6.64
CA GLN C 19 2.35 -6.27 6.29
C GLN C 19 3.55 -7.16 5.97
N ARG C 20 4.38 -6.80 5.02
CA ARG C 20 5.55 -7.69 4.72
C ARG C 20 6.40 -7.80 5.99
N ARG C 21 6.47 -6.75 6.77
CA ARG C 21 7.28 -6.81 8.02
C ARG C 21 6.82 -8.03 8.82
N LYS C 22 5.54 -8.26 8.87
CA LYS C 22 5.03 -9.45 9.62
C LYS C 22 5.56 -10.70 8.93
N MET C 23 5.47 -10.74 7.63
CA MET C 23 5.97 -11.91 6.87
C MET C 23 7.49 -12.04 7.07
N ALA C 24 8.13 -10.96 7.43
CA ALA C 24 9.61 -10.98 7.64
C ALA C 24 9.97 -11.71 8.94
N LEU C 25 9.20 -11.53 9.98
CA LEU C 25 9.53 -12.21 11.28
C LEU C 25 9.35 -13.72 11.19
N GLU C 26 8.16 -14.18 10.90
CA GLU C 26 7.91 -15.65 10.83
C GLU C 26 8.30 -16.24 9.48
N ASN C 27 8.39 -15.44 8.44
CA ASN C 27 8.76 -16.01 7.09
C ASN C 27 9.82 -15.15 6.38
N PRO C 28 10.93 -14.90 7.05
CA PRO C 28 12.04 -14.11 6.45
C PRO C 28 12.57 -14.80 5.18
N ARG C 29 12.91 -16.07 5.26
CA ARG C 29 13.44 -16.79 4.05
C ARG C 29 12.37 -17.68 3.43
N MET C 30 11.55 -17.16 2.56
CA MET C 30 10.52 -18.02 1.92
C MET C 30 11.21 -18.85 0.82
N ARG C 31 10.69 -20.00 0.51
CA ARG C 31 11.33 -20.84 -0.54
C ARG C 31 10.98 -20.32 -1.94
N ASN C 32 10.31 -19.20 -2.02
CA ASN C 32 9.95 -18.65 -3.36
C ASN C 32 9.23 -17.31 -3.21
N SER C 33 8.82 -16.70 -4.30
CA SER C 33 8.13 -15.38 -4.21
C SER C 33 6.62 -15.62 -4.11
N GLU C 34 6.18 -16.32 -3.09
CA GLU C 34 4.73 -16.58 -2.92
C GLU C 34 4.08 -15.36 -2.26
N ILE C 35 4.76 -14.78 -1.30
CA ILE C 35 4.22 -13.59 -0.60
C ILE C 35 3.56 -12.62 -1.60
N SER C 36 3.97 -12.68 -2.84
CA SER C 36 3.37 -11.77 -3.85
C SER C 36 1.91 -12.20 -4.15
N LYS C 37 1.75 -13.36 -4.72
CA LYS C 37 0.37 -13.84 -5.05
C LYS C 37 -0.42 -14.08 -3.76
N GLN C 38 0.23 -14.33 -2.66
CA GLN C 38 -0.52 -14.57 -1.40
C GLN C 38 -1.24 -13.27 -1.01
N LEU C 39 -0.58 -12.15 -1.06
CA LEU C 39 -1.29 -10.89 -0.71
C LEU C 39 -2.48 -10.76 -1.65
N GLY C 40 -2.37 -11.32 -2.83
CA GLY C 40 -3.51 -11.26 -3.78
C GLY C 40 -4.72 -11.95 -3.15
N TYR C 41 -4.49 -13.02 -2.45
CA TYR C 41 -5.62 -13.75 -1.79
C TYR C 41 -6.28 -12.82 -0.78
N GLN C 42 -5.50 -12.01 -0.10
CA GLN C 42 -6.07 -11.06 0.91
C GLN C 42 -6.89 -9.99 0.19
N TRP C 43 -6.54 -9.68 -1.02
CA TRP C 43 -7.28 -8.63 -1.78
C TRP C 43 -8.68 -9.11 -2.13
N LYS C 44 -8.86 -10.31 -2.59
CA LYS C 44 -10.25 -10.77 -2.90
C LYS C 44 -11.03 -10.84 -1.57
N MET C 45 -10.32 -10.79 -0.48
CA MET C 45 -10.96 -10.83 0.87
C MET C 45 -10.17 -9.90 1.79
N LEU C 46 -10.38 -8.62 1.64
CA LEU C 46 -9.63 -7.62 2.45
C LEU C 46 -10.03 -7.69 3.93
N THR C 47 -9.05 -7.68 4.80
CA THR C 47 -9.33 -7.72 6.26
C THR C 47 -9.66 -6.30 6.73
N GLU C 48 -10.84 -6.10 7.26
CA GLU C 48 -11.22 -4.72 7.72
C GLU C 48 -10.38 -4.32 8.94
N ALA C 49 -9.96 -5.26 9.73
CA ALA C 49 -9.14 -4.91 10.92
C ALA C 49 -7.90 -4.13 10.48
N GLU C 50 -7.53 -4.27 9.24
CA GLU C 50 -6.32 -3.57 8.71
C GLU C 50 -6.71 -2.32 7.90
N LYS C 51 -7.86 -2.33 7.26
CA LYS C 51 -8.25 -1.16 6.43
C LYS C 51 -8.61 0.05 7.29
N TRP C 52 -9.63 -0.05 8.10
CA TRP C 52 -10.04 1.12 8.92
C TRP C 52 -8.83 1.87 9.56
N PRO C 53 -7.91 1.20 10.25
CA PRO C 53 -6.77 1.90 10.86
C PRO C 53 -6.08 2.90 9.90
N PHE C 54 -5.33 2.43 8.93
CA PHE C 54 -4.58 3.39 8.05
C PHE C 54 -5.45 4.05 6.95
N PHE C 55 -6.62 3.55 6.64
CA PHE C 55 -7.41 4.25 5.59
C PHE C 55 -7.80 5.65 6.09
N GLN C 56 -7.99 5.81 7.37
CA GLN C 56 -8.34 7.16 7.88
C GLN C 56 -7.29 8.16 7.44
N GLU C 57 -6.07 7.94 7.83
CA GLU C 57 -4.99 8.88 7.44
C GLU C 57 -4.72 8.79 5.92
N ALA C 58 -4.65 7.61 5.37
CA ALA C 58 -4.36 7.50 3.90
C ALA C 58 -5.20 8.49 3.10
N GLN C 59 -6.34 8.88 3.62
CA GLN C 59 -7.19 9.84 2.87
C GLN C 59 -6.56 11.24 2.89
N LYS C 60 -6.21 11.76 4.04
CA LYS C 60 -5.62 13.13 4.06
C LYS C 60 -4.38 13.18 3.16
N LEU C 61 -3.50 12.20 3.22
CA LEU C 61 -2.31 12.23 2.31
C LEU C 61 -2.75 12.56 0.90
N GLN C 62 -3.51 11.70 0.29
CA GLN C 62 -3.98 11.94 -1.10
C GLN C 62 -4.84 13.21 -1.16
N ALA C 63 -5.48 13.58 -0.08
CA ALA C 63 -6.35 14.79 -0.09
C ALA C 63 -5.53 16.05 -0.41
N MET C 64 -4.51 16.32 0.36
CA MET C 64 -3.71 17.57 0.12
C MET C 64 -3.08 17.53 -1.27
N HIS C 65 -2.31 16.51 -1.55
CA HIS C 65 -1.62 16.41 -2.87
C HIS C 65 -2.63 16.44 -4.03
N ARG C 66 -3.75 15.80 -3.90
CA ARG C 66 -4.72 15.80 -5.02
C ARG C 66 -5.17 17.23 -5.34
N GLU C 67 -5.20 18.09 -4.35
CA GLU C 67 -5.65 19.50 -4.60
C GLU C 67 -4.59 20.31 -5.34
N LYS C 68 -3.32 20.01 -5.16
CA LYS C 68 -2.26 20.82 -5.84
C LYS C 68 -2.04 20.37 -7.29
N TYR C 69 -2.81 19.44 -7.80
CA TYR C 69 -2.61 18.98 -9.21
C TYR C 69 -3.97 18.85 -9.92
N PRO C 70 -4.73 19.93 -9.96
CA PRO C 70 -6.07 19.92 -10.58
C PRO C 70 -6.05 19.21 -11.95
N ASN C 71 -5.71 19.90 -13.00
CA ASN C 71 -5.72 19.26 -14.35
C ASN C 71 -4.33 18.74 -14.71
N TYR C 72 -3.42 18.66 -13.77
CA TYR C 72 -2.07 18.13 -14.12
C TYR C 72 -2.17 16.63 -14.36
N LYS C 73 -1.82 16.17 -15.54
CA LYS C 73 -1.92 14.70 -15.85
C LYS C 73 -0.64 14.20 -16.53
N TYR C 74 -0.25 12.98 -16.26
CA TYR C 74 0.97 12.43 -16.91
C TYR C 74 0.81 12.59 -18.43
N ARG C 75 1.79 12.18 -19.20
CA ARG C 75 1.66 12.30 -20.69
C ARG C 75 2.24 11.05 -21.36
N ASP C 3 9.12 18.04 -13.32
CA ASP C 3 8.57 17.17 -14.39
C ASP C 3 7.41 16.36 -13.81
N ARG C 4 7.70 15.20 -13.27
CA ARG C 4 6.63 14.34 -12.70
C ARG C 4 6.19 14.90 -11.34
N VAL C 5 4.93 14.76 -11.00
CA VAL C 5 4.41 15.28 -9.71
C VAL C 5 4.88 14.35 -8.58
N LYS C 6 4.57 14.66 -7.35
CA LYS C 6 5.04 13.78 -6.24
C LYS C 6 4.30 12.45 -6.29
N ARG C 7 4.95 11.38 -5.92
CA ARG C 7 4.32 10.02 -5.95
C ARG C 7 4.61 9.27 -4.63
N PRO C 8 3.96 9.67 -3.55
CA PRO C 8 4.18 9.04 -2.23
C PRO C 8 3.80 7.55 -2.27
N MET C 9 3.92 6.87 -1.16
CA MET C 9 3.58 5.43 -1.11
C MET C 9 2.08 5.25 -1.40
N ASN C 10 1.72 4.23 -2.12
CA ASN C 10 0.27 4.00 -2.44
C ASN C 10 -0.34 3.10 -1.35
N ALA C 11 -1.62 3.20 -1.14
CA ALA C 11 -2.28 2.36 -0.09
C ALA C 11 -1.83 0.90 -0.27
N PHE C 12 -1.30 0.58 -1.43
CA PHE C 12 -0.84 -0.81 -1.66
C PHE C 12 0.50 -1.03 -0.97
N ILE C 13 1.51 -0.26 -1.32
CA ILE C 13 2.83 -0.46 -0.66
C ILE C 13 2.65 -0.21 0.83
N VAL C 14 1.64 0.52 1.23
CA VAL C 14 1.45 0.73 2.69
C VAL C 14 1.34 -0.65 3.34
N TRP C 15 0.60 -1.55 2.74
CA TRP C 15 0.49 -2.91 3.31
C TRP C 15 1.90 -3.47 3.41
N SER C 16 2.67 -3.38 2.35
CA SER C 16 4.06 -3.91 2.40
C SER C 16 4.74 -3.45 3.68
N ARG C 17 4.92 -2.17 3.84
CA ARG C 17 5.59 -1.66 5.08
C ARG C 17 5.14 -2.45 6.33
N ASP C 18 3.98 -2.17 6.84
CA ASP C 18 3.50 -2.86 8.08
C ASP C 18 3.06 -4.30 7.81
N GLN C 19 2.31 -4.56 6.79
CA GLN C 19 1.85 -5.96 6.58
C GLN C 19 3.04 -6.89 6.27
N ARG C 20 4.02 -6.45 5.52
CA ARG C 20 5.16 -7.38 5.25
C ARG C 20 5.78 -7.76 6.59
N ARG C 21 5.88 -6.82 7.49
CA ARG C 21 6.45 -7.13 8.82
C ARG C 21 5.71 -8.35 9.39
N LYS C 22 4.43 -8.44 9.16
CA LYS C 22 3.68 -9.63 9.68
C LYS C 22 4.18 -10.89 9.00
N MET C 23 4.10 -10.94 7.71
CA MET C 23 4.56 -12.15 6.97
C MET C 23 6.07 -12.36 7.22
N ALA C 24 6.77 -11.32 7.57
CA ALA C 24 8.23 -11.46 7.82
C ALA C 24 8.48 -12.18 9.15
N LEU C 25 7.59 -12.05 10.10
CA LEU C 25 7.81 -12.73 11.41
C LEU C 25 7.79 -14.24 11.22
N GLU C 26 6.71 -14.76 10.71
CA GLU C 26 6.61 -16.23 10.52
C GLU C 26 7.43 -16.67 9.29
N ASN C 27 7.65 -15.78 8.35
CA ASN C 27 8.43 -16.16 7.14
C ASN C 27 9.38 -15.02 6.73
N PRO C 28 10.39 -14.76 7.53
CA PRO C 28 11.36 -13.69 7.22
C PRO C 28 12.04 -13.93 5.87
N ARG C 29 12.13 -15.16 5.44
CA ARG C 29 12.78 -15.46 4.12
C ARG C 29 11.92 -16.47 3.35
N MET C 30 10.94 -16.00 2.64
CA MET C 30 10.06 -16.93 1.86
C MET C 30 10.81 -17.43 0.62
N ARG C 31 10.52 -18.63 0.19
CA ARG C 31 11.20 -19.18 -1.01
C ARG C 31 10.58 -18.51 -2.25
N ASN C 32 11.39 -18.22 -3.24
CA ASN C 32 10.83 -17.58 -4.46
C ASN C 32 10.05 -16.32 -4.06
N SER C 33 9.33 -15.73 -4.98
CA SER C 33 8.54 -14.50 -4.67
C SER C 33 7.10 -14.90 -4.34
N GLU C 34 6.87 -15.44 -3.17
CA GLU C 34 5.48 -15.86 -2.78
C GLU C 34 4.72 -14.68 -2.17
N ILE C 35 5.35 -13.97 -1.26
CA ILE C 35 4.66 -12.80 -0.62
C ILE C 35 3.96 -11.95 -1.68
N SER C 36 4.30 -12.12 -2.93
CA SER C 36 3.63 -11.32 -4.00
C SER C 36 2.25 -11.93 -4.31
N LYS C 37 2.23 -13.15 -4.76
CA LYS C 37 0.93 -13.81 -5.11
C LYS C 37 0.10 -14.01 -3.85
N GLN C 38 0.73 -14.15 -2.71
CA GLN C 38 -0.06 -14.36 -1.46
C GLN C 38 -0.88 -13.11 -1.17
N LEU C 39 -0.28 -11.96 -1.23
CA LEU C 39 -1.04 -10.70 -0.97
C LEU C 39 -2.18 -10.61 -1.99
N GLY C 40 -1.96 -11.03 -3.20
CA GLY C 40 -3.04 -10.97 -4.22
C GLY C 40 -4.30 -11.61 -3.63
N TYR C 41 -4.14 -12.73 -2.99
CA TYR C 41 -5.31 -13.43 -2.38
C TYR C 41 -5.91 -12.53 -1.28
N GLN C 42 -5.10 -11.85 -0.53
CA GLN C 42 -5.63 -10.97 0.55
C GLN C 42 -6.48 -9.87 -0.08
N TRP C 43 -6.22 -9.54 -1.30
CA TRP C 43 -7.01 -8.47 -2.00
C TRP C 43 -8.40 -9.01 -2.33
N LYS C 44 -8.50 -10.17 -2.90
CA LYS C 44 -9.86 -10.71 -3.19
C LYS C 44 -10.56 -10.97 -1.85
N MET C 45 -9.83 -10.79 -0.78
CA MET C 45 -10.41 -10.98 0.58
C MET C 45 -9.72 -9.98 1.52
N LEU C 46 -10.03 -8.73 1.38
CA LEU C 46 -9.38 -7.70 2.23
C LEU C 46 -9.76 -7.91 3.70
N THR C 47 -8.78 -8.14 4.53
CA THR C 47 -9.07 -8.35 5.97
C THR C 47 -9.35 -6.98 6.61
N GLU C 48 -10.47 -6.85 7.28
CA GLU C 48 -10.82 -5.55 7.93
C GLU C 48 -9.75 -5.17 8.96
N ALA C 49 -9.03 -6.12 9.46
CA ALA C 49 -7.98 -5.80 10.47
C ALA C 49 -6.97 -4.83 9.89
N GLU C 50 -6.79 -4.86 8.59
CA GLU C 50 -5.81 -3.95 7.93
C GLU C 50 -6.52 -2.73 7.30
N LYS C 51 -7.80 -2.84 7.03
CA LYS C 51 -8.53 -1.71 6.37
C LYS C 51 -8.69 -0.50 7.30
N TRP C 52 -9.63 -0.55 8.22
CA TRP C 52 -9.86 0.63 9.11
C TRP C 52 -8.54 1.29 9.62
N PRO C 53 -7.62 0.55 10.23
CA PRO C 53 -6.39 1.17 10.76
C PRO C 53 -5.75 2.25 9.86
N PHE C 54 -5.10 1.88 8.77
CA PHE C 54 -4.39 2.92 7.93
C PHE C 54 -5.26 3.69 6.93
N PHE C 55 -6.50 3.32 6.74
CA PHE C 55 -7.33 4.10 5.76
C PHE C 55 -7.57 5.53 6.27
N GLN C 56 -7.67 5.73 7.55
CA GLN C 56 -7.91 7.12 8.05
C GLN C 56 -6.82 8.05 7.50
N GLU C 57 -5.58 7.70 7.69
CA GLU C 57 -4.46 8.54 7.19
C GLU C 57 -4.46 8.57 5.65
N ALA C 58 -4.50 7.44 5.02
CA ALA C 58 -4.45 7.40 3.52
C ALA C 58 -5.38 8.47 2.93
N GLN C 59 -6.39 8.85 3.65
CA GLN C 59 -7.33 9.88 3.12
C GLN C 59 -6.62 11.24 3.04
N LYS C 60 -6.05 11.70 4.12
CA LYS C 60 -5.37 13.04 4.08
C LYS C 60 -4.16 12.99 3.11
N LEU C 61 -3.41 11.92 3.08
CA LEU C 61 -2.25 11.88 2.13
C LEU C 61 -2.70 12.30 0.72
N GLN C 62 -3.43 11.45 0.05
CA GLN C 62 -3.87 11.77 -1.34
C GLN C 62 -4.68 13.06 -1.39
N ALA C 63 -5.29 13.44 -0.29
CA ALA C 63 -6.10 14.69 -0.31
C ALA C 63 -5.20 15.90 -0.64
N MET C 64 -4.12 16.05 0.06
CA MET C 64 -3.21 17.21 -0.20
C MET C 64 -2.57 17.13 -1.59
N HIS C 65 -1.88 16.05 -1.85
CA HIS C 65 -1.17 15.90 -3.15
C HIS C 65 -2.13 16.00 -4.34
N ARG C 66 -3.21 15.26 -4.34
CA ARG C 66 -4.14 15.33 -5.51
C ARG C 66 -4.75 16.73 -5.62
N GLU C 67 -4.96 17.39 -4.52
CA GLU C 67 -5.57 18.75 -4.57
C GLU C 67 -4.54 19.77 -5.07
N LYS C 68 -3.29 19.41 -5.13
CA LYS C 68 -2.28 20.39 -5.60
C LYS C 68 -2.26 20.42 -7.14
N TYR C 69 -2.65 19.35 -7.78
CA TYR C 69 -2.65 19.32 -9.27
C TYR C 69 -3.89 18.55 -9.78
N PRO C 70 -5.06 19.12 -9.61
CA PRO C 70 -6.32 18.48 -10.02
C PRO C 70 -6.33 18.13 -11.52
N ASN C 71 -5.61 18.85 -12.36
CA ASN C 71 -5.64 18.57 -13.83
C ASN C 71 -4.33 17.95 -14.35
N TYR C 72 -3.26 18.00 -13.62
CA TYR C 72 -1.99 17.43 -14.16
C TYR C 72 -2.08 15.90 -14.27
N LYS C 73 -1.92 15.37 -15.46
CA LYS C 73 -1.97 13.89 -15.65
C LYS C 73 -0.55 13.39 -15.96
N TYR C 74 -0.28 12.12 -15.79
CA TYR C 74 1.10 11.63 -16.09
C TYR C 74 1.46 11.94 -17.54
N ARG C 75 2.73 12.19 -17.79
CA ARG C 75 3.19 12.51 -19.17
C ARG C 75 4.15 11.42 -19.65
N ASP C 3 1.74 14.06 -11.45
CA ASP C 3 2.55 13.06 -12.18
C ASP C 3 3.88 12.85 -11.45
N ARG C 4 4.99 13.22 -12.03
CA ARG C 4 6.29 13.01 -11.32
C ARG C 4 6.51 14.09 -10.27
N VAL C 5 5.57 14.26 -9.38
CA VAL C 5 5.73 15.26 -8.27
C VAL C 5 6.17 14.44 -7.04
N LYS C 6 6.23 15.02 -5.87
CA LYS C 6 6.62 14.20 -4.68
C LYS C 6 5.36 13.49 -4.18
N ARG C 7 5.38 12.17 -4.08
CA ARG C 7 4.15 11.41 -3.63
C ARG C 7 4.50 10.49 -2.43
N PRO C 8 3.59 10.33 -1.48
CA PRO C 8 3.84 9.45 -0.31
C PRO C 8 3.75 7.98 -0.75
N MET C 9 3.74 7.08 0.20
CA MET C 9 3.63 5.63 -0.15
C MET C 9 2.23 5.37 -0.74
N ASN C 10 2.05 4.32 -1.49
CA ASN C 10 0.69 4.04 -2.07
C ASN C 10 -0.08 3.14 -1.12
N ALA C 11 -1.36 3.36 -0.98
CA ALA C 11 -2.18 2.52 -0.06
C ALA C 11 -1.83 1.04 -0.25
N PHE C 12 -1.33 0.69 -1.40
CA PHE C 12 -0.96 -0.74 -1.64
C PHE C 12 0.37 -1.03 -0.94
N ILE C 13 1.39 -0.28 -1.24
CA ILE C 13 2.70 -0.54 -0.58
C ILE C 13 2.54 -0.32 0.93
N VAL C 14 1.50 0.37 1.34
CA VAL C 14 1.30 0.56 2.82
C VAL C 14 1.14 -0.83 3.46
N TRP C 15 0.25 -1.64 2.95
CA TRP C 15 0.09 -3.01 3.52
C TRP C 15 1.47 -3.65 3.59
N SER C 16 2.19 -3.59 2.51
CA SER C 16 3.54 -4.20 2.48
C SER C 16 4.31 -3.82 3.75
N ARG C 17 4.59 -2.56 3.94
CA ARG C 17 5.36 -2.12 5.15
C ARG C 17 4.92 -2.91 6.40
N ASP C 18 3.72 -2.69 6.86
CA ASP C 18 3.25 -3.41 8.09
C ASP C 18 2.88 -4.88 7.79
N GLN C 19 2.01 -5.11 6.85
CA GLN C 19 1.60 -6.52 6.56
C GLN C 19 2.85 -7.40 6.35
N ARG C 20 3.82 -6.90 5.64
CA ARG C 20 5.05 -7.71 5.40
C ARG C 20 5.72 -8.02 6.74
N ARG C 21 5.71 -7.10 7.66
CA ARG C 21 6.36 -7.37 8.97
C ARG C 21 5.82 -8.69 9.51
N LYS C 22 4.55 -8.93 9.37
CA LYS C 22 3.97 -10.21 9.87
C LYS C 22 4.62 -11.39 9.12
N MET C 23 4.55 -11.39 7.82
CA MET C 23 5.14 -12.51 7.05
C MET C 23 6.64 -12.60 7.37
N ALA C 24 7.26 -11.49 7.66
CA ALA C 24 8.72 -11.50 7.98
C ALA C 24 8.96 -12.07 9.38
N LEU C 25 7.93 -12.21 10.19
CA LEU C 25 8.14 -12.77 11.57
C LEU C 25 8.56 -14.24 11.48
N GLU C 26 7.63 -15.09 11.18
CA GLU C 26 7.92 -16.56 11.12
C GLU C 26 8.47 -16.97 9.74
N ASN C 27 8.35 -16.16 8.72
CA ASN C 27 8.85 -16.56 7.37
C ASN C 27 9.78 -15.50 6.74
N PRO C 28 10.74 -15.00 7.50
CA PRO C 28 11.71 -14.01 6.96
C PRO C 28 12.55 -14.65 5.84
N ARG C 29 12.21 -15.85 5.41
CA ARG C 29 13.01 -16.53 4.33
C ARG C 29 12.12 -16.85 3.12
N MET C 30 11.63 -15.84 2.44
CA MET C 30 10.79 -16.12 1.23
C MET C 30 11.72 -16.40 0.04
N ARG C 31 11.62 -17.56 -0.55
CA ARG C 31 12.52 -17.87 -1.71
C ARG C 31 12.02 -17.12 -2.94
N ASN C 32 11.17 -17.72 -3.72
CA ASN C 32 10.67 -17.01 -4.94
C ASN C 32 9.76 -15.85 -4.51
N SER C 33 9.10 -15.22 -5.43
CA SER C 33 8.22 -14.08 -5.07
C SER C 33 6.87 -14.62 -4.54
N GLU C 34 6.86 -15.11 -3.33
CA GLU C 34 5.60 -15.65 -2.75
C GLU C 34 4.81 -14.49 -2.10
N ILE C 35 5.42 -13.79 -1.18
CA ILE C 35 4.72 -12.66 -0.50
C ILE C 35 4.00 -11.81 -1.54
N SER C 36 4.37 -11.92 -2.78
CA SER C 36 3.70 -11.11 -3.84
C SER C 36 2.34 -11.75 -4.19
N LYS C 37 2.36 -12.96 -4.67
CA LYS C 37 1.08 -13.64 -5.04
C LYS C 37 0.22 -13.87 -3.78
N GLN C 38 0.84 -14.06 -2.64
CA GLN C 38 0.04 -14.30 -1.41
C GLN C 38 -0.80 -13.06 -1.10
N LEU C 39 -0.23 -11.90 -1.18
CA LEU C 39 -1.04 -10.68 -0.90
C LEU C 39 -2.22 -10.65 -1.85
N GLY C 40 -2.04 -11.14 -3.05
CA GLY C 40 -3.16 -11.15 -4.03
C GLY C 40 -4.35 -11.84 -3.37
N TYR C 41 -4.11 -12.92 -2.67
CA TYR C 41 -5.23 -13.63 -1.99
C TYR C 41 -5.89 -12.69 -0.96
N GLN C 42 -5.11 -11.90 -0.28
CA GLN C 42 -5.71 -10.97 0.73
C GLN C 42 -6.61 -9.96 0.01
N TRP C 43 -6.26 -9.61 -1.19
CA TRP C 43 -7.09 -8.63 -1.96
C TRP C 43 -8.46 -9.25 -2.27
N LYS C 44 -8.51 -10.48 -2.68
CA LYS C 44 -9.84 -11.09 -2.94
C LYS C 44 -10.60 -11.19 -1.61
N MET C 45 -9.92 -10.94 -0.53
CA MET C 45 -10.56 -10.99 0.82
C MET C 45 -9.87 -9.96 1.71
N LEU C 46 -10.13 -8.69 1.48
CA LEU C 46 -9.47 -7.64 2.29
C LEU C 46 -9.87 -7.74 3.76
N THR C 47 -8.91 -7.66 4.64
CA THR C 47 -9.19 -7.74 6.10
C THR C 47 -9.60 -6.36 6.62
N GLU C 48 -10.81 -6.24 7.10
CA GLU C 48 -11.31 -4.93 7.61
C GLU C 48 -10.45 -4.46 8.80
N ALA C 49 -10.07 -5.35 9.67
CA ALA C 49 -9.26 -4.95 10.84
C ALA C 49 -8.00 -4.19 10.37
N GLU C 50 -7.70 -4.27 9.10
CA GLU C 50 -6.49 -3.57 8.55
C GLU C 50 -6.90 -2.37 7.68
N LYS C 51 -8.06 -2.42 7.07
CA LYS C 51 -8.48 -1.29 6.18
C LYS C 51 -8.72 0.00 6.98
N TRP C 52 -9.83 0.06 7.64
CA TRP C 52 -10.22 1.29 8.41
C TRP C 52 -9.03 1.95 9.16
N PRO C 53 -8.28 1.24 10.00
CA PRO C 53 -7.16 1.87 10.75
C PRO C 53 -6.25 2.79 9.90
N PHE C 54 -5.47 2.23 9.01
CA PHE C 54 -4.48 3.09 8.25
C PHE C 54 -5.08 3.90 7.08
N PHE C 55 -6.26 3.59 6.59
CA PHE C 55 -6.78 4.40 5.43
C PHE C 55 -7.14 5.82 5.90
N GLN C 56 -7.53 6.00 7.13
CA GLN C 56 -7.89 7.38 7.59
C GLN C 56 -6.77 8.36 7.20
N GLU C 57 -5.55 7.99 7.44
CA GLU C 57 -4.42 8.89 7.08
C GLU C 57 -4.29 8.99 5.56
N ALA C 58 -4.07 7.89 4.91
CA ALA C 58 -3.89 7.92 3.42
C ALA C 58 -4.97 8.79 2.76
N GLN C 59 -6.07 9.03 3.42
CA GLN C 59 -7.13 9.86 2.79
C GLN C 59 -6.62 11.29 2.59
N LYS C 60 -6.26 11.96 3.64
CA LYS C 60 -5.76 13.36 3.49
C LYS C 60 -4.43 13.39 2.71
N LEU C 61 -3.50 12.52 3.02
CA LEU C 61 -2.18 12.53 2.28
C LEU C 61 -2.41 12.77 0.77
N GLN C 62 -2.97 11.82 0.09
CA GLN C 62 -3.17 11.98 -1.39
C GLN C 62 -4.13 13.14 -1.70
N ALA C 63 -5.15 13.32 -0.92
CA ALA C 63 -6.14 14.40 -1.22
C ALA C 63 -5.47 15.78 -1.32
N MET C 64 -4.65 16.14 -0.36
CA MET C 64 -4.00 17.49 -0.40
C MET C 64 -3.05 17.62 -1.61
N HIS C 65 -2.10 16.73 -1.70
CA HIS C 65 -1.09 16.82 -2.80
C HIS C 65 -1.75 16.76 -4.19
N ARG C 66 -2.73 15.93 -4.39
CA ARG C 66 -3.36 15.86 -5.74
C ARG C 66 -4.09 17.20 -6.06
N GLU C 67 -4.54 17.90 -5.06
CA GLU C 67 -5.27 19.18 -5.33
C GLU C 67 -4.30 20.29 -5.75
N LYS C 68 -3.05 20.18 -5.41
CA LYS C 68 -2.08 21.26 -5.79
C LYS C 68 -1.61 21.09 -7.25
N TYR C 69 -1.90 19.97 -7.88
CA TYR C 69 -1.47 19.76 -9.31
C TYR C 69 -2.62 19.12 -10.11
N PRO C 70 -3.73 19.82 -10.24
CA PRO C 70 -4.91 19.30 -10.96
C PRO C 70 -4.61 18.91 -12.43
N ASN C 71 -4.38 19.87 -13.28
CA ASN C 71 -4.14 19.56 -14.72
C ASN C 71 -2.82 18.83 -14.97
N TYR C 72 -1.98 18.67 -13.98
CA TYR C 72 -0.69 17.97 -14.24
C TYR C 72 -0.96 16.47 -14.49
N LYS C 73 -0.92 16.05 -15.74
CA LYS C 73 -1.18 14.62 -16.10
C LYS C 73 0.09 13.96 -16.64
N TYR C 74 0.17 12.66 -16.55
CA TYR C 74 1.37 11.94 -17.08
C TYR C 74 1.50 12.23 -18.59
N ARG C 75 2.71 12.26 -19.10
CA ARG C 75 2.90 12.53 -20.57
C ARG C 75 3.11 11.21 -21.31
N ASP C 3 7.75 17.28 -14.85
CA ASP C 3 8.02 15.88 -15.30
C ASP C 3 7.49 14.90 -14.24
N ARG C 4 8.35 14.41 -13.37
CA ARG C 4 7.88 13.45 -12.32
C ARG C 4 7.14 14.21 -11.22
N VAL C 5 5.93 13.82 -10.91
CA VAL C 5 5.16 14.51 -9.82
C VAL C 5 5.55 13.88 -8.48
N LYS C 6 4.85 14.17 -7.42
CA LYS C 6 5.23 13.57 -6.11
C LYS C 6 4.87 12.07 -6.13
N ARG C 7 5.27 11.33 -5.13
CA ARG C 7 4.99 9.87 -5.11
C ARG C 7 4.81 9.39 -3.66
N PRO C 8 3.69 9.74 -3.06
CA PRO C 8 3.41 9.35 -1.66
C PRO C 8 3.28 7.82 -1.55
N MET C 9 3.14 7.31 -0.35
CA MET C 9 3.00 5.83 -0.20
C MET C 9 1.68 5.40 -0.84
N ASN C 10 1.64 4.27 -1.47
CA ASN C 10 0.37 3.79 -2.10
C ASN C 10 -0.32 2.83 -1.13
N ALA C 11 -1.61 2.92 -1.04
CA ALA C 11 -2.37 2.03 -0.11
C ALA C 11 -1.85 0.58 -0.23
N PHE C 12 -1.27 0.24 -1.34
CA PHE C 12 -0.76 -1.14 -1.52
C PHE C 12 0.57 -1.30 -0.79
N ILE C 13 1.55 -0.52 -1.15
CA ILE C 13 2.86 -0.62 -0.49
C ILE C 13 2.69 -0.32 1.00
N VAL C 14 1.59 0.31 1.37
CA VAL C 14 1.36 0.57 2.82
C VAL C 14 1.35 -0.79 3.52
N TRP C 15 0.57 -1.72 3.01
CA TRP C 15 0.53 -3.08 3.64
C TRP C 15 1.95 -3.61 3.76
N SER C 16 2.72 -3.52 2.70
CA SER C 16 4.12 -4.03 2.76
C SER C 16 4.78 -3.56 4.07
N ARG C 17 4.92 -2.27 4.23
CA ARG C 17 5.55 -1.73 5.48
C ARG C 17 5.17 -2.60 6.70
N ASP C 18 3.93 -2.57 7.11
CA ASP C 18 3.53 -3.36 8.32
C ASP C 18 3.29 -4.86 8.00
N GLN C 19 2.52 -5.16 6.98
CA GLN C 19 2.22 -6.61 6.68
C GLN C 19 3.50 -7.37 6.31
N ARG C 20 4.25 -6.92 5.33
CA ARG C 20 5.49 -7.68 4.97
C ARG C 20 6.40 -7.74 6.19
N ARG C 21 6.44 -6.70 6.98
CA ARG C 21 7.32 -6.74 8.19
C ARG C 21 7.01 -8.02 8.97
N LYS C 22 5.76 -8.41 9.01
CA LYS C 22 5.40 -9.65 9.74
C LYS C 22 6.01 -10.84 9.01
N MET C 23 5.86 -10.88 7.72
CA MET C 23 6.43 -11.99 6.91
C MET C 23 7.95 -11.97 7.03
N ALA C 24 8.51 -10.81 7.23
CA ALA C 24 9.99 -10.69 7.34
C ALA C 24 10.49 -11.31 8.65
N LEU C 25 9.87 -10.99 9.74
CA LEU C 25 10.33 -11.54 11.06
C LEU C 25 10.07 -13.05 11.13
N GLU C 26 8.93 -13.50 10.71
CA GLU C 26 8.62 -14.96 10.80
C GLU C 26 9.27 -15.73 9.63
N ASN C 27 9.45 -15.11 8.50
CA ASN C 27 10.07 -15.82 7.32
C ASN C 27 11.15 -14.93 6.67
N PRO C 28 12.18 -14.60 7.41
CA PRO C 28 13.27 -13.76 6.86
C PRO C 28 13.83 -14.38 5.57
N ARG C 29 14.01 -15.68 5.53
CA ARG C 29 14.56 -16.34 4.30
C ARG C 29 13.45 -17.09 3.56
N MET C 30 12.74 -16.43 2.68
CA MET C 30 11.66 -17.13 1.92
C MET C 30 12.31 -17.91 0.77
N ARG C 31 11.72 -18.99 0.36
CA ARG C 31 12.32 -19.77 -0.76
C ARG C 31 12.10 -19.00 -2.07
N ASN C 32 10.92 -19.07 -2.62
CA ASN C 32 10.63 -18.35 -3.89
C ASN C 32 9.94 -17.02 -3.57
N SER C 33 9.33 -16.39 -4.54
CA SER C 33 8.62 -15.11 -4.29
C SER C 33 7.15 -15.41 -4.02
N GLU C 34 6.85 -15.88 -2.84
CA GLU C 34 5.43 -16.21 -2.50
C GLU C 34 4.73 -15.00 -1.90
N ILE C 35 5.39 -14.26 -1.05
CA ILE C 35 4.75 -13.07 -0.41
C ILE C 35 4.00 -12.27 -1.48
N SER C 36 4.34 -12.46 -2.73
CA SER C 36 3.62 -11.72 -3.81
C SER C 36 2.25 -12.35 -4.07
N LYS C 37 2.23 -13.61 -4.44
CA LYS C 37 0.93 -14.28 -4.72
C LYS C 37 0.13 -14.46 -3.42
N GLN C 38 0.79 -14.55 -2.30
CA GLN C 38 0.04 -14.73 -1.02
C GLN C 38 -0.83 -13.50 -0.76
N LEU C 39 -0.28 -12.33 -0.88
CA LEU C 39 -1.09 -11.11 -0.65
C LEU C 39 -2.26 -11.11 -1.61
N GLY C 40 -2.04 -11.50 -2.84
CA GLY C 40 -3.17 -11.50 -3.81
C GLY C 40 -4.37 -12.19 -3.19
N TYR C 41 -4.14 -13.26 -2.47
CA TYR C 41 -5.27 -13.98 -1.81
C TYR C 41 -5.92 -13.05 -0.77
N GLN C 42 -5.14 -12.29 -0.06
CA GLN C 42 -5.73 -11.36 0.97
C GLN C 42 -6.64 -10.34 0.29
N TRP C 43 -6.23 -9.82 -0.82
CA TRP C 43 -7.07 -8.82 -1.55
C TRP C 43 -8.47 -9.37 -1.81
N LYS C 44 -8.59 -10.59 -2.26
CA LYS C 44 -9.95 -11.14 -2.51
C LYS C 44 -10.67 -11.30 -1.17
N MET C 45 -9.94 -11.15 -0.08
CA MET C 45 -10.56 -11.26 1.27
C MET C 45 -9.82 -10.26 2.18
N LEU C 46 -10.03 -8.99 1.96
CA LEU C 46 -9.32 -7.95 2.76
C LEU C 46 -9.70 -8.04 4.24
N THR C 47 -8.71 -8.00 5.09
CA THR C 47 -8.97 -8.06 6.55
C THR C 47 -9.42 -6.67 7.02
N GLU C 48 -10.61 -6.56 7.56
CA GLU C 48 -11.09 -5.22 8.01
C GLU C 48 -10.19 -4.70 9.14
N ALA C 49 -9.56 -5.58 9.85
CA ALA C 49 -8.66 -5.14 10.96
C ALA C 49 -7.56 -4.23 10.40
N GLU C 50 -7.26 -4.36 9.14
CA GLU C 50 -6.18 -3.53 8.52
C GLU C 50 -6.79 -2.41 7.64
N LYS C 51 -8.02 -2.57 7.21
CA LYS C 51 -8.64 -1.54 6.32
C LYS C 51 -8.91 -0.23 7.08
N TRP C 52 -9.98 -0.19 7.83
CA TRP C 52 -10.35 1.07 8.56
C TRP C 52 -9.11 1.84 9.10
N PRO C 53 -8.25 1.23 9.89
CA PRO C 53 -7.07 1.95 10.43
C PRO C 53 -6.40 2.92 9.42
N PHE C 54 -5.70 2.43 8.42
CA PHE C 54 -4.97 3.39 7.50
C PHE C 54 -5.84 3.89 6.34
N PHE C 55 -7.02 3.36 6.13
CA PHE C 55 -7.85 3.87 4.99
C PHE C 55 -8.37 5.28 5.31
N GLN C 56 -8.94 5.52 6.48
CA GLN C 56 -9.45 6.90 6.75
C GLN C 56 -8.32 7.90 6.51
N GLU C 57 -7.12 7.57 6.89
CA GLU C 57 -6.00 8.52 6.66
C GLU C 57 -5.73 8.67 5.16
N ALA C 58 -5.45 7.59 4.49
CA ALA C 58 -5.17 7.68 3.03
C ALA C 58 -6.19 8.59 2.34
N GLN C 59 -7.31 8.86 2.96
CA GLN C 59 -8.32 9.75 2.30
C GLN C 59 -7.79 11.18 2.20
N LYS C 60 -7.48 11.81 3.31
CA LYS C 60 -6.98 13.22 3.23
C LYS C 60 -5.66 13.27 2.45
N LEU C 61 -4.84 12.26 2.55
CA LEU C 61 -3.55 12.26 1.79
C LEU C 61 -3.84 12.52 0.30
N GLN C 62 -4.77 11.81 -0.26
CA GLN C 62 -5.11 11.99 -1.70
C GLN C 62 -5.61 13.41 -1.97
N ALA C 63 -6.30 14.00 -1.03
CA ALA C 63 -6.81 15.39 -1.26
C ALA C 63 -5.63 16.36 -1.43
N MET C 64 -4.57 16.17 -0.69
CA MET C 64 -3.40 17.10 -0.78
C MET C 64 -2.70 16.97 -2.14
N HIS C 65 -2.24 15.79 -2.47
CA HIS C 65 -1.50 15.59 -3.75
C HIS C 65 -2.33 16.03 -4.96
N ARG C 66 -3.58 15.67 -5.00
CA ARG C 66 -4.40 16.03 -6.19
C ARG C 66 -4.59 17.55 -6.27
N GLU C 67 -4.60 18.24 -5.16
CA GLU C 67 -4.78 19.71 -5.22
C GLU C 67 -3.50 20.40 -5.71
N LYS C 68 -2.36 19.78 -5.53
CA LYS C 68 -1.08 20.44 -5.99
C LYS C 68 -0.86 20.16 -7.49
N TYR C 69 -1.58 19.22 -8.07
CA TYR C 69 -1.39 18.91 -9.52
C TYR C 69 -2.75 18.63 -10.19
N PRO C 70 -3.58 19.65 -10.28
CA PRO C 70 -4.94 19.51 -10.86
C PRO C 70 -4.93 18.75 -12.20
N ASN C 71 -4.53 19.37 -13.28
CA ASN C 71 -4.57 18.68 -14.61
C ASN C 71 -3.21 18.10 -15.01
N TYR C 72 -2.32 17.83 -14.10
CA TYR C 72 -1.00 17.27 -14.51
C TYR C 72 -1.19 15.84 -15.02
N LYS C 73 -0.83 15.56 -16.25
CA LYS C 73 -0.99 14.19 -16.82
C LYS C 73 0.37 13.48 -16.89
N TYR C 74 0.39 12.17 -16.78
CA TYR C 74 1.67 11.43 -16.87
C TYR C 74 2.08 11.35 -18.34
N ARG C 75 3.35 11.24 -18.62
CA ARG C 75 3.81 11.17 -20.04
C ARG C 75 4.96 10.14 -20.15
N ASP C 3 7.51 17.50 -15.31
CA ASP C 3 7.70 16.09 -15.75
C ASP C 3 7.40 15.13 -14.58
N ARG C 4 8.41 14.68 -13.89
CA ARG C 4 8.17 13.73 -12.75
C ARG C 4 7.64 14.49 -11.54
N VAL C 5 6.36 14.40 -11.28
CA VAL C 5 5.76 15.09 -10.10
C VAL C 5 5.90 14.20 -8.86
N LYS C 6 5.96 14.79 -7.69
CA LYS C 6 6.08 13.98 -6.45
C LYS C 6 4.71 13.42 -6.08
N ARG C 7 4.65 12.30 -5.40
CA ARG C 7 3.32 11.74 -5.02
C ARG C 7 3.48 10.92 -3.70
N PRO C 8 2.43 10.79 -2.91
CA PRO C 8 2.51 10.04 -1.63
C PRO C 8 2.62 8.51 -1.89
N MET C 9 2.86 7.74 -0.84
CA MET C 9 2.94 6.26 -0.99
C MET C 9 1.57 5.76 -1.48
N ASN C 10 1.52 4.68 -2.19
CA ASN C 10 0.21 4.17 -2.66
C ASN C 10 -0.43 3.31 -1.57
N ALA C 11 -1.72 3.40 -1.40
CA ALA C 11 -2.40 2.59 -0.34
C ALA C 11 -1.92 1.14 -0.42
N PHE C 12 -1.43 0.72 -1.55
CA PHE C 12 -0.96 -0.69 -1.68
C PHE C 12 0.43 -0.83 -1.05
N ILE C 13 1.35 -0.01 -1.43
CA ILE C 13 2.70 -0.11 -0.85
C ILE C 13 2.60 0.15 0.66
N VAL C 14 1.53 0.74 1.11
CA VAL C 14 1.38 0.95 2.58
C VAL C 14 1.31 -0.43 3.26
N TRP C 15 0.52 -1.34 2.70
CA TRP C 15 0.43 -2.70 3.32
C TRP C 15 1.82 -3.29 3.42
N SER C 16 2.63 -3.10 2.44
CA SER C 16 4.01 -3.67 2.51
C SER C 16 4.62 -3.26 3.84
N ARG C 17 4.87 -2.00 4.02
CA ARG C 17 5.48 -1.49 5.29
C ARG C 17 5.03 -2.33 6.50
N ASP C 18 3.81 -2.19 6.93
CA ASP C 18 3.34 -2.95 8.13
C ASP C 18 3.04 -4.42 7.81
N GLN C 19 2.39 -4.71 6.73
CA GLN C 19 2.03 -6.13 6.45
C GLN C 19 3.25 -6.95 6.02
N ARG C 20 4.06 -6.49 5.09
CA ARG C 20 5.23 -7.34 4.70
C ARG C 20 6.09 -7.53 5.95
N ARG C 21 6.13 -6.54 6.81
CA ARG C 21 6.91 -6.69 8.06
C ARG C 21 6.46 -7.97 8.78
N LYS C 22 5.18 -8.24 8.83
CA LYS C 22 4.71 -9.50 9.52
C LYS C 22 5.26 -10.71 8.77
N MET C 23 5.07 -10.77 7.49
CA MET C 23 5.56 -11.95 6.71
C MET C 23 7.08 -12.06 6.88
N ALA C 24 7.74 -10.98 7.20
CA ALA C 24 9.21 -11.04 7.39
C ALA C 24 9.54 -11.71 8.74
N LEU C 25 8.76 -11.43 9.76
CA LEU C 25 9.04 -12.05 11.10
C LEU C 25 8.82 -13.57 11.04
N GLU C 26 7.67 -14.00 10.61
CA GLU C 26 7.37 -15.46 10.57
C GLU C 26 8.02 -16.14 9.37
N ASN C 27 8.18 -15.46 8.26
CA ASN C 27 8.81 -16.10 7.06
C ASN C 27 9.86 -15.17 6.42
N PRO C 28 10.87 -14.79 7.17
CA PRO C 28 11.94 -13.92 6.63
C PRO C 28 12.73 -14.71 5.58
N ARG C 29 12.40 -15.98 5.43
CA ARG C 29 13.13 -16.84 4.44
C ARG C 29 12.18 -17.20 3.29
N MET C 30 11.81 -16.23 2.50
CA MET C 30 10.90 -16.50 1.35
C MET C 30 11.72 -17.02 0.17
N ARG C 31 11.38 -18.16 -0.34
CA ARG C 31 12.15 -18.70 -1.50
C ARG C 31 11.72 -17.97 -2.77
N ASN C 32 10.64 -18.39 -3.38
CA ASN C 32 10.17 -17.71 -4.62
C ASN C 32 9.30 -16.52 -4.24
N SER C 33 8.83 -15.79 -5.20
CA SER C 33 7.97 -14.60 -4.89
C SER C 33 6.56 -15.10 -4.52
N GLU C 34 6.43 -15.72 -3.37
CA GLU C 34 5.09 -16.22 -2.94
C GLU C 34 4.31 -15.06 -2.32
N ILE C 35 4.96 -14.29 -1.50
CA ILE C 35 4.28 -13.14 -0.86
C ILE C 35 3.51 -12.34 -1.92
N SER C 36 4.00 -12.32 -3.13
CA SER C 36 3.31 -11.54 -4.20
C SER C 36 1.91 -12.09 -4.46
N LYS C 37 1.78 -13.32 -4.88
CA LYS C 37 0.43 -13.88 -5.17
C LYS C 37 -0.37 -13.97 -3.86
N GLN C 38 0.30 -14.10 -2.76
CA GLN C 38 -0.43 -14.20 -1.46
C GLN C 38 -1.15 -12.88 -1.20
N LEU C 39 -0.49 -11.76 -1.37
CA LEU C 39 -1.16 -10.45 -1.14
C LEU C 39 -2.35 -10.34 -2.10
N GLY C 40 -2.24 -10.88 -3.27
CA GLY C 40 -3.38 -10.81 -4.23
C GLY C 40 -4.62 -11.41 -3.55
N TYR C 41 -4.44 -12.51 -2.87
CA TYR C 41 -5.58 -13.17 -2.16
C TYR C 41 -6.11 -12.24 -1.05
N GLN C 42 -5.24 -11.54 -0.39
CA GLN C 42 -5.68 -10.63 0.70
C GLN C 42 -6.60 -9.55 0.12
N TRP C 43 -6.35 -9.16 -1.09
CA TRP C 43 -7.18 -8.12 -1.75
C TRP C 43 -8.60 -8.65 -1.94
N LYS C 44 -8.77 -9.83 -2.48
CA LYS C 44 -10.15 -10.34 -2.65
C LYS C 44 -10.76 -10.57 -1.26
N MET C 45 -9.95 -10.43 -0.23
CA MET C 45 -10.45 -10.60 1.17
C MET C 45 -9.67 -9.64 2.08
N LEU C 46 -9.85 -8.36 1.89
CA LEU C 46 -9.10 -7.37 2.71
C LEU C 46 -9.39 -7.58 4.20
N THR C 47 -8.37 -7.59 5.01
CA THR C 47 -8.57 -7.79 6.48
C THR C 47 -8.96 -6.45 7.13
N GLU C 48 -10.02 -6.43 7.90
CA GLU C 48 -10.46 -5.17 8.55
C GLU C 48 -9.41 -4.69 9.56
N ALA C 49 -8.68 -5.60 10.13
CA ALA C 49 -7.63 -5.21 11.13
C ALA C 49 -6.63 -4.25 10.50
N GLU C 50 -6.39 -4.36 9.22
CA GLU C 50 -5.39 -3.47 8.54
C GLU C 50 -6.07 -2.32 7.78
N LYS C 51 -7.33 -2.45 7.46
CA LYS C 51 -8.02 -1.36 6.70
C LYS C 51 -8.21 -0.09 7.55
N TRP C 52 -9.26 -0.07 8.33
CA TRP C 52 -9.56 1.13 9.17
C TRP C 52 -8.29 1.84 9.75
N PRO C 53 -7.43 1.14 10.47
CA PRO C 53 -6.23 1.79 11.05
C PRO C 53 -5.53 2.77 10.08
N PHE C 54 -4.81 2.29 9.10
CA PHE C 54 -4.05 3.22 8.20
C PHE C 54 -4.90 3.85 7.08
N PHE C 55 -6.06 3.34 6.76
CA PHE C 55 -6.86 3.98 5.67
C PHE C 55 -7.22 5.42 6.06
N GLN C 56 -7.59 5.67 7.28
CA GLN C 56 -7.94 7.08 7.67
C GLN C 56 -6.84 8.03 7.19
N GLU C 57 -5.61 7.68 7.43
CA GLU C 57 -4.49 8.56 7.02
C GLU C 57 -4.33 8.57 5.48
N ALA C 58 -4.00 7.44 4.90
CA ALA C 58 -3.79 7.39 3.43
C ALA C 58 -4.91 8.13 2.68
N GLN C 59 -6.02 8.35 3.30
CA GLN C 59 -7.14 9.04 2.60
C GLN C 59 -6.77 10.52 2.34
N LYS C 60 -6.45 11.26 3.37
CA LYS C 60 -6.13 12.70 3.15
C LYS C 60 -4.83 12.84 2.33
N LEU C 61 -3.85 11.98 2.52
CA LEU C 61 -2.60 12.10 1.69
C LEU C 61 -2.99 12.24 0.23
N GLN C 62 -3.90 11.43 -0.23
CA GLN C 62 -4.34 11.52 -1.65
C GLN C 62 -4.93 12.92 -1.91
N ALA C 63 -5.90 13.32 -1.15
CA ALA C 63 -6.54 14.65 -1.36
C ALA C 63 -5.52 15.79 -1.26
N MET C 64 -4.50 15.63 -0.48
CA MET C 64 -3.49 16.71 -0.33
C MET C 64 -2.76 16.98 -1.64
N HIS C 65 -1.85 16.12 -1.99
CA HIS C 65 -1.05 16.33 -3.23
C HIS C 65 -1.96 16.31 -4.48
N ARG C 66 -3.08 15.63 -4.42
CA ARG C 66 -3.97 15.62 -5.63
C ARG C 66 -4.56 17.02 -5.81
N GLU C 67 -4.66 17.79 -4.76
CA GLU C 67 -5.22 19.17 -4.88
C GLU C 67 -4.18 20.08 -5.53
N LYS C 68 -2.92 19.81 -5.34
CA LYS C 68 -1.88 20.69 -5.96
C LYS C 68 -1.57 20.23 -7.40
N TYR C 69 -2.03 19.06 -7.79
CA TYR C 69 -1.78 18.58 -9.20
C TYR C 69 -3.05 17.89 -9.73
N PRO C 70 -4.17 18.60 -9.73
CA PRO C 70 -5.45 18.02 -10.18
C PRO C 70 -5.40 17.55 -11.65
N ASN C 71 -5.73 18.41 -12.57
CA ASN C 71 -5.74 18.01 -14.01
C ASN C 71 -4.36 17.51 -14.46
N TYR C 72 -3.44 17.32 -13.56
CA TYR C 72 -2.09 16.83 -14.00
C TYR C 72 -2.21 15.40 -14.53
N LYS C 73 -1.86 15.20 -15.78
CA LYS C 73 -1.92 13.83 -16.37
C LYS C 73 -0.50 13.30 -16.52
N TYR C 74 -0.30 12.02 -16.38
CA TYR C 74 1.06 11.46 -16.54
C TYR C 74 1.41 11.46 -18.03
N ARG C 75 2.66 11.31 -18.38
CA ARG C 75 3.05 11.29 -19.82
C ARG C 75 4.15 10.25 -20.03
N ASP C 3 9.85 17.43 -13.08
CA ASP C 3 9.26 16.54 -14.13
C ASP C 3 8.15 15.70 -13.51
N ARG C 4 8.52 14.64 -12.84
CA ARG C 4 7.49 13.77 -12.20
C ARG C 4 6.91 14.46 -10.98
N VAL C 5 5.63 14.29 -10.75
CA VAL C 5 4.96 14.95 -9.58
C VAL C 5 5.26 14.15 -8.30
N LYS C 6 4.86 14.64 -7.15
CA LYS C 6 5.14 13.88 -5.91
C LYS C 6 4.27 12.63 -5.93
N ARG C 7 4.59 11.66 -5.10
CA ARG C 7 3.79 10.40 -5.10
C ARG C 7 3.82 9.80 -3.67
N PRO C 8 2.76 9.95 -2.90
CA PRO C 8 2.73 9.40 -1.53
C PRO C 8 2.63 7.87 -1.59
N MET C 9 2.61 7.22 -0.46
CA MET C 9 2.50 5.72 -0.46
C MET C 9 1.12 5.33 -1.01
N ASN C 10 1.04 4.23 -1.70
CA ASN C 10 -0.29 3.81 -2.26
C ASN C 10 -0.99 2.89 -1.26
N ALA C 11 -2.27 3.03 -1.11
CA ALA C 11 -3.01 2.16 -0.15
C ALA C 11 -2.56 0.71 -0.31
N PHE C 12 -2.02 0.37 -1.44
CA PHE C 12 -1.53 -1.02 -1.66
C PHE C 12 -0.17 -1.20 -0.97
N ILE C 13 0.79 -0.38 -1.33
CA ILE C 13 2.13 -0.53 -0.68
C ILE C 13 1.97 -0.27 0.82
N VAL C 14 0.95 0.45 1.23
CA VAL C 14 0.76 0.68 2.70
C VAL C 14 0.73 -0.68 3.38
N TRP C 15 -0.08 -1.60 2.90
CA TRP C 15 -0.11 -2.95 3.53
C TRP C 15 1.33 -3.46 3.60
N SER C 16 2.00 -3.45 2.47
CA SER C 16 3.41 -3.91 2.43
C SER C 16 4.18 -3.40 3.65
N ARG C 17 4.20 -2.11 3.86
CA ARG C 17 4.92 -1.55 5.04
C ARG C 17 4.66 -2.40 6.30
N ASP C 18 3.48 -2.32 6.86
CA ASP C 18 3.18 -3.09 8.11
C ASP C 18 2.97 -4.57 7.81
N GLN C 19 2.12 -4.89 6.87
CA GLN C 19 1.84 -6.31 6.55
C GLN C 19 3.14 -7.07 6.25
N ARG C 20 4.04 -6.48 5.50
CA ARG C 20 5.33 -7.20 5.20
C ARG C 20 6.06 -7.48 6.52
N ARG C 21 6.12 -6.52 7.41
CA ARG C 21 6.83 -6.78 8.69
C ARG C 21 6.30 -8.08 9.30
N LYS C 22 5.02 -8.33 9.17
CA LYS C 22 4.45 -9.59 9.73
C LYS C 22 5.04 -10.79 8.99
N MET C 23 5.01 -10.76 7.68
CA MET C 23 5.56 -11.91 6.90
C MET C 23 7.05 -12.08 7.22
N ALA C 24 7.73 -11.00 7.54
CA ALA C 24 9.19 -11.11 7.82
C ALA C 24 9.41 -11.87 9.15
N LEU C 25 8.48 -11.81 10.06
CA LEU C 25 8.68 -12.53 11.35
C LEU C 25 8.71 -14.04 11.12
N GLU C 26 7.67 -14.58 10.54
CA GLU C 26 7.61 -16.06 10.33
C GLU C 26 8.42 -16.46 9.08
N ASN C 27 8.64 -15.55 8.16
CA ASN C 27 9.41 -15.91 6.93
C ASN C 27 10.40 -14.80 6.54
N PRO C 28 11.32 -14.47 7.41
CA PRO C 28 12.32 -13.42 7.13
C PRO C 28 13.27 -13.87 5.99
N ARG C 29 13.14 -15.08 5.50
CA ARG C 29 14.05 -15.56 4.40
C ARG C 29 13.24 -16.20 3.27
N MET C 30 12.42 -15.45 2.60
CA MET C 30 11.63 -16.04 1.48
C MET C 30 12.51 -16.15 0.24
N ARG C 31 12.54 -17.30 -0.37
CA ARG C 31 13.38 -17.47 -1.59
C ARG C 31 12.69 -16.80 -2.78
N ASN C 32 11.86 -17.54 -3.47
CA ASN C 32 11.14 -16.99 -4.65
C ASN C 32 10.33 -15.75 -4.24
N SER C 33 9.34 -15.37 -5.03
CA SER C 33 8.50 -14.18 -4.70
C SER C 33 7.06 -14.64 -4.44
N GLU C 34 6.82 -15.27 -3.33
CA GLU C 34 5.45 -15.77 -3.01
C GLU C 34 4.65 -14.66 -2.32
N ILE C 35 5.23 -14.05 -1.33
CA ILE C 35 4.53 -12.97 -0.58
C ILE C 35 3.80 -12.01 -1.53
N SER C 36 4.19 -11.96 -2.78
CA SER C 36 3.50 -11.03 -3.72
C SER C 36 2.15 -11.62 -4.12
N LYS C 37 2.16 -12.80 -4.70
CA LYS C 37 0.87 -13.43 -5.12
C LYS C 37 0.02 -13.76 -3.89
N GLN C 38 0.63 -13.99 -2.75
CA GLN C 38 -0.18 -14.30 -1.55
C GLN C 38 -1.00 -13.07 -1.17
N LEU C 39 -0.43 -11.91 -1.23
CA LEU C 39 -1.22 -10.69 -0.91
C LEU C 39 -2.40 -10.65 -1.86
N GLY C 40 -2.24 -11.14 -3.05
CA GLY C 40 -3.37 -11.15 -4.00
C GLY C 40 -4.52 -11.93 -3.37
N TYR C 41 -4.22 -13.08 -2.80
CA TYR C 41 -5.28 -13.89 -2.14
C TYR C 41 -5.96 -13.05 -1.05
N GLN C 42 -5.23 -12.17 -0.40
CA GLN C 42 -5.82 -11.32 0.66
C GLN C 42 -6.76 -10.27 0.03
N TRP C 43 -6.42 -9.79 -1.12
CA TRP C 43 -7.28 -8.76 -1.78
C TRP C 43 -8.64 -9.36 -2.13
N LYS C 44 -8.69 -10.57 -2.60
CA LYS C 44 -10.02 -11.16 -2.90
C LYS C 44 -10.79 -11.33 -1.58
N MET C 45 -10.10 -11.11 -0.49
CA MET C 45 -10.74 -11.21 0.85
C MET C 45 -10.02 -10.21 1.76
N LEU C 46 -10.34 -8.94 1.63
CA LEU C 46 -9.65 -7.91 2.44
C LEU C 46 -10.01 -8.06 3.92
N THR C 47 -9.02 -8.08 4.78
CA THR C 47 -9.28 -8.23 6.24
C THR C 47 -9.61 -6.83 6.81
N GLU C 48 -10.81 -6.65 7.31
CA GLU C 48 -11.21 -5.32 7.86
C GLU C 48 -10.31 -4.91 9.03
N ALA C 49 -9.74 -5.85 9.70
CA ALA C 49 -8.87 -5.50 10.85
C ALA C 49 -7.72 -4.61 10.37
N GLU C 50 -7.40 -4.70 9.11
CA GLU C 50 -6.28 -3.90 8.54
C GLU C 50 -6.81 -2.66 7.80
N LYS C 51 -8.05 -2.68 7.38
CA LYS C 51 -8.60 -1.50 6.62
C LYS C 51 -8.84 -0.30 7.53
N TRP C 52 -9.84 -0.37 8.36
CA TRP C 52 -10.15 0.80 9.23
C TRP C 52 -8.89 1.44 9.89
N PRO C 53 -8.00 0.69 10.53
CA PRO C 53 -6.83 1.31 11.19
C PRO C 53 -6.03 2.29 10.29
N PHE C 54 -5.30 1.80 9.31
CA PHE C 54 -4.44 2.72 8.48
C PHE C 54 -5.19 3.53 7.41
N PHE C 55 -6.40 3.18 7.05
CA PHE C 55 -7.10 4.00 6.00
C PHE C 55 -7.33 5.43 6.51
N GLN C 56 -7.52 5.62 7.79
CA GLN C 56 -7.76 7.00 8.32
C GLN C 56 -6.65 7.94 7.86
N GLU C 57 -5.44 7.61 8.18
CA GLU C 57 -4.31 8.47 7.80
C GLU C 57 -4.18 8.49 6.27
N ALA C 58 -4.41 7.39 5.63
CA ALA C 58 -4.28 7.37 4.15
C ALA C 58 -5.10 8.50 3.52
N GLN C 59 -6.12 8.98 4.19
CA GLN C 59 -6.92 10.09 3.59
C GLN C 59 -6.09 11.36 3.52
N LYS C 60 -5.47 11.74 4.61
CA LYS C 60 -4.66 12.98 4.57
C LYS C 60 -3.52 12.83 3.55
N LEU C 61 -2.68 11.81 3.67
CA LEU C 61 -1.55 11.63 2.68
C LEU C 61 -2.00 11.98 1.25
N GLN C 62 -2.83 11.15 0.68
CA GLN C 62 -3.28 11.36 -0.74
C GLN C 62 -3.93 12.74 -0.92
N ALA C 63 -4.78 13.14 -0.02
CA ALA C 63 -5.46 14.47 -0.18
C ALA C 63 -4.44 15.62 -0.26
N MET C 64 -3.43 15.62 0.56
CA MET C 64 -2.45 16.76 0.53
C MET C 64 -1.71 16.83 -0.82
N HIS C 65 -0.89 15.87 -1.10
CA HIS C 65 -0.07 15.90 -2.37
C HIS C 65 -0.96 16.04 -3.62
N ARG C 66 -1.96 15.22 -3.76
CA ARG C 66 -2.81 15.29 -4.99
C ARG C 66 -3.48 16.67 -5.09
N GLU C 67 -3.64 17.36 -4.01
CA GLU C 67 -4.30 18.70 -4.08
C GLU C 67 -3.29 19.73 -4.61
N LYS C 68 -2.02 19.48 -4.45
CA LYS C 68 -1.00 20.46 -4.93
C LYS C 68 -0.74 20.28 -6.43
N TYR C 69 -1.37 19.32 -7.07
CA TYR C 69 -1.14 19.11 -8.55
C TYR C 69 -2.49 18.87 -9.27
N PRO C 70 -3.36 19.86 -9.22
CA PRO C 70 -4.71 19.76 -9.84
C PRO C 70 -4.68 19.25 -11.30
N ASN C 71 -4.11 20.01 -12.20
CA ASN C 71 -4.13 19.61 -13.65
C ASN C 71 -2.83 18.95 -14.10
N TYR C 72 -1.90 18.66 -13.22
CA TYR C 72 -0.64 18.02 -13.70
C TYR C 72 -0.94 16.58 -14.15
N LYS C 73 -0.70 16.26 -15.40
CA LYS C 73 -0.96 14.87 -15.89
C LYS C 73 0.36 14.18 -16.23
N TYR C 74 0.42 12.88 -16.10
CA TYR C 74 1.68 12.16 -16.44
C TYR C 74 2.06 12.54 -17.87
N ARG C 75 3.35 12.65 -18.15
CA ARG C 75 3.80 13.02 -19.54
C ARG C 75 4.75 11.95 -20.06
N ASP C 3 9.91 17.36 -14.02
CA ASP C 3 9.67 16.10 -14.78
C ASP C 3 8.54 15.31 -14.10
N ARG C 4 8.84 14.15 -13.57
CA ARG C 4 7.77 13.35 -12.90
C ARG C 4 7.43 13.98 -11.55
N VAL C 5 6.18 13.97 -11.19
CA VAL C 5 5.76 14.58 -9.90
C VAL C 5 6.01 13.61 -8.75
N LYS C 6 6.10 14.11 -7.54
CA LYS C 6 6.35 13.23 -6.37
C LYS C 6 5.01 12.62 -5.92
N ARG C 7 5.06 11.46 -5.29
CA ARG C 7 3.80 10.82 -4.80
C ARG C 7 4.10 10.00 -3.53
N PRO C 8 3.22 10.01 -2.54
CA PRO C 8 3.44 9.25 -1.29
C PRO C 8 3.35 7.74 -1.58
N MET C 9 3.37 6.94 -0.54
CA MET C 9 3.25 5.47 -0.73
C MET C 9 1.85 5.15 -1.24
N ASN C 10 1.68 4.07 -1.95
CA ASN C 10 0.31 3.71 -2.44
C ASN C 10 -0.39 2.87 -1.37
N ALA C 11 -1.68 3.03 -1.23
CA ALA C 11 -2.42 2.26 -0.20
C ALA C 11 -1.98 0.78 -0.24
N PHE C 12 -1.52 0.33 -1.36
CA PHE C 12 -1.08 -1.09 -1.46
C PHE C 12 0.28 -1.26 -0.76
N ILE C 13 1.23 -0.41 -1.08
CA ILE C 13 2.55 -0.55 -0.42
C ILE C 13 2.39 -0.32 1.08
N VAL C 14 1.33 0.35 1.50
CA VAL C 14 1.15 0.54 2.96
C VAL C 14 1.17 -0.83 3.62
N TRP C 15 0.38 -1.75 3.13
CA TRP C 15 0.40 -3.13 3.70
C TRP C 15 1.84 -3.63 3.68
N SER C 16 2.47 -3.57 2.54
CA SER C 16 3.87 -4.05 2.43
C SER C 16 4.69 -3.61 3.64
N ARG C 17 4.84 -2.33 3.85
CA ARG C 17 5.64 -1.84 5.01
C ARG C 17 5.37 -2.68 6.26
N ASP C 18 4.22 -2.53 6.85
CA ASP C 18 3.90 -3.29 8.10
C ASP C 18 3.58 -4.76 7.78
N GLN C 19 2.67 -5.01 6.89
CA GLN C 19 2.29 -6.42 6.58
C GLN C 19 3.53 -7.25 6.24
N ARG C 20 4.43 -6.73 5.45
CA ARG C 20 5.64 -7.52 5.08
C ARG C 20 6.44 -7.87 6.34
N ARG C 21 6.68 -6.91 7.20
CA ARG C 21 7.45 -7.22 8.42
C ARG C 21 6.84 -8.43 9.13
N LYS C 22 5.54 -8.59 9.05
CA LYS C 22 4.93 -9.78 9.70
C LYS C 22 5.44 -11.03 8.98
N MET C 23 5.36 -11.01 7.68
CA MET C 23 5.86 -12.17 6.89
C MET C 23 7.36 -12.32 7.12
N ALA C 24 8.03 -11.26 7.48
CA ALA C 24 9.50 -11.34 7.70
C ALA C 24 9.80 -12.12 8.98
N LEU C 25 8.94 -12.08 9.95
CA LEU C 25 9.20 -12.81 11.22
C LEU C 25 9.21 -14.34 10.98
N GLU C 26 8.10 -14.87 10.52
CA GLU C 26 8.03 -16.35 10.29
C GLU C 26 8.63 -16.72 8.92
N ASN C 27 8.78 -15.77 8.03
CA ASN C 27 9.33 -16.09 6.68
C ASN C 27 10.34 -15.01 6.23
N PRO C 28 11.38 -14.81 7.01
CA PRO C 28 12.42 -13.78 6.70
C PRO C 28 12.92 -13.87 5.25
N ARG C 29 13.55 -14.96 4.85
CA ARG C 29 14.10 -15.04 3.45
C ARG C 29 13.20 -15.90 2.55
N MET C 30 12.21 -15.32 1.94
CA MET C 30 11.34 -16.09 1.01
C MET C 30 12.06 -16.18 -0.35
N ARG C 31 12.23 -17.36 -0.87
CA ARG C 31 12.93 -17.46 -2.19
C ARG C 31 11.97 -17.02 -3.31
N ASN C 32 11.25 -17.93 -3.88
CA ASN C 32 10.30 -17.53 -4.98
C ASN C 32 9.46 -16.34 -4.50
N SER C 33 8.97 -15.54 -5.41
CA SER C 33 8.16 -14.37 -5.00
C SER C 33 6.73 -14.80 -4.68
N GLU C 34 6.54 -15.51 -3.59
CA GLU C 34 5.16 -15.96 -3.22
C GLU C 34 4.46 -14.84 -2.46
N ILE C 35 5.15 -14.20 -1.54
CA ILE C 35 4.52 -13.10 -0.76
C ILE C 35 3.73 -12.19 -1.69
N SER C 36 4.01 -12.25 -2.97
CA SER C 36 3.26 -11.39 -3.94
C SER C 36 1.86 -11.99 -4.18
N LYS C 37 1.80 -13.18 -4.72
CA LYS C 37 0.47 -13.81 -4.98
C LYS C 37 -0.24 -14.09 -3.65
N GLN C 38 0.50 -14.23 -2.58
CA GLN C 38 -0.15 -14.51 -1.27
C GLN C 38 -1.01 -13.31 -0.89
N LEU C 39 -0.49 -12.13 -0.96
CA LEU C 39 -1.30 -10.95 -0.60
C LEU C 39 -2.51 -10.90 -1.53
N GLY C 40 -2.38 -11.38 -2.73
CA GLY C 40 -3.54 -11.38 -3.66
C GLY C 40 -4.69 -12.13 -2.98
N TYR C 41 -4.38 -13.23 -2.33
CA TYR C 41 -5.46 -14.00 -1.63
C TYR C 41 -6.11 -13.10 -0.58
N GLN C 42 -5.34 -12.29 0.10
CA GLN C 42 -5.93 -11.39 1.14
C GLN C 42 -6.87 -10.39 0.44
N TRP C 43 -6.54 -10.01 -0.76
CA TRP C 43 -7.40 -9.04 -1.51
C TRP C 43 -8.76 -9.69 -1.80
N LYS C 44 -8.79 -10.95 -2.12
CA LYS C 44 -10.11 -11.61 -2.36
C LYS C 44 -10.84 -11.71 -1.02
N MET C 45 -10.14 -11.46 0.05
CA MET C 45 -10.75 -11.51 1.42
C MET C 45 -10.06 -10.45 2.27
N LEU C 46 -10.33 -9.20 2.01
CA LEU C 46 -9.66 -8.10 2.75
C LEU C 46 -10.01 -8.15 4.25
N THR C 47 -9.04 -7.96 5.09
CA THR C 47 -9.27 -7.97 6.55
C THR C 47 -9.71 -6.56 7.01
N GLU C 48 -10.96 -6.38 7.32
CA GLU C 48 -11.44 -5.03 7.76
C GLU C 48 -10.64 -4.54 8.96
N ALA C 49 -10.14 -5.44 9.76
CA ALA C 49 -9.35 -5.02 10.95
C ALA C 49 -8.15 -4.19 10.51
N GLU C 50 -7.70 -4.39 9.31
CA GLU C 50 -6.51 -3.64 8.80
C GLU C 50 -6.95 -2.46 7.92
N LYS C 51 -8.12 -2.52 7.33
CA LYS C 51 -8.58 -1.42 6.43
C LYS C 51 -8.84 -0.13 7.21
N TRP C 52 -9.95 -0.07 7.88
CA TRP C 52 -10.32 1.17 8.65
C TRP C 52 -9.09 1.89 9.26
N PRO C 53 -8.30 1.25 10.10
CA PRO C 53 -7.13 1.90 10.73
C PRO C 53 -6.36 2.85 9.78
N PHE C 54 -5.53 2.34 8.90
CA PHE C 54 -4.70 3.26 8.04
C PHE C 54 -5.46 3.85 6.84
N PHE C 55 -6.61 3.34 6.49
CA PHE C 55 -7.32 3.95 5.32
C PHE C 55 -7.78 5.38 5.66
N GLN C 56 -8.18 5.62 6.88
CA GLN C 56 -8.62 7.00 7.24
C GLN C 56 -7.56 8.03 6.80
N GLU C 57 -6.34 7.81 7.18
CA GLU C 57 -5.27 8.76 6.80
C GLU C 57 -5.12 8.79 5.28
N ALA C 58 -5.02 7.65 4.65
CA ALA C 58 -4.87 7.61 3.17
C ALA C 58 -5.84 8.59 2.50
N GLN C 59 -6.89 8.95 3.19
CA GLN C 59 -7.87 9.91 2.59
C GLN C 59 -7.22 11.30 2.44
N LYS C 60 -6.73 11.85 3.51
CA LYS C 60 -6.11 13.21 3.43
C LYS C 60 -4.88 13.20 2.51
N LEU C 61 -4.05 12.18 2.58
CA LEU C 61 -2.85 12.16 1.66
C LEU C 61 -3.29 12.49 0.23
N GLN C 62 -4.20 11.74 -0.29
CA GLN C 62 -4.68 11.99 -1.68
C GLN C 62 -5.32 13.37 -1.79
N ALA C 63 -6.00 13.80 -0.76
CA ALA C 63 -6.66 15.14 -0.83
C ALA C 63 -5.66 16.27 -1.11
N MET C 64 -4.63 16.37 -0.33
CA MET C 64 -3.63 17.47 -0.52
C MET C 64 -2.87 17.34 -1.85
N HIS C 65 -2.09 16.30 -2.00
CA HIS C 65 -1.26 16.14 -3.24
C HIS C 65 -2.13 16.09 -4.50
N ARG C 66 -3.22 15.38 -4.49
CA ARG C 66 -4.06 15.29 -5.72
C ARG C 66 -4.59 16.69 -6.09
N GLU C 67 -4.81 17.54 -5.13
CA GLU C 67 -5.34 18.90 -5.44
C GLU C 67 -4.24 19.78 -6.02
N LYS C 68 -2.99 19.44 -5.79
CA LYS C 68 -1.88 20.29 -6.32
C LYS C 68 -1.54 19.87 -7.76
N TYR C 69 -2.02 18.73 -8.20
CA TYR C 69 -1.75 18.28 -9.60
C TYR C 69 -3.04 17.70 -10.23
N PRO C 70 -4.07 18.52 -10.30
CA PRO C 70 -5.37 18.07 -10.85
C PRO C 70 -5.24 17.50 -12.27
N ASN C 71 -5.16 18.35 -13.26
CA ASN C 71 -5.10 17.86 -14.67
C ASN C 71 -3.70 17.34 -15.04
N TYR C 72 -2.81 17.18 -14.11
CA TYR C 72 -1.46 16.68 -14.50
C TYR C 72 -1.57 15.21 -14.93
N LYS C 73 -1.20 14.91 -16.16
CA LYS C 73 -1.27 13.49 -16.65
C LYS C 73 0.15 12.93 -16.74
N TYR C 74 0.32 11.66 -16.48
CA TYR C 74 1.68 11.06 -16.56
C TYR C 74 2.19 11.16 -18.00
N ARG C 75 3.45 10.91 -18.22
CA ARG C 75 4.01 10.99 -19.60
C ARG C 75 4.99 9.83 -19.81
N ASP C 3 9.27 17.61 -14.21
CA ASP C 3 8.86 16.51 -15.13
C ASP C 3 8.04 15.48 -14.35
N ARG C 4 8.70 14.52 -13.76
CA ARG C 4 7.95 13.49 -12.99
C ARG C 4 7.47 14.09 -11.66
N VAL C 5 6.22 13.90 -11.32
CA VAL C 5 5.69 14.45 -10.04
C VAL C 5 6.01 13.48 -8.91
N LYS C 6 6.26 13.96 -7.72
CA LYS C 6 6.56 13.02 -6.60
C LYS C 6 5.26 12.39 -6.11
N ARG C 7 5.33 11.26 -5.45
CA ARG C 7 4.08 10.60 -4.95
C ARG C 7 4.38 9.79 -3.67
N PRO C 8 3.49 9.80 -2.69
CA PRO C 8 3.70 9.04 -1.45
C PRO C 8 3.53 7.54 -1.75
N MET C 9 3.52 6.72 -0.74
CA MET C 9 3.33 5.26 -0.97
C MET C 9 1.90 5.02 -1.48
N ASN C 10 1.66 3.92 -2.14
CA ASN C 10 0.28 3.65 -2.66
C ASN C 10 -0.49 2.84 -1.61
N ALA C 11 -1.79 2.97 -1.58
CA ALA C 11 -2.59 2.20 -0.59
C ALA C 11 -2.15 0.74 -0.62
N PHE C 12 -1.61 0.30 -1.72
CA PHE C 12 -1.14 -1.10 -1.82
C PHE C 12 0.21 -1.22 -1.10
N ILE C 13 1.15 -0.38 -1.45
CA ILE C 13 2.47 -0.48 -0.77
C ILE C 13 2.29 -0.18 0.71
N VAL C 14 1.23 0.49 1.09
CA VAL C 14 1.03 0.74 2.54
C VAL C 14 0.99 -0.64 3.22
N TRP C 15 0.28 -1.57 2.64
CA TRP C 15 0.26 -2.94 3.22
C TRP C 15 1.71 -3.42 3.31
N SER C 16 2.40 -3.44 2.20
CA SER C 16 3.83 -3.90 2.21
C SER C 16 4.54 -3.36 3.45
N ARG C 17 4.55 -2.07 3.64
CA ARG C 17 5.23 -1.50 4.85
C ARG C 17 4.96 -2.36 6.10
N ASP C 18 3.77 -2.26 6.64
CA ASP C 18 3.43 -3.05 7.87
C ASP C 18 3.17 -4.52 7.52
N GLN C 19 2.36 -4.77 6.53
CA GLN C 19 2.02 -6.18 6.15
C GLN C 19 3.31 -7.00 5.96
N ARG C 20 4.28 -6.48 5.27
CA ARG C 20 5.54 -7.26 5.07
C ARG C 20 6.15 -7.55 6.43
N ARG C 21 6.24 -6.56 7.29
CA ARG C 21 6.85 -6.80 8.62
C ARG C 21 6.16 -8.02 9.26
N LYS C 22 4.90 -8.21 8.99
CA LYS C 22 4.17 -9.38 9.56
C LYS C 22 4.75 -10.66 8.99
N MET C 23 4.73 -10.79 7.70
CA MET C 23 5.28 -12.01 7.06
C MET C 23 6.77 -12.11 7.41
N ALA C 24 7.37 -11.01 7.77
CA ALA C 24 8.82 -11.03 8.13
C ALA C 24 9.05 -11.68 9.51
N LEU C 25 8.06 -11.69 10.37
CA LEU C 25 8.27 -12.29 11.72
C LEU C 25 8.53 -13.80 11.61
N GLU C 26 7.55 -14.54 11.18
CA GLU C 26 7.70 -16.02 11.09
C GLU C 26 8.45 -16.44 9.82
N ASN C 27 8.50 -15.60 8.82
CA ASN C 27 9.20 -15.98 7.55
C ASN C 27 10.12 -14.86 7.04
N PRO C 28 11.08 -14.45 7.85
CA PRO C 28 12.03 -13.39 7.47
C PRO C 28 12.87 -13.84 6.25
N ARG C 29 12.73 -15.08 5.83
CA ARG C 29 13.54 -15.57 4.66
C ARG C 29 12.64 -16.38 3.72
N MET C 30 11.85 -15.71 2.91
CA MET C 30 10.96 -16.45 1.96
C MET C 30 11.77 -16.88 0.74
N ARG C 31 11.81 -18.14 0.45
CA ARG C 31 12.57 -18.60 -0.74
C ARG C 31 11.75 -18.27 -2.00
N ASN C 32 12.41 -17.88 -3.05
CA ASN C 32 11.67 -17.52 -4.29
C ASN C 32 10.81 -16.28 -4.02
N SER C 33 9.77 -16.07 -4.80
CA SER C 33 8.87 -14.88 -4.59
C SER C 33 7.48 -15.36 -4.16
N GLU C 34 7.35 -15.78 -2.92
CA GLU C 34 6.03 -16.26 -2.42
C GLU C 34 5.18 -15.10 -1.90
N ILE C 35 5.71 -14.35 -0.97
CA ILE C 35 4.94 -13.20 -0.39
C ILE C 35 4.26 -12.39 -1.51
N SER C 36 4.69 -12.53 -2.73
CA SER C 36 4.05 -11.76 -3.84
C SER C 36 2.71 -12.39 -4.22
N LYS C 37 2.73 -13.59 -4.74
CA LYS C 37 1.45 -14.26 -5.14
C LYS C 37 0.58 -14.48 -3.90
N GLN C 38 1.17 -14.51 -2.74
CA GLN C 38 0.35 -14.71 -1.51
C GLN C 38 -0.51 -13.48 -1.25
N LEU C 39 0.01 -12.31 -1.43
CA LEU C 39 -0.83 -11.10 -1.19
C LEU C 39 -2.03 -11.13 -2.15
N GLY C 40 -1.82 -11.50 -3.38
CA GLY C 40 -2.97 -11.57 -4.32
C GLY C 40 -4.09 -12.40 -3.68
N TYR C 41 -3.72 -13.48 -3.05
CA TYR C 41 -4.74 -14.35 -2.38
C TYR C 41 -5.44 -13.55 -1.27
N GLN C 42 -4.73 -12.69 -0.59
CA GLN C 42 -5.37 -11.87 0.49
C GLN C 42 -6.38 -10.91 -0.12
N TRP C 43 -6.05 -10.33 -1.24
CA TRP C 43 -6.98 -9.37 -1.90
C TRP C 43 -8.33 -10.04 -2.15
N LYS C 44 -8.36 -11.28 -2.51
CA LYS C 44 -9.68 -11.94 -2.73
C LYS C 44 -10.38 -12.10 -1.37
N MET C 45 -9.63 -11.91 -0.30
CA MET C 45 -10.21 -12.02 1.07
C MET C 45 -9.49 -10.99 1.95
N LEU C 46 -9.81 -9.73 1.77
CA LEU C 46 -9.13 -8.64 2.55
C LEU C 46 -9.45 -8.74 4.04
N THR C 47 -8.44 -8.56 4.86
CA THR C 47 -8.65 -8.59 6.33
C THR C 47 -9.08 -7.19 6.81
N GLU C 48 -10.31 -7.04 7.23
CA GLU C 48 -10.79 -5.71 7.70
C GLU C 48 -9.92 -5.20 8.85
N ALA C 49 -9.21 -6.07 9.50
CA ALA C 49 -8.35 -5.64 10.64
C ALA C 49 -7.29 -4.64 10.17
N GLU C 50 -6.82 -4.78 8.97
CA GLU C 50 -5.76 -3.85 8.46
C GLU C 50 -6.37 -2.76 7.56
N LYS C 51 -7.57 -2.95 7.07
CA LYS C 51 -8.15 -1.92 6.16
C LYS C 51 -8.52 -0.64 6.92
N TRP C 52 -9.63 -0.65 7.60
CA TRP C 52 -10.08 0.58 8.34
C TRP C 52 -8.90 1.42 8.92
N PRO C 53 -8.05 0.86 9.75
CA PRO C 53 -6.94 1.64 10.35
C PRO C 53 -6.22 2.59 9.36
N PHE C 54 -5.44 2.07 8.43
CA PHE C 54 -4.66 2.98 7.52
C PHE C 54 -5.49 3.60 6.37
N PHE C 55 -6.66 3.11 6.05
CA PHE C 55 -7.42 3.77 4.93
C PHE C 55 -7.85 5.19 5.36
N GLN C 56 -8.12 5.40 6.61
CA GLN C 56 -8.52 6.76 7.06
C GLN C 56 -7.46 7.78 6.62
N GLU C 57 -6.23 7.53 6.97
CA GLU C 57 -5.13 8.46 6.59
C GLU C 57 -4.95 8.49 5.07
N ALA C 58 -4.86 7.36 4.44
CA ALA C 58 -4.66 7.34 2.96
C ALA C 58 -5.63 8.31 2.27
N GLN C 59 -6.74 8.62 2.90
CA GLN C 59 -7.71 9.55 2.24
C GLN C 59 -7.14 10.97 2.18
N LYS C 60 -6.72 11.52 3.29
CA LYS C 60 -6.18 12.92 3.25
C LYS C 60 -4.91 12.99 2.39
N LEU C 61 -4.10 11.96 2.39
CA LEU C 61 -2.86 12.00 1.55
C LEU C 61 -3.22 12.37 0.11
N GLN C 62 -4.01 11.57 -0.55
CA GLN C 62 -4.38 11.87 -1.97
C GLN C 62 -5.03 13.26 -2.05
N ALA C 63 -5.68 13.69 -1.01
CA ALA C 63 -6.36 15.01 -1.03
C ALA C 63 -5.36 16.17 -1.19
N MET C 64 -4.43 16.30 -0.27
CA MET C 64 -3.46 17.43 -0.33
C MET C 64 -2.55 17.36 -1.57
N HIS C 65 -1.81 16.30 -1.71
CA HIS C 65 -0.86 16.19 -2.86
C HIS C 65 -1.57 16.30 -4.22
N ARG C 66 -2.58 15.51 -4.47
CA ARG C 66 -3.26 15.60 -5.80
C ARG C 66 -3.81 17.02 -6.01
N GLU C 67 -4.11 17.72 -4.95
CA GLU C 67 -4.66 19.09 -5.09
C GLU C 67 -3.55 20.07 -5.45
N LYS C 68 -2.31 19.71 -5.19
CA LYS C 68 -1.19 20.64 -5.50
C LYS C 68 -0.73 20.49 -6.95
N TYR C 69 -1.39 19.67 -7.72
CA TYR C 69 -1.00 19.46 -9.16
C TYR C 69 -2.25 19.54 -10.06
N PRO C 70 -3.00 20.62 -9.94
CA PRO C 70 -4.25 20.78 -10.70
C PRO C 70 -4.11 20.25 -12.14
N ASN C 71 -3.62 21.03 -13.06
CA ASN C 71 -3.50 20.55 -14.47
C ASN C 71 -2.18 19.83 -14.68
N TYR C 72 -1.31 19.84 -13.72
CA TYR C 72 0.00 19.14 -13.89
C TYR C 72 -0.19 17.64 -13.72
N LYS C 73 -0.30 16.91 -14.81
CA LYS C 73 -0.48 15.42 -14.71
C LYS C 73 0.78 14.72 -15.17
N TYR C 74 0.80 13.41 -15.11
CA TYR C 74 2.01 12.65 -15.56
C TYR C 74 2.49 13.19 -16.90
N ARG C 75 3.77 13.40 -17.05
CA ARG C 75 4.32 13.93 -18.33
C ARG C 75 5.64 13.22 -18.63
N ASP C 3 11.62 17.20 -13.20
CA ASP C 3 11.08 16.01 -13.89
C ASP C 3 9.73 15.63 -13.28
N ARG C 4 9.67 14.54 -12.56
CA ARG C 4 8.39 14.12 -11.92
C ARG C 4 8.09 14.98 -10.69
N VAL C 5 6.84 15.29 -10.48
CA VAL C 5 6.46 16.09 -9.29
C VAL C 5 6.40 15.14 -8.09
N LYS C 6 6.03 15.62 -6.93
CA LYS C 6 6.00 14.73 -5.73
C LYS C 6 4.73 13.87 -5.72
N ARG C 7 4.78 12.71 -5.10
CA ARG C 7 3.59 11.82 -5.03
C ARG C 7 3.66 10.97 -3.73
N PRO C 8 2.56 10.84 -2.99
CA PRO C 8 2.57 10.03 -1.74
C PRO C 8 2.69 8.53 -2.06
N MET C 9 2.86 7.71 -1.06
CA MET C 9 2.96 6.24 -1.29
C MET C 9 1.62 5.72 -1.83
N ASN C 10 1.59 4.50 -2.31
CA ASN C 10 0.32 3.93 -2.85
C ASN C 10 -0.38 3.10 -1.76
N ALA C 11 -1.67 3.14 -1.69
CA ALA C 11 -2.40 2.36 -0.65
C ALA C 11 -1.93 0.90 -0.70
N PHE C 12 -1.41 0.48 -1.82
CA PHE C 12 -0.91 -0.93 -1.94
C PHE C 12 0.43 -1.04 -1.22
N ILE C 13 1.34 -0.14 -1.51
CA ILE C 13 2.66 -0.18 -0.84
C ILE C 13 2.50 0.11 0.66
N VAL C 14 1.41 0.69 1.07
CA VAL C 14 1.21 0.92 2.53
C VAL C 14 1.17 -0.45 3.21
N TRP C 15 0.41 -1.37 2.65
CA TRP C 15 0.33 -2.73 3.23
C TRP C 15 1.75 -3.28 3.34
N SER C 16 2.52 -3.18 2.29
CA SER C 16 3.92 -3.71 2.33
C SER C 16 4.58 -3.28 3.64
N ARG C 17 4.54 -2.02 3.95
CA ARG C 17 5.17 -1.55 5.21
C ARG C 17 4.78 -2.48 6.38
N ASP C 18 3.55 -2.38 6.84
CA ASP C 18 3.12 -3.23 8.00
C ASP C 18 2.84 -4.67 7.57
N GLN C 19 2.11 -4.86 6.52
CA GLN C 19 1.77 -6.25 6.10
C GLN C 19 3.04 -7.10 5.93
N ARG C 20 4.05 -6.58 5.28
CA ARG C 20 5.30 -7.41 5.12
C ARG C 20 5.88 -7.74 6.50
N ARG C 21 5.89 -6.78 7.39
CA ARG C 21 6.46 -7.05 8.74
C ARG C 21 5.82 -8.32 9.30
N LYS C 22 4.58 -8.57 8.95
CA LYS C 22 3.91 -9.81 9.47
C LYS C 22 4.62 -11.04 8.94
N MET C 23 4.74 -11.17 7.65
CA MET C 23 5.44 -12.36 7.10
C MET C 23 6.89 -12.38 7.58
N ALA C 24 7.45 -11.23 7.86
CA ALA C 24 8.86 -11.20 8.34
C ALA C 24 8.94 -11.73 9.78
N LEU C 25 7.81 -11.89 10.43
CA LEU C 25 7.84 -12.40 11.85
C LEU C 25 8.48 -13.79 11.92
N GLU C 26 7.68 -14.82 11.84
CA GLU C 26 8.20 -16.21 11.94
C GLU C 26 8.61 -16.77 10.56
N ASN C 27 8.47 -16.01 9.50
CA ASN C 27 8.85 -16.53 8.14
C ASN C 27 9.87 -15.63 7.41
N PRO C 28 10.87 -15.14 8.11
CA PRO C 28 11.92 -14.29 7.48
C PRO C 28 12.75 -15.14 6.51
N ARG C 29 12.46 -16.42 6.41
CA ARG C 29 13.24 -17.31 5.49
C ARG C 29 12.43 -17.63 4.23
N MET C 30 12.01 -16.62 3.51
CA MET C 30 11.24 -16.89 2.25
C MET C 30 12.23 -17.26 1.15
N ARG C 31 11.94 -18.29 0.40
CA ARG C 31 12.87 -18.70 -0.68
C ARG C 31 12.73 -17.77 -1.88
N ASN C 32 12.09 -18.22 -2.94
CA ASN C 32 11.93 -17.37 -4.14
C ASN C 32 11.07 -16.14 -3.80
N SER C 33 9.99 -15.94 -4.52
CA SER C 33 9.11 -14.76 -4.26
C SER C 33 7.70 -15.25 -3.89
N GLU C 34 7.52 -15.70 -2.67
CA GLU C 34 6.18 -16.20 -2.24
C GLU C 34 5.33 -15.06 -1.69
N ILE C 35 5.84 -14.32 -0.74
CA ILE C 35 5.05 -13.21 -0.14
C ILE C 35 4.34 -12.39 -1.23
N SER C 36 4.78 -12.53 -2.46
CA SER C 36 4.11 -11.75 -3.56
C SER C 36 2.75 -12.40 -3.90
N LYS C 37 2.77 -13.63 -4.35
CA LYS C 37 1.48 -14.30 -4.70
C LYS C 37 0.61 -14.43 -3.45
N GLN C 38 1.19 -14.40 -2.29
CA GLN C 38 0.39 -14.53 -1.05
C GLN C 38 -0.50 -13.29 -0.88
N LEU C 39 0.03 -12.12 -1.07
CA LEU C 39 -0.82 -10.90 -0.92
C LEU C 39 -1.99 -11.01 -1.91
N GLY C 40 -1.74 -11.55 -3.07
CA GLY C 40 -2.85 -11.68 -4.05
C GLY C 40 -4.02 -12.40 -3.37
N TYR C 41 -3.74 -13.42 -2.61
CA TYR C 41 -4.82 -14.15 -1.90
C TYR C 41 -5.52 -13.20 -0.92
N GLN C 42 -4.78 -12.30 -0.31
CA GLN C 42 -5.42 -11.34 0.65
C GLN C 42 -6.36 -10.41 -0.13
N TRP C 43 -6.05 -10.14 -1.36
CA TRP C 43 -6.89 -9.24 -2.19
C TRP C 43 -8.23 -9.92 -2.50
N LYS C 44 -8.22 -11.18 -2.85
CA LYS C 44 -9.53 -11.85 -3.13
C LYS C 44 -10.31 -11.94 -1.82
N MET C 45 -9.64 -11.65 -0.73
CA MET C 45 -10.28 -11.66 0.62
C MET C 45 -9.68 -10.51 1.41
N LEU C 46 -9.96 -9.30 1.00
CA LEU C 46 -9.37 -8.13 1.69
C LEU C 46 -9.76 -8.12 3.16
N THR C 47 -8.79 -8.02 4.02
CA THR C 47 -9.06 -8.00 5.47
C THR C 47 -9.41 -6.57 5.90
N GLU C 48 -10.57 -6.38 6.47
CA GLU C 48 -10.98 -5.01 6.90
C GLU C 48 -10.05 -4.54 8.03
N ALA C 49 -9.52 -5.45 8.79
CA ALA C 49 -8.61 -5.07 9.90
C ALA C 49 -7.44 -4.26 9.35
N GLU C 50 -7.32 -4.20 8.04
CA GLU C 50 -6.19 -3.46 7.39
C GLU C 50 -6.73 -2.20 6.69
N LYS C 51 -7.90 -2.25 6.11
CA LYS C 51 -8.43 -1.06 5.38
C LYS C 51 -8.74 0.10 6.34
N TRP C 52 -9.84 0.00 7.04
CA TRP C 52 -10.24 1.10 7.97
C TRP C 52 -9.04 1.74 8.74
N PRO C 53 -8.22 0.96 9.43
CA PRO C 53 -7.08 1.55 10.18
C PRO C 53 -6.27 2.62 9.39
N PHE C 54 -5.39 2.22 8.50
CA PHE C 54 -4.54 3.25 7.79
C PHE C 54 -5.27 4.05 6.71
N PHE C 55 -6.46 3.68 6.31
CA PHE C 55 -7.14 4.48 5.25
C PHE C 55 -7.48 5.90 5.77
N GLN C 56 -7.86 6.05 7.00
CA GLN C 56 -8.17 7.43 7.50
C GLN C 56 -7.02 8.37 7.14
N GLU C 57 -5.81 7.95 7.38
CA GLU C 57 -4.64 8.81 7.04
C GLU C 57 -4.48 8.90 5.52
N ALA C 58 -4.22 7.80 4.88
CA ALA C 58 -4.02 7.80 3.40
C ALA C 58 -5.10 8.63 2.70
N GLN C 59 -6.20 8.88 3.35
CA GLN C 59 -7.28 9.68 2.69
C GLN C 59 -6.78 11.12 2.46
N LYS C 60 -6.43 11.82 3.50
CA LYS C 60 -5.97 13.23 3.32
C LYS C 60 -4.64 13.27 2.53
N LEU C 61 -3.69 12.41 2.83
CA LEU C 61 -2.40 12.44 2.07
C LEU C 61 -2.66 12.66 0.57
N GLN C 62 -3.46 11.82 -0.03
CA GLN C 62 -3.75 11.98 -1.47
C GLN C 62 -4.46 13.32 -1.72
N ALA C 63 -5.31 13.72 -0.83
CA ALA C 63 -6.05 15.00 -1.01
C ALA C 63 -5.10 16.19 -1.14
N MET C 64 -4.13 16.31 -0.29
CA MET C 64 -3.19 17.48 -0.36
C MET C 64 -2.40 17.46 -1.67
N HIS C 65 -1.58 16.47 -1.86
CA HIS C 65 -0.71 16.40 -3.07
C HIS C 65 -1.53 16.37 -4.37
N ARG C 66 -2.57 15.58 -4.45
CA ARG C 66 -3.35 15.51 -5.72
C ARG C 66 -4.01 16.87 -6.01
N GLU C 67 -4.45 17.57 -5.00
CA GLU C 67 -5.12 18.87 -5.26
C GLU C 67 -4.08 19.94 -5.66
N LYS C 68 -2.82 19.68 -5.42
CA LYS C 68 -1.78 20.69 -5.80
C LYS C 68 -1.35 20.50 -7.26
N TYR C 69 -1.55 19.33 -7.82
CA TYR C 69 -1.12 19.10 -9.23
C TYR C 69 -2.18 18.27 -10.00
N PRO C 70 -3.40 18.76 -10.05
CA PRO C 70 -4.49 18.06 -10.76
C PRO C 70 -4.18 17.93 -12.26
N ASN C 71 -4.35 18.98 -13.02
CA ASN C 71 -4.11 18.94 -14.49
C ASN C 71 -2.81 18.19 -14.82
N TYR C 72 -1.96 17.96 -13.85
CA TYR C 72 -0.69 17.25 -14.16
C TYR C 72 -0.99 15.80 -14.57
N LYS C 73 -0.64 15.42 -15.78
CA LYS C 73 -0.91 14.02 -16.26
C LYS C 73 0.39 13.24 -16.36
N TYR C 74 0.32 11.93 -16.34
CA TYR C 74 1.55 11.09 -16.46
C TYR C 74 1.95 10.99 -17.92
N ARG C 75 3.12 11.45 -18.26
CA ARG C 75 3.59 11.37 -19.69
C ARG C 75 5.08 11.03 -19.71
N ASP C 3 8.81 17.70 -14.11
CA ASP C 3 8.44 16.55 -14.96
C ASP C 3 7.38 15.69 -14.24
N ARG C 4 7.75 14.51 -13.84
CA ARG C 4 6.76 13.64 -13.13
C ARG C 4 6.56 14.15 -11.70
N VAL C 5 5.36 14.12 -11.21
CA VAL C 5 5.11 14.61 -9.82
C VAL C 5 5.46 13.50 -8.82
N LYS C 6 6.04 13.85 -7.71
CA LYS C 6 6.38 12.81 -6.69
C LYS C 6 5.13 12.47 -5.89
N ARG C 7 5.06 11.31 -5.29
CA ARG C 7 3.85 10.96 -4.49
C ARG C 7 4.25 10.03 -3.33
N PRO C 8 3.56 10.10 -2.20
CA PRO C 8 3.87 9.23 -1.05
C PRO C 8 3.68 7.76 -1.43
N MET C 9 3.69 6.89 -0.45
CA MET C 9 3.49 5.45 -0.72
C MET C 9 2.06 5.21 -1.24
N ASN C 10 1.89 4.35 -2.21
CA ASN C 10 0.52 4.10 -2.72
C ASN C 10 -0.23 3.27 -1.68
N ALA C 11 -1.51 3.46 -1.57
CA ALA C 11 -2.29 2.67 -0.55
C ALA C 11 -1.90 1.19 -0.62
N PHE C 12 -1.38 0.76 -1.74
CA PHE C 12 -0.99 -0.67 -1.87
C PHE C 12 0.35 -0.90 -1.16
N ILE C 13 1.37 -0.16 -1.49
CA ILE C 13 2.67 -0.38 -0.81
C ILE C 13 2.50 -0.06 0.68
N VAL C 14 1.45 0.63 1.06
CA VAL C 14 1.25 0.90 2.50
C VAL C 14 1.17 -0.46 3.21
N TRP C 15 0.36 -1.36 2.68
CA TRP C 15 0.27 -2.70 3.32
C TRP C 15 1.68 -3.26 3.42
N SER C 16 2.43 -3.17 2.37
CA SER C 16 3.83 -3.70 2.39
C SER C 16 4.52 -3.29 3.70
N ARG C 17 4.66 -2.01 3.94
CA ARG C 17 5.33 -1.55 5.19
C ARG C 17 4.85 -2.37 6.40
N ASP C 18 3.61 -2.21 6.79
CA ASP C 18 3.10 -2.95 7.99
C ASP C 18 2.83 -4.43 7.66
N GLN C 19 2.00 -4.69 6.68
CA GLN C 19 1.67 -6.11 6.36
C GLN C 19 2.94 -6.94 6.12
N ARG C 20 3.88 -6.44 5.36
CA ARG C 20 5.11 -7.24 5.12
C ARG C 20 5.82 -7.52 6.44
N ARG C 21 5.87 -6.55 7.31
CA ARG C 21 6.55 -6.77 8.61
C ARG C 21 6.02 -8.06 9.23
N LYS C 22 4.76 -8.35 9.03
CA LYS C 22 4.18 -9.61 9.59
C LYS C 22 4.82 -10.81 8.87
N MET C 23 4.86 -10.77 7.58
CA MET C 23 5.43 -11.91 6.81
C MET C 23 6.90 -12.08 7.17
N ALA C 24 7.59 -11.02 7.49
CA ALA C 24 9.03 -11.13 7.83
C ALA C 24 9.22 -11.78 9.21
N LEU C 25 8.43 -11.42 10.18
CA LEU C 25 8.59 -12.01 11.55
C LEU C 25 8.23 -13.49 11.55
N GLU C 26 7.02 -13.81 11.19
CA GLU C 26 6.59 -15.23 11.21
C GLU C 26 7.02 -15.99 9.95
N ASN C 27 7.35 -15.29 8.87
CA ASN C 27 7.76 -16.02 7.62
C ASN C 27 8.98 -15.38 6.93
N PRO C 28 10.06 -15.14 7.67
CA PRO C 28 11.28 -14.57 7.07
C PRO C 28 11.99 -15.63 6.20
N ARG C 29 11.37 -16.78 6.01
CA ARG C 29 12.03 -17.87 5.22
C ARG C 29 11.29 -18.13 3.90
N MET C 30 11.07 -17.13 3.10
CA MET C 30 10.38 -17.35 1.79
C MET C 30 11.41 -17.84 0.77
N ARG C 31 11.26 -19.06 0.30
CA ARG C 31 12.24 -19.61 -0.67
C ARG C 31 11.92 -19.09 -2.09
N ASN C 32 10.87 -18.33 -2.24
CA ASN C 32 10.54 -17.81 -3.60
C ASN C 32 9.70 -16.52 -3.47
N SER C 33 9.35 -15.93 -4.58
CA SER C 33 8.54 -14.68 -4.54
C SER C 33 7.07 -15.05 -4.33
N GLU C 34 6.78 -15.75 -3.25
CA GLU C 34 5.37 -16.16 -2.98
C GLU C 34 4.62 -14.99 -2.32
N ILE C 35 5.21 -14.40 -1.33
CA ILE C 35 4.56 -13.26 -0.63
C ILE C 35 3.92 -12.31 -1.64
N SER C 36 4.29 -12.40 -2.89
CA SER C 36 3.68 -11.50 -3.92
C SER C 36 2.26 -11.96 -4.23
N LYS C 37 2.11 -13.15 -4.77
CA LYS C 37 0.75 -13.66 -5.10
C LYS C 37 -0.07 -13.84 -3.83
N GLN C 38 0.57 -14.06 -2.71
CA GLN C 38 -0.19 -14.26 -1.44
C GLN C 38 -0.94 -12.97 -1.11
N LEU C 39 -0.31 -11.83 -1.24
CA LEU C 39 -1.04 -10.57 -0.94
C LEU C 39 -2.25 -10.49 -1.88
N GLY C 40 -2.11 -10.96 -3.09
CA GLY C 40 -3.27 -10.92 -4.03
C GLY C 40 -4.48 -11.55 -3.33
N TYR C 41 -4.26 -12.63 -2.63
CA TYR C 41 -5.38 -13.31 -1.91
C TYR C 41 -5.96 -12.38 -0.83
N GLN C 42 -5.12 -11.67 -0.12
CA GLN C 42 -5.63 -10.77 0.95
C GLN C 42 -6.53 -9.70 0.33
N TRP C 43 -6.32 -9.41 -0.92
CA TRP C 43 -7.16 -8.38 -1.61
C TRP C 43 -8.57 -8.94 -1.83
N LYS C 44 -8.69 -10.13 -2.32
CA LYS C 44 -10.05 -10.69 -2.52
C LYS C 44 -10.69 -10.87 -1.14
N MET C 45 -9.92 -10.66 -0.11
CA MET C 45 -10.44 -10.79 1.29
C MET C 45 -9.66 -9.81 2.16
N LEU C 46 -9.93 -8.54 2.02
CA LEU C 46 -9.21 -7.51 2.82
C LEU C 46 -9.50 -7.68 4.31
N THR C 47 -8.49 -7.60 5.13
CA THR C 47 -8.69 -7.74 6.60
C THR C 47 -9.17 -6.40 7.18
N GLU C 48 -10.17 -6.44 8.01
CA GLU C 48 -10.71 -5.18 8.61
C GLU C 48 -9.71 -4.57 9.59
N ALA C 49 -8.98 -5.38 10.31
CA ALA C 49 -8.00 -4.84 11.29
C ALA C 49 -6.96 -3.96 10.59
N GLU C 50 -6.86 -4.08 9.29
CA GLU C 50 -5.85 -3.28 8.52
C GLU C 50 -6.53 -2.18 7.70
N LYS C 51 -7.76 -2.37 7.31
CA LYS C 51 -8.45 -1.35 6.46
C LYS C 51 -8.72 -0.06 7.25
N TRP C 52 -9.65 -0.11 8.17
CA TRP C 52 -10.01 1.12 8.94
C TRP C 52 -8.81 1.91 9.51
N PRO C 53 -7.85 1.29 10.18
CA PRO C 53 -6.72 2.05 10.78
C PRO C 53 -5.97 2.99 9.79
N PHE C 54 -5.20 2.46 8.88
CA PHE C 54 -4.38 3.37 7.99
C PHE C 54 -5.15 3.99 6.82
N PHE C 55 -6.28 3.48 6.41
CA PHE C 55 -6.99 4.17 5.26
C PHE C 55 -7.43 5.56 5.71
N GLN C 56 -7.79 5.72 6.96
CA GLN C 56 -8.23 7.06 7.43
C GLN C 56 -7.17 8.08 7.05
N GLU C 57 -5.96 7.87 7.46
CA GLU C 57 -4.87 8.82 7.13
C GLU C 57 -4.53 8.77 5.63
N ALA C 58 -4.19 7.63 5.11
CA ALA C 58 -3.81 7.55 3.66
C ALA C 58 -4.77 8.36 2.80
N GLN C 59 -5.96 8.58 3.26
CA GLN C 59 -6.93 9.39 2.46
C GLN C 59 -6.45 10.84 2.39
N LYS C 60 -6.09 11.42 3.51
CA LYS C 60 -5.64 12.84 3.48
C LYS C 60 -4.30 12.95 2.72
N LEU C 61 -3.45 11.94 2.81
CA LEU C 61 -2.14 12.01 2.06
C LEU C 61 -2.42 12.44 0.62
N GLN C 62 -3.05 11.59 -0.15
CA GLN C 62 -3.31 11.93 -1.57
C GLN C 62 -4.17 13.20 -1.66
N ALA C 63 -5.03 13.43 -0.71
CA ALA C 63 -5.90 14.65 -0.77
C ALA C 63 -5.04 15.91 -0.95
N MET C 64 -4.10 16.14 -0.07
CA MET C 64 -3.26 17.37 -0.19
C MET C 64 -2.39 17.32 -1.45
N HIS C 65 -1.53 16.35 -1.53
CA HIS C 65 -0.60 16.24 -2.70
C HIS C 65 -1.36 16.18 -4.03
N ARG C 66 -2.34 15.33 -4.14
CA ARG C 66 -3.08 15.25 -5.44
C ARG C 66 -3.80 16.57 -5.72
N GLU C 67 -4.14 17.31 -4.70
CA GLU C 67 -4.85 18.61 -4.92
C GLU C 67 -3.85 19.69 -5.36
N LYS C 68 -2.58 19.43 -5.26
CA LYS C 68 -1.57 20.46 -5.67
C LYS C 68 -1.34 20.40 -7.19
N TYR C 69 -1.88 19.41 -7.86
CA TYR C 69 -1.70 19.29 -9.34
C TYR C 69 -3.06 19.00 -10.01
N PRO C 70 -4.01 19.88 -9.80
CA PRO C 70 -5.37 19.70 -10.34
C PRO C 70 -5.37 19.08 -11.74
N ASN C 71 -4.92 19.81 -12.74
CA ASN C 71 -4.92 19.25 -14.13
C ASN C 71 -3.52 18.82 -14.56
N TYR C 72 -2.51 19.13 -13.81
CA TYR C 72 -1.14 18.72 -14.22
C TYR C 72 -0.93 17.24 -13.90
N LYS C 73 -1.53 16.35 -14.65
CA LYS C 73 -1.37 14.88 -14.37
C LYS C 73 -0.47 14.26 -15.46
N TYR C 74 -0.29 12.96 -15.42
CA TYR C 74 0.57 12.28 -16.43
C TYR C 74 0.24 12.79 -17.84
N ARG C 75 1.00 12.36 -18.82
CA ARG C 75 0.73 12.80 -20.23
C ARG C 75 0.86 11.59 -21.18
N ASP C 3 10.24 17.80 -13.15
CA ASP C 3 9.74 16.70 -14.01
C ASP C 3 8.87 15.75 -13.17
N ARG C 4 9.48 14.87 -12.44
CA ARG C 4 8.70 13.92 -11.61
C ARG C 4 8.17 14.63 -10.37
N VAL C 5 6.89 14.51 -10.10
CA VAL C 5 6.31 15.18 -8.90
C VAL C 5 6.51 14.28 -7.67
N LYS C 6 6.41 14.83 -6.50
CA LYS C 6 6.60 14.01 -5.27
C LYS C 6 5.33 13.21 -5.01
N ARG C 7 5.43 12.06 -4.40
CA ARG C 7 4.21 11.24 -4.13
C ARG C 7 4.42 10.37 -2.87
N PRO C 8 3.44 10.30 -1.97
CA PRO C 8 3.56 9.46 -0.76
C PRO C 8 3.45 7.98 -1.16
N MET C 9 3.41 7.11 -0.19
CA MET C 9 3.28 5.65 -0.51
C MET C 9 1.89 5.38 -1.09
N ASN C 10 1.74 4.30 -1.83
CA ASN C 10 0.39 3.99 -2.41
C ASN C 10 -0.35 3.05 -1.45
N ALA C 11 -1.64 3.16 -1.38
CA ALA C 11 -2.44 2.29 -0.45
C ALA C 11 -1.94 0.85 -0.52
N PHE C 12 -1.39 0.44 -1.63
CA PHE C 12 -0.90 -0.96 -1.74
C PHE C 12 0.42 -1.11 -0.98
N ILE C 13 1.38 -0.29 -1.30
CA ILE C 13 2.69 -0.41 -0.60
C ILE C 13 2.49 -0.12 0.89
N VAL C 14 1.40 0.49 1.26
CA VAL C 14 1.16 0.73 2.71
C VAL C 14 1.15 -0.64 3.39
N TRP C 15 0.40 -1.56 2.85
CA TRP C 15 0.36 -2.93 3.44
C TRP C 15 1.79 -3.46 3.50
N SER C 16 2.49 -3.40 2.40
CA SER C 16 3.90 -3.89 2.37
C SER C 16 4.65 -3.41 3.61
N ARG C 17 4.67 -2.14 3.85
CA ARG C 17 5.38 -1.60 5.04
C ARG C 17 5.11 -2.48 6.28
N ASP C 18 3.93 -2.37 6.84
CA ASP C 18 3.60 -3.19 8.05
C ASP C 18 3.29 -4.64 7.69
N GLN C 19 2.42 -4.86 6.74
CA GLN C 19 2.06 -6.26 6.38
C GLN C 19 3.32 -7.09 6.10
N ARG C 20 4.24 -6.56 5.35
CA ARG C 20 5.49 -7.35 5.06
C ARG C 20 6.22 -7.64 6.37
N ARG C 21 6.29 -6.69 7.27
CA ARG C 21 7.01 -6.95 8.55
C ARG C 21 6.49 -8.25 9.15
N LYS C 22 5.25 -8.58 8.91
CA LYS C 22 4.69 -9.84 9.46
C LYS C 22 5.39 -11.03 8.80
N MET C 23 5.37 -11.08 7.49
CA MET C 23 6.03 -12.21 6.78
C MET C 23 7.54 -12.20 7.06
N ALA C 24 8.10 -11.06 7.32
CA ALA C 24 9.57 -10.99 7.57
C ALA C 24 9.94 -11.65 8.91
N LEU C 25 9.07 -11.60 9.89
CA LEU C 25 9.40 -12.21 11.21
C LEU C 25 9.50 -13.72 11.10
N GLU C 26 8.40 -14.38 10.87
CA GLU C 26 8.41 -15.87 10.81
C GLU C 26 8.91 -16.38 9.45
N ASN C 27 8.90 -15.57 8.41
CA ASN C 27 9.38 -16.07 7.07
C ASN C 27 10.31 -15.05 6.39
N PRO C 28 11.41 -14.74 7.01
CA PRO C 28 12.39 -13.79 6.43
C PRO C 28 13.03 -14.36 5.16
N ARG C 29 12.96 -15.66 4.94
CA ARG C 29 13.61 -16.25 3.73
C ARG C 29 12.66 -17.25 3.06
N MET C 30 11.79 -16.80 2.20
CA MET C 30 10.86 -17.74 1.51
C MET C 30 11.63 -18.46 0.40
N ARG C 31 11.19 -19.63 0.00
CA ARG C 31 11.92 -20.37 -1.06
C ARG C 31 11.59 -19.80 -2.45
N ASN C 32 11.06 -18.60 -2.51
CA ASN C 32 10.72 -18.01 -3.84
C ASN C 32 9.91 -16.72 -3.63
N SER C 33 9.25 -16.23 -4.65
CA SER C 33 8.45 -14.98 -4.52
C SER C 33 6.99 -15.35 -4.21
N GLU C 34 6.75 -15.95 -3.08
CA GLU C 34 5.35 -16.33 -2.70
C GLU C 34 4.66 -15.13 -2.03
N ILE C 35 5.38 -14.37 -1.27
CA ILE C 35 4.78 -13.19 -0.59
C ILE C 35 3.93 -12.38 -1.59
N SER C 36 4.24 -12.45 -2.85
CA SER C 36 3.46 -11.66 -3.85
C SER C 36 2.11 -12.35 -4.08
N LYS C 37 2.12 -13.60 -4.46
CA LYS C 37 0.84 -14.32 -4.72
C LYS C 37 0.04 -14.50 -3.42
N GLN C 38 0.71 -14.62 -2.30
CA GLN C 38 -0.01 -14.82 -1.02
C GLN C 38 -0.87 -13.58 -0.70
N LEU C 39 -0.27 -12.43 -0.67
CA LEU C 39 -1.08 -11.22 -0.38
C LEU C 39 -2.20 -11.10 -1.42
N GLY C 40 -1.99 -11.64 -2.59
CA GLY C 40 -3.07 -11.57 -3.61
C GLY C 40 -4.33 -12.20 -3.01
N TYR C 41 -4.17 -13.30 -2.33
CA TYR C 41 -5.35 -13.96 -1.69
C TYR C 41 -5.98 -13.00 -0.67
N GLN C 42 -5.16 -12.26 0.03
CA GLN C 42 -5.71 -11.30 1.04
C GLN C 42 -6.52 -10.23 0.31
N TRP C 43 -6.16 -9.92 -0.90
CA TRP C 43 -6.91 -8.89 -1.68
C TRP C 43 -8.28 -9.46 -2.08
N LYS C 44 -8.33 -10.71 -2.46
CA LYS C 44 -9.66 -11.30 -2.81
C LYS C 44 -10.48 -11.37 -1.53
N MET C 45 -9.84 -11.11 -0.41
CA MET C 45 -10.53 -11.12 0.91
C MET C 45 -9.85 -10.08 1.80
N LEU C 46 -10.08 -8.82 1.53
CA LEU C 46 -9.41 -7.75 2.33
C LEU C 46 -9.85 -7.80 3.78
N THR C 47 -8.91 -7.63 4.68
CA THR C 47 -9.22 -7.62 6.13
C THR C 47 -9.69 -6.23 6.54
N GLU C 48 -10.87 -6.11 7.09
CA GLU C 48 -11.40 -4.76 7.49
C GLU C 48 -10.62 -4.24 8.70
N ALA C 49 -10.20 -5.10 9.58
CA ALA C 49 -9.43 -4.63 10.77
C ALA C 49 -8.19 -3.88 10.32
N GLU C 50 -7.81 -4.05 9.08
CA GLU C 50 -6.59 -3.37 8.55
C GLU C 50 -6.97 -2.17 7.66
N LYS C 51 -8.09 -2.24 7.00
CA LYS C 51 -8.49 -1.12 6.10
C LYS C 51 -8.78 0.16 6.88
N TRP C 52 -9.83 0.16 7.66
CA TRP C 52 -10.23 1.40 8.41
C TRP C 52 -9.03 2.11 9.11
N PRO C 53 -8.20 1.43 9.88
CA PRO C 53 -7.09 2.12 10.58
C PRO C 53 -6.29 3.09 9.68
N PHE C 54 -5.50 2.61 8.75
CA PHE C 54 -4.62 3.55 7.94
C PHE C 54 -5.30 4.12 6.68
N PHE C 55 -6.39 3.60 6.21
CA PHE C 55 -6.98 4.20 4.96
C PHE C 55 -7.42 5.66 5.22
N GLN C 56 -8.09 5.92 6.30
CA GLN C 56 -8.52 7.33 6.57
C GLN C 56 -7.33 8.27 6.38
N GLU C 57 -6.22 7.94 6.97
CA GLU C 57 -5.01 8.81 6.82
C GLU C 57 -4.50 8.73 5.38
N ALA C 58 -4.11 7.57 4.93
CA ALA C 58 -3.57 7.43 3.56
C ALA C 58 -4.45 8.18 2.55
N GLN C 59 -5.71 8.31 2.82
CA GLN C 59 -6.61 9.03 1.86
C GLN C 59 -6.27 10.52 1.81
N LYS C 60 -6.23 11.19 2.93
CA LYS C 60 -5.93 12.65 2.89
C LYS C 60 -4.53 12.88 2.32
N LEU C 61 -3.55 12.06 2.66
CA LEU C 61 -2.18 12.26 2.07
C LEU C 61 -2.32 12.53 0.57
N GLN C 62 -2.90 11.60 -0.13
CA GLN C 62 -3.06 11.76 -1.61
C GLN C 62 -4.01 12.93 -1.92
N ALA C 63 -5.07 13.07 -1.19
CA ALA C 63 -6.05 14.16 -1.47
C ALA C 63 -5.34 15.54 -1.53
N MET C 64 -4.50 15.84 -0.57
CA MET C 64 -3.83 17.18 -0.58
C MET C 64 -2.89 17.31 -1.79
N HIS C 65 -1.92 16.46 -1.89
CA HIS C 65 -0.96 16.56 -3.03
C HIS C 65 -1.70 16.48 -4.36
N ARG C 66 -2.70 15.65 -4.48
CA ARG C 66 -3.44 15.55 -5.77
C ARG C 66 -4.16 16.88 -6.04
N GLU C 67 -4.50 17.61 -5.00
CA GLU C 67 -5.21 18.91 -5.21
C GLU C 67 -4.22 19.94 -5.76
N LYS C 68 -2.95 19.67 -5.63
CA LYS C 68 -1.92 20.64 -6.14
C LYS C 68 -1.57 20.34 -7.60
N TYR C 69 -2.03 19.24 -8.16
CA TYR C 69 -1.68 18.90 -9.58
C TYR C 69 -2.91 18.41 -10.39
N PRO C 70 -4.04 19.07 -10.24
CA PRO C 70 -5.28 18.69 -10.95
C PRO C 70 -5.04 18.43 -12.45
N ASN C 71 -5.06 19.45 -13.26
CA ASN C 71 -4.88 19.25 -14.73
C ASN C 71 -3.62 18.44 -15.04
N TYR C 72 -2.60 18.55 -14.22
CA TYR C 72 -1.36 17.78 -14.51
C TYR C 72 -1.58 16.30 -14.17
N LYS C 73 -1.65 15.45 -15.17
CA LYS C 73 -1.86 13.99 -14.92
C LYS C 73 -0.77 13.18 -15.63
N TYR C 74 -0.49 12.00 -15.16
CA TYR C 74 0.55 11.16 -15.80
C TYR C 74 0.31 11.12 -17.32
N ARG C 75 1.27 10.66 -18.07
CA ARG C 75 1.10 10.59 -19.56
C ARG C 75 1.75 9.29 -20.07
N ASP C 3 5.76 14.96 -15.48
CA ASP C 3 6.47 13.67 -15.64
C ASP C 3 6.71 13.02 -14.27
N ARG C 4 7.93 12.99 -13.83
CA ARG C 4 8.25 12.35 -12.50
C ARG C 4 7.81 13.28 -11.38
N VAL C 5 6.66 13.03 -10.81
CA VAL C 5 6.18 13.89 -9.69
C VAL C 5 6.63 13.28 -8.36
N LYS C 6 6.79 14.11 -7.35
CA LYS C 6 7.23 13.60 -6.01
C LYS C 6 5.98 13.20 -5.20
N ARG C 7 5.85 11.95 -4.81
CA ARG C 7 4.64 11.54 -4.04
C ARG C 7 4.98 10.33 -3.12
N PRO C 8 4.47 10.30 -1.89
CA PRO C 8 4.71 9.16 -0.97
C PRO C 8 4.32 7.80 -1.62
N MET C 9 4.44 6.72 -0.90
CA MET C 9 4.08 5.39 -1.49
C MET C 9 2.59 5.35 -1.86
N ASN C 10 2.11 4.22 -2.33
CA ASN C 10 0.65 4.09 -2.71
C ASN C 10 -0.08 3.24 -1.65
N ALA C 11 -1.37 3.42 -1.53
CA ALA C 11 -2.15 2.64 -0.52
C ALA C 11 -1.82 1.14 -0.63
N PHE C 12 -1.34 0.72 -1.77
CA PHE C 12 -0.98 -0.72 -1.94
C PHE C 12 0.35 -0.98 -1.22
N ILE C 13 1.36 -0.23 -1.56
CA ILE C 13 2.67 -0.44 -0.88
C ILE C 13 2.48 -0.18 0.61
N VAL C 14 1.45 0.52 1.01
CA VAL C 14 1.25 0.72 2.48
C VAL C 14 1.16 -0.68 3.12
N TRP C 15 0.37 -1.55 2.56
CA TRP C 15 0.27 -2.93 3.12
C TRP C 15 1.68 -3.49 3.25
N SER C 16 2.46 -3.41 2.20
CA SER C 16 3.84 -3.95 2.25
C SER C 16 4.52 -3.51 3.53
N ARG C 17 4.76 -2.24 3.68
CA ARG C 17 5.43 -1.72 4.93
C ARG C 17 5.02 -2.54 6.16
N ASP C 18 3.81 -2.36 6.62
CA ASP C 18 3.35 -3.09 7.84
C ASP C 18 3.07 -4.57 7.59
N GLN C 19 2.19 -4.89 6.67
CA GLN C 19 1.87 -6.34 6.43
C GLN C 19 3.16 -7.13 6.21
N ARG C 20 4.15 -6.54 5.59
CA ARG C 20 5.45 -7.27 5.37
C ARG C 20 6.02 -7.63 6.75
N ARG C 21 5.99 -6.72 7.68
CA ARG C 21 6.54 -7.02 9.03
C ARG C 21 5.91 -8.32 9.54
N LYS C 22 4.63 -8.50 9.34
CA LYS C 22 3.99 -9.76 9.82
C LYS C 22 4.61 -10.95 9.10
N MET C 23 4.58 -10.94 7.81
CA MET C 23 5.14 -12.07 7.02
C MET C 23 6.64 -12.21 7.33
N ALA C 24 7.27 -11.15 7.73
CA ALA C 24 8.73 -11.20 8.03
C ALA C 24 8.99 -11.93 9.36
N LEU C 25 8.21 -11.67 10.37
CA LEU C 25 8.46 -12.36 11.67
C LEU C 25 8.20 -13.86 11.53
N GLU C 26 7.12 -14.23 10.90
CA GLU C 26 6.80 -15.68 10.77
C GLU C 26 7.56 -16.33 9.61
N ASN C 27 7.88 -15.59 8.56
CA ASN C 27 8.62 -16.20 7.40
C ASN C 27 9.84 -15.36 6.99
N PRO C 28 10.72 -15.08 7.93
CA PRO C 28 11.94 -14.30 7.64
C PRO C 28 12.84 -15.09 6.67
N ARG C 29 12.41 -16.26 6.26
CA ARG C 29 13.22 -17.10 5.33
C ARG C 29 12.54 -17.25 3.97
N MET C 30 12.04 -16.19 3.39
CA MET C 30 11.35 -16.32 2.06
C MET C 30 12.38 -16.22 0.92
N ARG C 31 12.67 -17.32 0.25
CA ARG C 31 13.66 -17.27 -0.87
C ARG C 31 12.99 -16.77 -2.16
N ASN C 32 12.25 -17.64 -2.82
CA ASN C 32 11.59 -17.25 -4.09
C ASN C 32 10.70 -16.04 -3.84
N SER C 33 9.68 -15.86 -4.65
CA SER C 33 8.77 -14.67 -4.48
C SER C 33 7.35 -15.15 -4.16
N GLU C 34 7.14 -15.76 -3.01
CA GLU C 34 5.77 -16.22 -2.64
C GLU C 34 5.00 -15.07 -1.99
N ILE C 35 5.59 -14.41 -1.02
CA ILE C 35 4.88 -13.31 -0.31
C ILE C 35 4.22 -12.38 -1.33
N SER C 36 4.64 -12.42 -2.55
CA SER C 36 4.02 -11.53 -3.57
C SER C 36 2.66 -12.08 -4.00
N LYS C 37 2.64 -13.25 -4.58
CA LYS C 37 1.34 -13.83 -5.03
C LYS C 37 0.44 -14.05 -3.83
N GLN C 38 1.02 -14.23 -2.68
CA GLN C 38 0.20 -14.47 -1.47
C GLN C 38 -0.63 -13.22 -1.16
N LEU C 39 -0.05 -12.07 -1.20
CA LEU C 39 -0.86 -10.84 -0.92
C LEU C 39 -2.01 -10.79 -1.93
N GLY C 40 -1.79 -11.24 -3.15
CA GLY C 40 -2.91 -11.22 -4.15
C GLY C 40 -4.13 -11.89 -3.50
N TYR C 41 -3.93 -12.99 -2.83
CA TYR C 41 -5.05 -13.70 -2.15
C TYR C 41 -5.70 -12.77 -1.11
N GLN C 42 -4.92 -11.98 -0.43
CA GLN C 42 -5.51 -11.06 0.59
C GLN C 42 -6.45 -10.08 -0.09
N TRP C 43 -6.12 -9.69 -1.29
CA TRP C 43 -6.98 -8.73 -2.03
C TRP C 43 -8.33 -9.40 -2.34
N LYS C 44 -8.33 -10.65 -2.66
CA LYS C 44 -9.62 -11.35 -2.91
C LYS C 44 -10.34 -11.49 -1.57
N MET C 45 -9.66 -11.16 -0.50
CA MET C 45 -10.26 -11.23 0.86
C MET C 45 -9.60 -10.16 1.73
N LEU C 46 -9.93 -8.92 1.52
CA LEU C 46 -9.30 -7.82 2.31
C LEU C 46 -9.69 -7.89 3.80
N THR C 47 -8.71 -7.85 4.66
CA THR C 47 -8.98 -7.92 6.13
C THR C 47 -9.34 -6.53 6.66
N GLU C 48 -10.55 -6.34 7.09
CA GLU C 48 -10.96 -5.00 7.61
C GLU C 48 -10.02 -4.57 8.74
N ALA C 49 -9.39 -5.51 9.39
CA ALA C 49 -8.47 -5.13 10.49
C ALA C 49 -7.37 -4.22 9.94
N GLU C 50 -7.11 -4.33 8.67
CA GLU C 50 -6.03 -3.49 8.04
C GLU C 50 -6.63 -2.37 7.19
N LYS C 51 -7.88 -2.50 6.77
CA LYS C 51 -8.48 -1.44 5.89
C LYS C 51 -8.73 -0.14 6.65
N TRP C 52 -9.77 -0.08 7.42
CA TRP C 52 -10.11 1.18 8.13
C TRP C 52 -8.86 1.89 8.75
N PRO C 53 -8.02 1.22 9.53
CA PRO C 53 -6.86 1.89 10.13
C PRO C 53 -6.11 2.81 9.14
N PHE C 54 -5.32 2.25 8.25
CA PHE C 54 -4.54 3.12 7.32
C PHE C 54 -5.39 3.74 6.19
N PHE C 55 -6.61 3.31 5.94
CA PHE C 55 -7.40 3.97 4.86
C PHE C 55 -7.76 5.40 5.27
N GLN C 56 -8.09 5.61 6.52
CA GLN C 56 -8.46 6.99 6.95
C GLN C 56 -7.38 7.97 6.49
N GLU C 57 -6.15 7.70 6.82
CA GLU C 57 -5.07 8.61 6.37
C GLU C 57 -5.00 8.57 4.85
N ALA C 58 -5.13 7.42 4.25
CA ALA C 58 -5.06 7.36 2.76
C ALA C 58 -5.94 8.47 2.18
N GLN C 59 -6.89 8.96 2.93
CA GLN C 59 -7.75 10.05 2.42
C GLN C 59 -6.92 11.33 2.32
N LYS C 60 -6.21 11.67 3.36
CA LYS C 60 -5.40 12.92 3.31
C LYS C 60 -4.33 12.82 2.21
N LEU C 61 -3.89 11.62 1.87
CA LEU C 61 -2.86 11.51 0.77
C LEU C 61 -3.48 12.09 -0.50
N GLN C 62 -4.49 11.44 -1.00
CA GLN C 62 -5.13 11.91 -2.26
C GLN C 62 -5.64 13.35 -2.10
N ALA C 63 -6.24 13.66 -0.98
CA ALA C 63 -6.78 15.03 -0.79
C ALA C 63 -5.69 16.10 -1.00
N MET C 64 -4.73 16.17 -0.13
CA MET C 64 -3.69 17.22 -0.29
C MET C 64 -2.85 17.03 -1.56
N HIS C 65 -2.08 15.98 -1.62
CA HIS C 65 -1.19 15.78 -2.80
C HIS C 65 -1.94 15.83 -4.13
N ARG C 66 -2.90 14.98 -4.35
CA ARG C 66 -3.61 15.01 -5.66
C ARG C 66 -4.19 16.42 -5.92
N GLU C 67 -4.46 17.18 -4.90
CA GLU C 67 -5.01 18.56 -5.12
C GLU C 67 -3.89 19.50 -5.59
N LYS C 68 -2.65 19.13 -5.40
CA LYS C 68 -1.52 20.01 -5.82
C LYS C 68 -1.17 19.75 -7.29
N TYR C 69 -1.92 18.93 -7.96
CA TYR C 69 -1.61 18.60 -9.39
C TYR C 69 -2.90 18.69 -10.23
N PRO C 70 -3.61 19.80 -10.12
CA PRO C 70 -4.87 19.98 -10.85
C PRO C 70 -4.73 19.58 -12.31
N ASN C 71 -4.06 20.38 -13.11
CA ASN C 71 -3.91 20.06 -14.55
C ASN C 71 -2.62 19.28 -14.83
N TYR C 72 -1.79 19.09 -13.84
CA TYR C 72 -0.54 18.34 -14.12
C TYR C 72 -0.87 16.84 -14.23
N LYS C 73 -0.75 16.28 -15.42
CA LYS C 73 -1.06 14.83 -15.62
C LYS C 73 0.23 14.08 -15.99
N TYR C 74 0.17 12.78 -16.08
CA TYR C 74 1.40 12.01 -16.43
C TYR C 74 1.65 12.10 -17.95
N ARG C 75 2.86 11.79 -18.40
CA ARG C 75 3.16 11.86 -19.86
C ARG C 75 3.19 10.42 -20.41
N ASP C 3 8.67 17.03 -14.64
CA ASP C 3 8.41 15.73 -15.32
C ASP C 3 7.79 14.75 -14.32
N ARG C 4 8.60 14.15 -13.49
CA ARG C 4 8.06 13.19 -12.50
C ARG C 4 7.39 13.95 -11.36
N VAL C 5 6.14 13.66 -11.09
CA VAL C 5 5.43 14.36 -9.98
C VAL C 5 5.70 13.62 -8.67
N LYS C 6 5.53 14.28 -7.56
CA LYS C 6 5.78 13.61 -6.25
C LYS C 6 4.54 12.78 -5.85
N ARG C 7 4.73 11.67 -5.19
CA ARG C 7 3.56 10.83 -4.77
C ARG C 7 3.86 10.16 -3.39
N PRO C 8 2.98 10.28 -2.41
CA PRO C 8 3.21 9.65 -1.10
C PRO C 8 3.13 8.12 -1.26
N MET C 9 3.08 7.40 -0.17
CA MET C 9 2.98 5.91 -0.27
C MET C 9 1.65 5.54 -0.92
N ASN C 10 1.60 4.44 -1.64
CA ASN C 10 0.32 4.04 -2.29
C ASN C 10 -0.45 3.10 -1.37
N ALA C 11 -1.74 3.23 -1.32
CA ALA C 11 -2.57 2.36 -0.44
C ALA C 11 -2.11 0.90 -0.55
N PHE C 12 -1.63 0.50 -1.68
CA PHE C 12 -1.18 -0.90 -1.85
C PHE C 12 0.19 -1.09 -1.17
N ILE C 13 1.14 -0.23 -1.44
CA ILE C 13 2.47 -0.40 -0.79
C ILE C 13 2.31 -0.21 0.72
N VAL C 14 1.25 0.42 1.16
CA VAL C 14 1.05 0.59 2.63
C VAL C 14 1.01 -0.80 3.26
N TRP C 15 0.15 -1.67 2.77
CA TRP C 15 0.07 -3.05 3.34
C TRP C 15 1.47 -3.63 3.33
N SER C 16 2.14 -3.54 2.21
CA SER C 16 3.52 -4.08 2.10
C SER C 16 4.31 -3.66 3.33
N ARG C 17 4.49 -2.39 3.53
CA ARG C 17 5.28 -1.90 4.70
C ARG C 17 5.01 -2.75 5.95
N ASP C 18 3.89 -2.56 6.59
CA ASP C 18 3.60 -3.34 7.83
C ASP C 18 3.22 -4.79 7.51
N GLN C 19 2.26 -5.01 6.67
CA GLN C 19 1.84 -6.41 6.39
C GLN C 19 3.04 -7.26 6.00
N ARG C 20 3.97 -6.72 5.25
CA ARG C 20 5.17 -7.53 4.87
C ARG C 20 5.88 -7.94 6.15
N ARG C 21 5.99 -7.04 7.10
CA ARG C 21 6.68 -7.41 8.37
C ARG C 21 6.07 -8.71 8.89
N LYS C 22 4.82 -8.96 8.59
CA LYS C 22 4.19 -10.23 9.06
C LYS C 22 4.87 -11.41 8.36
N MET C 23 5.00 -11.33 7.07
CA MET C 23 5.65 -12.43 6.31
C MET C 23 7.11 -12.57 6.73
N ALA C 24 7.74 -11.48 7.07
CA ALA C 24 9.19 -11.55 7.46
C ALA C 24 9.35 -12.30 8.79
N LEU C 25 8.36 -12.26 9.64
CA LEU C 25 8.48 -12.96 10.96
C LEU C 25 8.51 -14.48 10.78
N GLU C 26 7.41 -15.06 10.38
CA GLU C 26 7.33 -16.55 10.25
C GLU C 26 7.87 -17.06 8.91
N ASN C 27 7.98 -16.24 7.88
CA ASN C 27 8.48 -16.76 6.56
C ASN C 27 9.60 -15.89 5.94
N PRO C 28 10.57 -15.50 6.73
CA PRO C 28 11.71 -14.71 6.21
C PRO C 28 12.53 -15.57 5.22
N ARG C 29 12.20 -16.84 5.10
CA ARG C 29 12.96 -17.74 4.19
C ARG C 29 12.09 -18.15 2.99
N MET C 30 11.70 -17.22 2.15
CA MET C 30 10.86 -17.60 0.97
C MET C 30 11.76 -18.16 -0.14
N ARG C 31 11.39 -19.29 -0.69
CA ARG C 31 12.23 -19.89 -1.78
C ARG C 31 11.94 -19.16 -3.09
N ASN C 32 10.98 -18.28 -3.11
CA ASN C 32 10.65 -17.55 -4.37
C ASN C 32 9.82 -16.32 -4.05
N SER C 33 9.39 -15.60 -5.05
CA SER C 33 8.57 -14.37 -4.81
C SER C 33 7.09 -14.77 -4.68
N GLU C 34 6.78 -15.59 -3.71
CA GLU C 34 5.35 -16.02 -3.52
C GLU C 34 4.63 -14.94 -2.70
N ILE C 35 5.33 -14.32 -1.79
CA ILE C 35 4.69 -13.27 -0.95
C ILE C 35 3.92 -12.30 -1.85
N SER C 36 4.28 -12.23 -3.10
CA SER C 36 3.57 -11.32 -4.04
C SER C 36 2.23 -11.95 -4.44
N LYS C 37 2.27 -13.15 -4.96
CA LYS C 37 1.00 -13.82 -5.37
C LYS C 37 0.12 -14.03 -4.13
N GLN C 38 0.72 -14.18 -2.99
CA GLN C 38 -0.07 -14.38 -1.75
C GLN C 38 -0.90 -13.14 -1.46
N LEU C 39 -0.35 -11.98 -1.63
CA LEU C 39 -1.15 -10.75 -1.36
C LEU C 39 -2.35 -10.72 -2.28
N GLY C 40 -2.18 -11.12 -3.52
CA GLY C 40 -3.35 -11.12 -4.46
C GLY C 40 -4.51 -11.85 -3.78
N TYR C 41 -4.23 -12.95 -3.14
CA TYR C 41 -5.31 -13.71 -2.45
C TYR C 41 -5.94 -12.84 -1.35
N GLN C 42 -5.15 -12.05 -0.67
CA GLN C 42 -5.71 -11.17 0.40
C GLN C 42 -6.67 -10.15 -0.21
N TRP C 43 -6.33 -9.61 -1.34
CA TRP C 43 -7.20 -8.60 -2.02
C TRP C 43 -8.60 -9.18 -2.24
N LYS C 44 -8.70 -10.40 -2.68
CA LYS C 44 -10.06 -10.98 -2.88
C LYS C 44 -10.73 -11.16 -1.52
N MET C 45 -9.98 -10.92 -0.46
CA MET C 45 -10.52 -11.03 0.93
C MET C 45 -9.80 -9.99 1.79
N LEU C 46 -10.04 -8.73 1.54
CA LEU C 46 -9.35 -7.66 2.30
C LEU C 46 -9.68 -7.75 3.79
N THR C 47 -8.66 -7.72 4.61
CA THR C 47 -8.87 -7.78 6.09
C THR C 47 -9.24 -6.38 6.60
N GLU C 48 -10.32 -6.25 7.30
CA GLU C 48 -10.74 -4.90 7.82
C GLU C 48 -9.74 -4.41 8.88
N ALA C 49 -9.02 -5.30 9.48
CA ALA C 49 -8.04 -4.88 10.53
C ALA C 49 -6.99 -3.96 9.92
N GLU C 50 -6.78 -4.03 8.63
CA GLU C 50 -5.75 -3.19 7.96
C GLU C 50 -6.40 -2.03 7.17
N LYS C 51 -7.61 -2.19 6.74
CA LYS C 51 -8.28 -1.11 5.94
C LYS C 51 -8.55 0.14 6.78
N TRP C 52 -9.58 0.09 7.59
CA TRP C 52 -9.95 1.28 8.41
C TRP C 52 -8.71 2.05 8.96
N PRO C 53 -7.83 1.41 9.71
CA PRO C 53 -6.66 2.11 10.27
C PRO C 53 -6.03 3.17 9.33
N PHE C 54 -5.28 2.76 8.33
CA PHE C 54 -4.59 3.80 7.46
C PHE C 54 -5.46 4.37 6.34
N PHE C 55 -6.60 3.81 6.03
CA PHE C 55 -7.40 4.41 4.90
C PHE C 55 -7.93 5.80 5.31
N GLN C 56 -8.44 5.95 6.50
CA GLN C 56 -8.95 7.30 6.90
C GLN C 56 -7.88 8.36 6.63
N GLU C 57 -6.69 8.13 7.08
CA GLU C 57 -5.59 9.12 6.86
C GLU C 57 -5.24 9.20 5.37
N ALA C 58 -4.89 8.09 4.76
CA ALA C 58 -4.50 8.12 3.32
C ALA C 58 -5.46 8.98 2.50
N GLN C 59 -6.66 9.21 2.97
CA GLN C 59 -7.61 10.04 2.19
C GLN C 59 -7.12 11.49 2.15
N LYS C 60 -6.86 12.10 3.27
CA LYS C 60 -6.39 13.52 3.25
C LYS C 60 -5.02 13.62 2.58
N LEU C 61 -4.15 12.65 2.73
CA LEU C 61 -2.79 12.74 2.08
C LEU C 61 -2.96 13.08 0.60
N GLN C 62 -3.48 12.16 -0.17
CA GLN C 62 -3.64 12.40 -1.64
C GLN C 62 -4.50 13.63 -1.92
N ALA C 63 -5.56 13.79 -1.21
CA ALA C 63 -6.47 14.94 -1.45
C ALA C 63 -5.67 16.26 -1.51
N MET C 64 -4.78 16.49 -0.58
CA MET C 64 -4.01 17.76 -0.59
C MET C 64 -3.09 17.84 -1.83
N HIS C 65 -2.20 16.90 -1.96
CA HIS C 65 -1.25 16.93 -3.12
C HIS C 65 -1.99 16.92 -4.45
N ARG C 66 -3.04 16.18 -4.57
CA ARG C 66 -3.77 16.15 -5.87
C ARG C 66 -4.38 17.52 -6.15
N GLU C 67 -4.62 18.31 -5.14
CA GLU C 67 -5.20 19.66 -5.37
C GLU C 67 -4.11 20.61 -5.87
N LYS C 68 -2.86 20.33 -5.56
CA LYS C 68 -1.76 21.21 -6.01
C LYS C 68 -1.37 20.84 -7.45
N TYR C 69 -2.02 19.84 -8.01
CA TYR C 69 -1.71 19.39 -9.40
C TYR C 69 -3.02 19.15 -10.17
N PRO C 70 -3.81 20.19 -10.32
CA PRO C 70 -5.12 20.09 -11.00
C PRO C 70 -5.06 19.26 -12.30
N ASN C 71 -4.61 19.83 -13.39
CA ASN C 71 -4.59 19.09 -14.69
C ASN C 71 -3.23 18.43 -14.95
N TYR C 72 -2.36 18.33 -13.99
CA TYR C 72 -1.06 17.68 -14.29
C TYR C 72 -1.29 16.17 -14.51
N LYS C 73 -0.96 15.66 -15.67
CA LYS C 73 -1.16 14.20 -15.95
C LYS C 73 0.16 13.58 -16.41
N TYR C 74 0.37 12.34 -16.09
CA TYR C 74 1.64 11.65 -16.50
C TYR C 74 1.97 11.99 -17.95
N ARG C 75 3.23 12.11 -18.27
CA ARG C 75 3.64 12.44 -19.67
C ARG C 75 4.10 11.16 -20.38
N ASP C 3 8.86 17.29 -14.53
CA ASP C 3 9.19 15.86 -14.80
C ASP C 3 8.39 14.97 -13.83
N ARG C 4 9.06 14.30 -12.92
CA ARG C 4 8.32 13.42 -11.97
C ARG C 4 7.66 14.28 -10.89
N VAL C 5 6.36 14.22 -10.79
CA VAL C 5 5.66 15.00 -9.74
C VAL C 5 5.66 14.17 -8.45
N LYS C 6 5.36 14.77 -7.34
CA LYS C 6 5.38 14.01 -6.05
C LYS C 6 4.16 13.10 -5.96
N ARG C 7 4.29 11.96 -5.32
CA ARG C 7 3.13 11.05 -5.16
C ARG C 7 3.30 10.22 -3.86
N PRO C 8 2.31 10.20 -2.96
CA PRO C 8 2.43 9.41 -1.72
C PRO C 8 2.45 7.91 -2.04
N MET C 9 2.84 7.10 -1.10
CA MET C 9 2.86 5.63 -1.33
C MET C 9 1.42 5.17 -1.57
N ASN C 10 1.22 4.18 -2.40
CA ASN C 10 -0.18 3.71 -2.66
C ASN C 10 -0.67 2.92 -1.44
N ALA C 11 -1.93 3.04 -1.12
CA ALA C 11 -2.47 2.28 0.05
C ALA C 11 -2.01 0.83 -0.03
N PHE C 12 -1.56 0.41 -1.19
CA PHE C 12 -1.10 -0.99 -1.34
C PHE C 12 0.31 -1.13 -0.75
N ILE C 13 1.25 -0.33 -1.19
CA ILE C 13 2.63 -0.45 -0.62
C ILE C 13 2.57 -0.13 0.89
N VAL C 14 1.50 0.45 1.36
CA VAL C 14 1.41 0.69 2.81
C VAL C 14 1.42 -0.68 3.50
N TRP C 15 0.59 -1.58 3.04
CA TRP C 15 0.58 -2.95 3.66
C TRP C 15 2.00 -3.48 3.60
N SER C 16 2.67 -3.31 2.49
CA SER C 16 4.06 -3.81 2.38
C SER C 16 4.84 -3.45 3.64
N ARG C 17 5.21 -2.21 3.80
CA ARG C 17 5.97 -1.77 5.02
C ARG C 17 5.55 -2.59 6.27
N ASP C 18 4.37 -2.34 6.75
CA ASP C 18 3.89 -3.04 7.98
C ASP C 18 3.59 -4.52 7.71
N GLN C 19 2.70 -4.82 6.83
CA GLN C 19 2.34 -6.24 6.57
C GLN C 19 3.60 -7.07 6.27
N ARG C 20 4.59 -6.51 5.61
CA ARG C 20 5.81 -7.33 5.34
C ARG C 20 6.42 -7.73 6.69
N ARG C 21 6.33 -6.87 7.67
CA ARG C 21 6.88 -7.21 9.01
C ARG C 21 6.25 -8.51 9.49
N LYS C 22 4.96 -8.66 9.31
CA LYS C 22 4.28 -9.91 9.75
C LYS C 22 4.84 -11.07 8.92
N MET C 23 4.85 -10.92 7.63
CA MET C 23 5.37 -12.00 6.76
C MET C 23 6.86 -12.22 7.05
N ALA C 24 7.55 -11.21 7.48
CA ALA C 24 9.01 -11.35 7.77
C ALA C 24 9.21 -12.07 9.10
N LEU C 25 8.43 -11.75 10.11
CA LEU C 25 8.60 -12.43 11.43
C LEU C 25 8.20 -13.89 11.33
N GLU C 26 7.05 -14.16 10.76
CA GLU C 26 6.57 -15.56 10.66
C GLU C 26 7.23 -16.29 9.48
N ASN C 27 7.53 -15.60 8.41
CA ASN C 27 8.16 -16.27 7.23
C ASN C 27 9.34 -15.45 6.68
N PRO C 28 10.33 -15.18 7.49
CA PRO C 28 11.52 -14.42 7.04
C PRO C 28 12.32 -15.24 6.02
N ARG C 29 11.69 -16.14 5.29
CA ARG C 29 12.45 -16.98 4.30
C ARG C 29 11.71 -17.08 2.96
N MET C 30 11.06 -16.03 2.53
CA MET C 30 10.36 -16.11 1.21
C MET C 30 11.37 -15.86 0.10
N ARG C 31 11.78 -16.87 -0.60
CA ARG C 31 12.77 -16.67 -1.70
C ARG C 31 12.05 -16.09 -2.92
N ASN C 32 11.41 -16.93 -3.70
CA ASN C 32 10.69 -16.44 -4.90
C ASN C 32 9.74 -15.31 -4.52
N SER C 33 8.99 -14.80 -5.46
CA SER C 33 8.04 -13.69 -5.17
C SER C 33 6.69 -14.26 -4.73
N GLU C 34 6.64 -14.91 -3.60
CA GLU C 34 5.34 -15.47 -3.11
C GLU C 34 4.58 -14.39 -2.34
N ILE C 35 5.26 -13.66 -1.49
CA ILE C 35 4.55 -12.60 -0.72
C ILE C 35 3.77 -11.69 -1.67
N SER C 36 4.08 -11.74 -2.95
CA SER C 36 3.34 -10.90 -3.92
C SER C 36 1.99 -11.56 -4.24
N LYS C 37 2.03 -12.79 -4.68
CA LYS C 37 0.77 -13.51 -5.02
C LYS C 37 -0.05 -13.76 -3.74
N GLN C 38 0.61 -13.95 -2.63
CA GLN C 38 -0.14 -14.22 -1.37
C GLN C 38 -0.95 -12.99 -0.99
N LEU C 39 -0.38 -11.83 -1.01
CA LEU C 39 -1.15 -10.62 -0.64
C LEU C 39 -2.37 -10.51 -1.57
N GLY C 40 -2.24 -10.96 -2.78
CA GLY C 40 -3.41 -10.90 -3.70
C GLY C 40 -4.57 -11.68 -3.07
N TYR C 41 -4.27 -12.79 -2.46
CA TYR C 41 -5.35 -13.59 -1.80
C TYR C 41 -6.02 -12.74 -0.72
N GLN C 42 -5.26 -11.94 -0.01
CA GLN C 42 -5.85 -11.07 1.05
C GLN C 42 -6.77 -10.01 0.43
N TRP C 43 -6.36 -9.43 -0.65
CA TRP C 43 -7.20 -8.38 -1.31
C TRP C 43 -8.61 -8.91 -1.60
N LYS C 44 -8.75 -10.12 -2.05
CA LYS C 44 -10.13 -10.63 -2.29
C LYS C 44 -10.84 -10.75 -0.94
N MET C 45 -10.09 -10.72 0.13
CA MET C 45 -10.68 -10.83 1.50
C MET C 45 -9.91 -9.88 2.42
N LEU C 46 -10.12 -8.60 2.27
CA LEU C 46 -9.37 -7.61 3.10
C LEU C 46 -9.71 -7.78 4.58
N THR C 47 -8.70 -7.96 5.39
CA THR C 47 -8.93 -8.15 6.85
C THR C 47 -9.23 -6.79 7.51
N GLU C 48 -10.39 -6.64 8.08
CA GLU C 48 -10.75 -5.35 8.74
C GLU C 48 -9.66 -4.97 9.75
N ALA C 49 -8.89 -5.92 10.18
CA ALA C 49 -7.82 -5.63 11.17
C ALA C 49 -6.80 -4.64 10.60
N GLU C 50 -6.50 -4.75 9.33
CA GLU C 50 -5.50 -3.83 8.70
C GLU C 50 -6.19 -2.62 8.04
N LYS C 51 -7.45 -2.73 7.76
CA LYS C 51 -8.19 -1.61 7.08
C LYS C 51 -8.30 -0.38 7.97
N TRP C 52 -9.29 -0.35 8.81
CA TRP C 52 -9.53 0.84 9.70
C TRP C 52 -8.22 1.56 10.11
N PRO C 53 -7.26 0.90 10.73
CA PRO C 53 -6.01 1.56 11.16
C PRO C 53 -5.48 2.62 10.16
N PHE C 54 -4.91 2.23 9.04
CA PHE C 54 -4.31 3.26 8.11
C PHE C 54 -5.31 3.87 7.11
N PHE C 55 -6.48 3.33 6.97
CA PHE C 55 -7.42 3.94 5.98
C PHE C 55 -7.76 5.38 6.41
N GLN C 56 -7.99 5.61 7.69
CA GLN C 56 -8.31 7.00 8.12
C GLN C 56 -7.27 7.97 7.57
N GLU C 57 -6.02 7.61 7.66
CA GLU C 57 -4.95 8.51 7.14
C GLU C 57 -5.03 8.59 5.62
N ALA C 58 -4.92 7.47 4.95
CA ALA C 58 -4.97 7.48 3.46
C ALA C 58 -6.12 8.34 2.94
N GLN C 59 -7.11 8.60 3.74
CA GLN C 59 -8.26 9.43 3.27
C GLN C 59 -7.78 10.85 2.96
N LYS C 60 -7.25 11.55 3.93
CA LYS C 60 -6.81 12.93 3.66
C LYS C 60 -5.66 12.95 2.62
N LEU C 61 -4.61 12.16 2.83
CA LEU C 61 -3.46 12.12 1.84
C LEU C 61 -3.96 12.38 0.40
N GLN C 62 -4.78 11.50 -0.10
CA GLN C 62 -5.28 11.66 -1.49
C GLN C 62 -6.03 12.99 -1.67
N ALA C 63 -6.75 13.40 -0.67
CA ALA C 63 -7.53 14.67 -0.79
C ALA C 63 -6.61 15.87 -1.05
N MET C 64 -5.55 16.00 -0.30
CA MET C 64 -4.64 17.18 -0.49
C MET C 64 -3.95 17.16 -1.86
N HIS C 65 -3.06 16.24 -2.05
CA HIS C 65 -2.29 16.19 -3.32
C HIS C 65 -3.18 16.03 -4.55
N ARG C 66 -4.25 15.30 -4.47
CA ARG C 66 -5.10 15.17 -5.70
C ARG C 66 -5.66 16.55 -6.06
N GLU C 67 -5.96 17.35 -5.08
CA GLU C 67 -6.50 18.70 -5.36
C GLU C 67 -5.40 19.63 -5.86
N LYS C 68 -4.15 19.27 -5.63
CA LYS C 68 -3.02 20.14 -6.10
C LYS C 68 -2.62 19.79 -7.54
N TYR C 69 -3.07 18.66 -8.04
CA TYR C 69 -2.67 18.26 -9.44
C TYR C 69 -3.88 17.73 -10.24
N PRO C 70 -4.96 18.48 -10.26
CA PRO C 70 -6.18 18.06 -10.98
C PRO C 70 -5.88 17.63 -12.43
N ASN C 71 -5.69 18.57 -13.32
CA ASN C 71 -5.47 18.18 -14.76
C ASN C 71 -4.03 17.74 -15.02
N TYR C 72 -3.14 17.82 -14.07
CA TYR C 72 -1.74 17.37 -14.38
C TYR C 72 -1.68 15.85 -14.46
N LYS C 73 -1.45 15.32 -15.64
CA LYS C 73 -1.36 13.83 -15.81
C LYS C 73 0.08 13.43 -16.09
N TYR C 74 0.34 12.16 -16.27
CA TYR C 74 1.73 11.72 -16.57
C TYR C 74 2.03 12.02 -18.04
N ARG C 75 3.24 11.76 -18.49
CA ARG C 75 3.59 12.05 -19.93
C ARG C 75 4.48 10.92 -20.47
N ASP C 3 11.30 17.00 -13.21
CA ASP C 3 10.74 16.05 -14.20
C ASP C 3 9.64 15.21 -13.55
N ARG C 4 9.97 14.05 -13.04
CA ARG C 4 8.93 13.21 -12.40
C ARG C 4 8.59 13.78 -11.02
N VAL C 5 7.32 13.83 -10.70
CA VAL C 5 6.89 14.39 -9.38
C VAL C 5 6.93 13.32 -8.29
N LYS C 6 6.96 13.73 -7.05
CA LYS C 6 7.00 12.74 -5.92
C LYS C 6 5.59 12.22 -5.64
N ARG C 7 5.47 11.05 -5.05
CA ARG C 7 4.11 10.50 -4.75
C ARG C 7 4.13 9.84 -3.34
N PRO C 8 3.02 9.87 -2.62
CA PRO C 8 2.96 9.27 -1.27
C PRO C 8 2.94 7.73 -1.37
N MET C 9 3.12 7.04 -0.27
CA MET C 9 3.08 5.55 -0.31
C MET C 9 1.66 5.13 -0.72
N ASN C 10 1.54 4.31 -1.74
CA ASN C 10 0.18 3.89 -2.17
C ASN C 10 -0.47 3.00 -1.12
N ALA C 11 -1.76 3.15 -0.92
CA ALA C 11 -2.47 2.30 0.09
C ALA C 11 -2.11 0.84 -0.15
N PHE C 12 -1.55 0.55 -1.29
CA PHE C 12 -1.16 -0.85 -1.60
C PHE C 12 0.15 -1.15 -0.87
N ILE C 13 1.15 -0.36 -1.13
CA ILE C 13 2.45 -0.58 -0.44
C ILE C 13 2.24 -0.33 1.05
N VAL C 14 1.19 0.36 1.43
CA VAL C 14 0.95 0.57 2.89
C VAL C 14 0.91 -0.81 3.55
N TRP C 15 0.16 -1.72 2.98
CA TRP C 15 0.11 -3.09 3.56
C TRP C 15 1.55 -3.61 3.64
N SER C 16 2.26 -3.54 2.55
CA SER C 16 3.65 -4.04 2.55
C SER C 16 4.39 -3.48 3.76
N ARG C 17 4.35 -2.19 3.97
CA ARG C 17 5.05 -1.60 5.15
C ARG C 17 4.83 -2.48 6.40
N ASP C 18 3.66 -2.46 6.97
CA ASP C 18 3.40 -3.28 8.19
C ASP C 18 3.19 -4.77 7.85
N GLN C 19 2.29 -5.07 6.95
CA GLN C 19 2.01 -6.49 6.62
C GLN C 19 3.31 -7.23 6.30
N ARG C 20 4.20 -6.63 5.56
CA ARG C 20 5.48 -7.33 5.24
C ARG C 20 6.23 -7.62 6.54
N ARG C 21 6.28 -6.68 7.45
CA ARG C 21 7.01 -6.95 8.72
C ARG C 21 6.50 -8.25 9.33
N LYS C 22 5.26 -8.59 9.09
CA LYS C 22 4.72 -9.86 9.65
C LYS C 22 5.41 -11.04 8.96
N MET C 23 5.38 -11.06 7.65
CA MET C 23 6.03 -12.17 6.91
C MET C 23 7.52 -12.16 7.19
N ALA C 24 8.06 -11.03 7.56
CA ALA C 24 9.52 -10.95 7.82
C ALA C 24 9.90 -11.67 9.12
N LEU C 25 9.12 -11.52 10.16
CA LEU C 25 9.47 -12.19 11.45
C LEU C 25 9.36 -13.71 11.32
N GLU C 26 8.24 -14.20 10.87
CA GLU C 26 8.04 -15.68 10.77
C GLU C 26 8.69 -16.25 9.49
N ASN C 27 8.89 -15.46 8.46
CA ASN C 27 9.51 -16.02 7.21
C ASN C 27 10.55 -15.05 6.61
N PRO C 28 11.54 -14.69 7.39
CA PRO C 28 12.61 -13.81 6.89
C PRO C 28 13.43 -14.55 5.82
N ARG C 29 13.09 -15.79 5.55
CA ARG C 29 13.85 -16.60 4.54
C ARG C 29 12.91 -17.07 3.43
N MET C 30 12.52 -16.20 2.54
CA MET C 30 11.62 -16.63 1.44
C MET C 30 12.46 -17.32 0.34
N ARG C 31 12.06 -18.48 -0.11
CA ARG C 31 12.84 -19.18 -1.17
C ARG C 31 12.59 -18.54 -2.53
N ASN C 32 11.67 -17.61 -2.61
CA ASN C 32 11.41 -16.96 -3.93
C ASN C 32 10.50 -15.74 -3.72
N SER C 33 9.53 -15.55 -4.59
CA SER C 33 8.61 -14.37 -4.47
C SER C 33 7.18 -14.85 -4.19
N GLU C 34 6.97 -15.52 -3.09
CA GLU C 34 5.60 -16.01 -2.74
C GLU C 34 4.81 -14.88 -2.07
N ILE C 35 5.43 -14.21 -1.13
CA ILE C 35 4.75 -13.09 -0.41
C ILE C 35 3.99 -12.21 -1.41
N SER C 36 4.39 -12.22 -2.65
CA SER C 36 3.67 -11.38 -3.66
C SER C 36 2.34 -12.05 -4.00
N LYS C 37 2.36 -13.30 -4.37
CA LYS C 37 1.10 -14.01 -4.74
C LYS C 37 0.23 -14.21 -3.49
N GLN C 38 0.82 -14.37 -2.34
CA GLN C 38 0.01 -14.59 -1.11
C GLN C 38 -0.84 -13.34 -0.83
N LEU C 39 -0.27 -12.18 -0.94
CA LEU C 39 -1.09 -10.95 -0.70
C LEU C 39 -2.23 -10.93 -1.70
N GLY C 40 -1.95 -11.29 -2.93
CA GLY C 40 -3.03 -11.30 -3.96
C GLY C 40 -4.25 -12.03 -3.41
N TYR C 41 -4.04 -13.11 -2.71
CA TYR C 41 -5.19 -13.85 -2.13
C TYR C 41 -5.96 -12.95 -1.15
N GLN C 42 -5.24 -12.21 -0.34
CA GLN C 42 -5.91 -11.32 0.65
C GLN C 42 -6.74 -10.25 -0.08
N TRP C 43 -6.33 -9.88 -1.25
CA TRP C 43 -7.09 -8.84 -2.02
C TRP C 43 -8.46 -9.38 -2.43
N LYS C 44 -8.55 -10.59 -2.90
CA LYS C 44 -9.89 -11.14 -3.26
C LYS C 44 -10.70 -11.29 -1.98
N MET C 45 -10.05 -11.15 -0.85
CA MET C 45 -10.75 -11.24 0.47
C MET C 45 -10.12 -10.20 1.40
N LEU C 46 -10.37 -8.95 1.15
CA LEU C 46 -9.74 -7.88 1.98
C LEU C 46 -10.24 -7.96 3.43
N THR C 47 -9.32 -7.93 4.35
CA THR C 47 -9.68 -7.99 5.79
C THR C 47 -10.09 -6.58 6.27
N GLU C 48 -11.29 -6.43 6.74
CA GLU C 48 -11.76 -5.09 7.22
C GLU C 48 -10.93 -4.65 8.44
N ALA C 49 -10.57 -5.58 9.28
CA ALA C 49 -9.78 -5.23 10.49
C ALA C 49 -8.53 -4.46 10.08
N GLU C 50 -8.20 -4.50 8.82
CA GLU C 50 -6.98 -3.79 8.32
C GLU C 50 -7.35 -2.59 7.44
N LYS C 51 -8.44 -2.65 6.74
CA LYS C 51 -8.80 -1.51 5.84
C LYS C 51 -9.22 -0.27 6.64
N TRP C 52 -10.41 -0.25 7.17
CA TRP C 52 -10.89 0.94 7.92
C TRP C 52 -9.77 1.64 8.74
N PRO C 53 -9.04 0.94 9.60
CA PRO C 53 -7.98 1.60 10.40
C PRO C 53 -7.12 2.60 9.59
N PHE C 54 -6.17 2.15 8.80
CA PHE C 54 -5.28 3.13 8.08
C PHE C 54 -5.89 3.71 6.79
N PHE C 55 -7.00 3.21 6.31
CA PHE C 55 -7.55 3.80 5.04
C PHE C 55 -8.05 5.24 5.30
N GLN C 56 -8.56 5.52 6.46
CA GLN C 56 -9.02 6.92 6.72
C GLN C 56 -7.86 7.89 6.50
N GLU C 57 -6.71 7.59 7.02
CA GLU C 57 -5.53 8.48 6.84
C GLU C 57 -5.07 8.45 5.37
N ALA C 58 -4.78 7.29 4.85
CA ALA C 58 -4.29 7.19 3.44
C ALA C 58 -5.15 8.05 2.51
N GLN C 59 -6.37 8.32 2.88
CA GLN C 59 -7.25 9.13 1.99
C GLN C 59 -6.70 10.55 1.86
N LYS C 60 -6.48 11.24 2.95
CA LYS C 60 -5.95 12.63 2.86
C LYS C 60 -4.55 12.63 2.20
N LEU C 61 -3.63 11.81 2.69
CA LEU C 61 -2.25 11.77 2.08
C LEU C 61 -2.31 11.96 0.56
N GLN C 62 -2.89 11.04 -0.15
CA GLN C 62 -2.95 11.17 -1.64
C GLN C 62 -3.73 12.44 -2.03
N ALA C 63 -4.68 12.82 -1.24
CA ALA C 63 -5.48 14.04 -1.57
C ALA C 63 -4.60 15.30 -1.56
N MET C 64 -3.68 15.39 -0.64
CA MET C 64 -2.81 16.60 -0.55
C MET C 64 -1.93 16.73 -1.80
N HIS C 65 -1.10 15.75 -2.05
CA HIS C 65 -0.19 15.84 -3.23
C HIS C 65 -0.97 15.89 -4.54
N ARG C 66 -2.03 15.15 -4.66
CA ARG C 66 -2.82 15.18 -5.92
C ARG C 66 -3.43 16.56 -6.13
N GLU C 67 -3.76 17.25 -5.07
CA GLU C 67 -4.36 18.61 -5.22
C GLU C 67 -3.26 19.59 -5.62
N LYS C 68 -2.03 19.25 -5.41
CA LYS C 68 -0.91 20.18 -5.77
C LYS C 68 -0.53 19.97 -7.24
N TYR C 69 -0.86 18.85 -7.82
CA TYR C 69 -0.47 18.59 -9.25
C TYR C 69 -1.64 17.95 -10.04
N PRO C 70 -2.76 18.62 -10.08
CA PRO C 70 -3.93 18.10 -10.82
C PRO C 70 -3.64 17.99 -12.32
N ASN C 71 -3.58 19.11 -13.00
CA ASN C 71 -3.34 19.10 -14.47
C ASN C 71 -2.14 18.22 -14.83
N TYR C 72 -1.33 17.84 -13.89
CA TYR C 72 -0.17 16.98 -14.24
C TYR C 72 -0.66 15.63 -14.77
N LYS C 73 -0.36 15.33 -16.01
CA LYS C 73 -0.81 14.03 -16.62
C LYS C 73 0.41 13.15 -16.92
N TYR C 74 0.24 11.86 -16.88
CA TYR C 74 1.37 10.94 -17.17
C TYR C 74 1.57 10.84 -18.69
N ARG C 75 2.76 11.09 -19.16
CA ARG C 75 3.03 11.01 -20.64
C ARG C 75 4.40 10.37 -20.87
N ASP C 3 10.40 17.79 -13.00
CA ASP C 3 9.85 16.93 -14.08
C ASP C 3 8.72 16.07 -13.51
N ARG C 4 9.04 14.91 -13.01
CA ARG C 4 7.99 14.03 -12.44
C ARG C 4 7.60 14.53 -11.05
N VAL C 5 6.32 14.56 -10.75
CA VAL C 5 5.87 15.05 -9.43
C VAL C 5 6.02 13.92 -8.41
N LYS C 6 6.57 14.22 -7.27
CA LYS C 6 6.78 13.18 -6.23
C LYS C 6 5.46 12.91 -5.48
N ARG C 7 5.29 11.70 -4.99
CA ARG C 7 4.06 11.35 -4.23
C ARG C 7 4.41 10.26 -3.19
N PRO C 8 3.77 10.29 -2.02
CA PRO C 8 4.06 9.28 -0.98
C PRO C 8 3.69 7.87 -1.47
N MET C 9 3.66 6.92 -0.56
CA MET C 9 3.30 5.52 -0.94
C MET C 9 1.83 5.44 -1.36
N ASN C 10 1.42 4.32 -1.91
CA ASN C 10 0.00 4.15 -2.33
C ASN C 10 -0.71 3.26 -1.31
N ALA C 11 -2.00 3.41 -1.15
CA ALA C 11 -2.72 2.54 -0.16
C ALA C 11 -2.30 1.09 -0.38
N PHE C 12 -1.73 0.80 -1.50
CA PHE C 12 -1.27 -0.58 -1.79
C PHE C 12 0.04 -0.83 -1.04
N ILE C 13 1.05 -0.06 -1.35
CA ILE C 13 2.34 -0.26 -0.65
C ILE C 13 2.15 0.08 0.83
N VAL C 14 1.07 0.73 1.18
CA VAL C 14 0.83 1.00 2.63
C VAL C 14 0.79 -0.36 3.32
N TRP C 15 0.06 -1.29 2.77
CA TRP C 15 0.02 -2.65 3.38
C TRP C 15 1.46 -3.12 3.51
N SER C 16 2.20 -3.04 2.44
CA SER C 16 3.62 -3.47 2.49
C SER C 16 4.28 -2.92 3.75
N ARG C 17 4.26 -1.64 3.94
CA ARG C 17 4.89 -1.03 5.15
C ARG C 17 4.61 -1.88 6.41
N ASP C 18 3.44 -1.75 6.98
CA ASP C 18 3.12 -2.52 8.22
C ASP C 18 2.91 -4.01 7.94
N GLN C 19 2.27 -4.35 6.86
CA GLN C 19 2.01 -5.79 6.58
C GLN C 19 3.31 -6.56 6.27
N ARG C 20 4.20 -5.99 5.50
CA ARG C 20 5.45 -6.75 5.17
C ARG C 20 6.19 -7.04 6.49
N ARG C 21 6.22 -6.10 7.39
CA ARG C 21 6.90 -6.34 8.68
C ARG C 21 6.36 -7.61 9.31
N LYS C 22 5.06 -7.80 9.26
CA LYS C 22 4.46 -9.02 9.87
C LYS C 22 4.98 -10.27 9.17
N MET C 23 4.93 -10.30 7.87
CA MET C 23 5.42 -11.51 7.14
C MET C 23 6.89 -11.73 7.46
N ALA C 24 7.62 -10.68 7.72
CA ALA C 24 9.07 -10.84 8.03
C ALA C 24 9.24 -11.43 9.44
N LEU C 25 8.24 -11.36 10.28
CA LEU C 25 8.38 -11.92 11.65
C LEU C 25 8.54 -13.43 11.57
N GLU C 26 7.54 -14.11 11.09
CA GLU C 26 7.60 -15.60 11.00
C GLU C 26 8.33 -16.07 9.74
N ASN C 27 8.45 -15.24 8.73
CA ASN C 27 9.13 -15.67 7.46
C ASN C 27 10.17 -14.64 7.00
N PRO C 28 11.09 -14.27 7.85
CA PRO C 28 12.15 -13.31 7.47
C PRO C 28 12.98 -13.92 6.33
N ARG C 29 12.81 -15.19 6.08
CA ARG C 29 13.60 -15.87 4.99
C ARG C 29 12.66 -16.27 3.85
N MET C 30 12.04 -15.33 3.19
CA MET C 30 11.14 -15.67 2.06
C MET C 30 11.98 -16.03 0.82
N ARG C 31 11.73 -17.17 0.25
CA ARG C 31 12.52 -17.60 -0.93
C ARG C 31 12.01 -16.88 -2.20
N ASN C 32 11.27 -17.58 -3.04
CA ASN C 32 10.76 -16.94 -4.29
C ASN C 32 9.86 -15.75 -3.95
N SER C 33 9.15 -15.23 -4.93
CA SER C 33 8.25 -14.07 -4.69
C SER C 33 6.90 -14.57 -4.18
N GLU C 34 6.83 -15.02 -2.94
CA GLU C 34 5.54 -15.52 -2.39
C GLU C 34 4.72 -14.38 -1.80
N ILE C 35 5.29 -13.65 -0.89
CA ILE C 35 4.55 -12.53 -0.25
C ILE C 35 3.83 -11.70 -1.32
N SER C 36 4.23 -11.79 -2.56
CA SER C 36 3.54 -11.00 -3.62
C SER C 36 2.22 -11.67 -4.00
N LYS C 37 2.27 -12.90 -4.46
CA LYS C 37 1.01 -13.61 -4.84
C LYS C 37 0.12 -13.78 -3.61
N GLN C 38 0.72 -13.90 -2.46
CA GLN C 38 -0.10 -14.09 -1.23
C GLN C 38 -0.93 -12.83 -0.97
N LEU C 39 -0.34 -11.67 -1.11
CA LEU C 39 -1.13 -10.42 -0.90
C LEU C 39 -2.32 -10.44 -1.85
N GLY C 40 -2.15 -10.99 -3.02
CA GLY C 40 -3.29 -11.06 -3.97
C GLY C 40 -4.47 -11.72 -3.25
N TYR C 41 -4.21 -12.79 -2.56
CA TYR C 41 -5.30 -13.48 -1.81
C TYR C 41 -5.87 -12.55 -0.74
N GLN C 42 -5.03 -11.75 -0.12
CA GLN C 42 -5.54 -10.82 0.95
C GLN C 42 -6.53 -9.84 0.32
N TRP C 43 -6.37 -9.56 -0.94
CA TRP C 43 -7.31 -8.63 -1.63
C TRP C 43 -8.65 -9.33 -1.81
N LYS C 44 -8.66 -10.58 -2.18
CA LYS C 44 -9.95 -11.29 -2.31
C LYS C 44 -10.54 -11.48 -0.92
N MET C 45 -9.74 -11.21 0.09
CA MET C 45 -10.22 -11.33 1.50
C MET C 45 -9.49 -10.28 2.35
N LEU C 46 -9.89 -9.05 2.22
CA LEU C 46 -9.23 -7.96 2.98
C LEU C 46 -9.45 -8.14 4.48
N THR C 47 -8.40 -8.08 5.26
CA THR C 47 -8.55 -8.24 6.74
C THR C 47 -8.97 -6.90 7.36
N GLU C 48 -10.06 -6.89 8.08
CA GLU C 48 -10.53 -5.62 8.72
C GLU C 48 -9.49 -5.13 9.73
N ALA C 49 -8.84 -6.03 10.40
CA ALA C 49 -7.82 -5.64 11.41
C ALA C 49 -6.76 -4.73 10.76
N GLU C 50 -6.58 -4.84 9.48
CA GLU C 50 -5.56 -4.01 8.78
C GLU C 50 -6.23 -2.84 8.03
N LYS C 51 -7.47 -2.99 7.64
CA LYS C 51 -8.14 -1.90 6.87
C LYS C 51 -8.29 -0.62 7.71
N TRP C 52 -9.33 -0.55 8.49
CA TRP C 52 -9.63 0.67 9.29
C TRP C 52 -8.35 1.40 9.81
N PRO C 53 -7.45 0.73 10.53
CA PRO C 53 -6.24 1.41 11.04
C PRO C 53 -5.56 2.36 10.02
N PHE C 54 -5.02 1.86 8.94
CA PHE C 54 -4.27 2.77 7.99
C PHE C 54 -5.18 3.58 7.04
N PHE C 55 -6.42 3.24 6.86
CA PHE C 55 -7.25 4.05 5.91
C PHE C 55 -7.43 5.47 6.46
N GLN C 56 -7.52 5.65 7.74
CA GLN C 56 -7.68 7.03 8.28
C GLN C 56 -6.53 7.90 7.77
N GLU C 57 -5.33 7.43 7.94
CA GLU C 57 -4.14 8.22 7.48
C GLU C 57 -4.10 8.25 5.95
N ALA C 58 -4.01 7.10 5.32
CA ALA C 58 -3.92 7.07 3.83
C ALA C 58 -4.93 8.03 3.22
N GLN C 59 -5.98 8.36 3.93
CA GLN C 59 -6.98 9.30 3.37
C GLN C 59 -6.39 10.72 3.31
N LYS C 60 -5.87 11.22 4.39
CA LYS C 60 -5.29 12.61 4.35
C LYS C 60 -4.07 12.65 3.43
N LEU C 61 -3.18 11.68 3.48
CA LEU C 61 -1.99 11.71 2.57
C LEU C 61 -2.45 11.97 1.12
N GLN C 62 -3.09 11.01 0.54
CA GLN C 62 -3.55 11.13 -0.88
C GLN C 62 -4.45 12.37 -1.05
N ALA C 63 -5.41 12.55 -0.19
CA ALA C 63 -6.34 13.70 -0.34
C ALA C 63 -5.56 15.02 -0.36
N MET C 64 -4.59 15.18 0.50
CA MET C 64 -3.82 16.45 0.52
C MET C 64 -3.01 16.63 -0.77
N HIS C 65 -2.05 15.77 -0.99
CA HIS C 65 -1.18 15.88 -2.18
C HIS C 65 -1.97 15.82 -3.49
N ARG C 66 -3.03 15.06 -3.56
CA ARG C 66 -3.81 15.03 -4.83
C ARG C 66 -4.43 16.40 -5.07
N GLU C 67 -4.83 17.08 -4.02
CA GLU C 67 -5.44 18.43 -4.19
C GLU C 67 -4.35 19.44 -4.56
N LYS C 68 -3.10 19.06 -4.44
CA LYS C 68 -2.00 20.01 -4.78
C LYS C 68 -1.70 19.98 -6.29
N TYR C 69 -1.96 18.88 -6.96
CA TYR C 69 -1.69 18.82 -8.44
C TYR C 69 -2.82 18.07 -9.19
N PRO C 70 -4.05 18.51 -9.00
CA PRO C 70 -5.20 17.85 -9.65
C PRO C 70 -5.13 17.94 -11.19
N ASN C 71 -4.88 19.10 -11.71
CA ASN C 71 -4.84 19.25 -13.20
C ASN C 71 -3.59 18.60 -13.79
N TYR C 72 -2.55 18.44 -13.03
CA TYR C 72 -1.32 17.83 -13.60
C TYR C 72 -1.53 16.35 -13.88
N LYS C 73 -1.42 15.95 -15.14
CA LYS C 73 -1.58 14.50 -15.49
C LYS C 73 -0.25 13.99 -16.05
N TYR C 74 0.10 12.77 -15.75
CA TYR C 74 1.40 12.22 -16.23
C TYR C 74 1.63 12.60 -17.71
N ARG C 75 2.86 12.59 -18.14
CA ARG C 75 3.18 12.96 -19.56
C ARG C 75 4.26 12.00 -20.08
N ASP C 3 6.89 15.94 -15.92
CA ASP C 3 7.29 14.53 -16.20
C ASP C 3 7.00 13.67 -14.97
N ARG C 4 7.98 13.48 -14.12
CA ARG C 4 7.76 12.66 -12.91
C ARG C 4 6.98 13.48 -11.87
N VAL C 5 5.79 13.05 -11.56
CA VAL C 5 4.94 13.80 -10.58
C VAL C 5 5.25 13.32 -9.17
N LYS C 6 4.94 14.13 -8.18
CA LYS C 6 5.19 13.73 -6.77
C LYS C 6 4.02 12.83 -6.32
N ARG C 7 4.28 11.78 -5.59
CA ARG C 7 3.17 10.90 -5.12
C ARG C 7 3.57 10.22 -3.78
N PRO C 8 2.69 10.24 -2.78
CA PRO C 8 3.01 9.60 -1.48
C PRO C 8 2.98 8.06 -1.66
N MET C 9 3.08 7.34 -0.58
CA MET C 9 3.04 5.85 -0.68
C MET C 9 1.65 5.43 -1.20
N ASN C 10 1.57 4.40 -2.01
CA ASN C 10 0.23 3.97 -2.53
C ASN C 10 -0.45 3.08 -1.49
N ALA C 11 -1.74 3.20 -1.34
CA ALA C 11 -2.47 2.38 -0.34
C ALA C 11 -2.02 0.92 -0.45
N PHE C 12 -1.49 0.53 -1.58
CA PHE C 12 -1.03 -0.87 -1.73
C PHE C 12 0.32 -1.05 -1.04
N ILE C 13 1.27 -0.22 -1.34
CA ILE C 13 2.60 -0.35 -0.69
C ILE C 13 2.42 -0.13 0.82
N VAL C 14 1.36 0.51 1.23
CA VAL C 14 1.16 0.71 2.69
C VAL C 14 1.05 -0.66 3.36
N TRP C 15 0.23 -1.54 2.81
CA TRP C 15 0.12 -2.90 3.40
C TRP C 15 1.52 -3.49 3.50
N SER C 16 2.26 -3.41 2.43
CA SER C 16 3.64 -3.96 2.44
C SER C 16 4.37 -3.49 3.69
N ARG C 17 4.50 -2.21 3.87
CA ARG C 17 5.20 -1.68 5.09
C ARG C 17 4.86 -2.52 6.34
N ASP C 18 3.70 -2.31 6.88
CA ASP C 18 3.29 -3.06 8.12
C ASP C 18 2.96 -4.52 7.82
N GLN C 19 2.08 -4.77 6.90
CA GLN C 19 1.70 -6.20 6.64
C GLN C 19 2.93 -7.03 6.28
N ARG C 20 3.87 -6.50 5.54
CA ARG C 20 5.06 -7.34 5.21
C ARG C 20 5.74 -7.74 6.51
N ARG C 21 5.78 -6.85 7.47
CA ARG C 21 6.43 -7.22 8.77
C ARG C 21 5.79 -8.53 9.25
N LYS C 22 4.52 -8.72 8.99
CA LYS C 22 3.87 -9.98 9.43
C LYS C 22 4.50 -11.15 8.66
N MET C 23 4.47 -11.08 7.36
CA MET C 23 5.09 -12.18 6.55
C MET C 23 6.57 -12.25 6.89
N ALA C 24 7.13 -11.18 7.37
CA ALA C 24 8.58 -11.18 7.72
C ALA C 24 8.84 -11.96 9.01
N LEU C 25 7.83 -12.20 9.81
CA LEU C 25 8.06 -12.95 11.09
C LEU C 25 8.57 -14.36 10.79
N GLU C 26 7.69 -15.25 10.43
CA GLU C 26 8.10 -16.66 10.18
C GLU C 26 8.64 -16.84 8.75
N ASN C 27 8.54 -15.85 7.91
CA ASN C 27 9.04 -16.00 6.50
C ASN C 27 9.84 -14.76 6.01
N PRO C 28 10.85 -14.36 6.76
CA PRO C 28 11.70 -13.19 6.40
C PRO C 28 12.67 -13.51 5.24
N ARG C 29 12.79 -14.75 4.80
CA ARG C 29 13.77 -15.07 3.71
C ARG C 29 13.16 -15.98 2.63
N MET C 30 12.28 -15.44 1.82
CA MET C 30 11.67 -16.27 0.73
C MET C 30 12.56 -16.20 -0.52
N ARG C 31 12.98 -17.33 -1.02
CA ARG C 31 13.85 -17.35 -2.22
C ARG C 31 13.02 -17.14 -3.49
N ASN C 32 11.74 -16.89 -3.35
CA ASN C 32 10.87 -16.67 -4.55
C ASN C 32 9.84 -15.57 -4.22
N SER C 33 9.38 -14.88 -5.23
CA SER C 33 8.39 -13.79 -4.99
C SER C 33 7.00 -14.39 -4.69
N GLU C 34 6.87 -15.10 -3.59
CA GLU C 34 5.55 -15.69 -3.24
C GLU C 34 4.73 -14.64 -2.49
N ILE C 35 5.35 -13.95 -1.58
CA ILE C 35 4.62 -12.91 -0.82
C ILE C 35 3.83 -12.02 -1.79
N SER C 36 4.26 -11.93 -3.01
CA SER C 36 3.52 -11.09 -4.01
C SER C 36 2.19 -11.76 -4.37
N LYS C 37 2.22 -12.96 -4.85
CA LYS C 37 0.96 -13.67 -5.22
C LYS C 37 0.12 -13.93 -3.96
N GLN C 38 0.75 -14.06 -2.82
CA GLN C 38 -0.02 -14.32 -1.57
C GLN C 38 -0.92 -13.12 -1.26
N LEU C 39 -0.40 -11.94 -1.32
CA LEU C 39 -1.24 -10.76 -1.03
C LEU C 39 -2.41 -10.73 -2.02
N GLY C 40 -2.19 -11.13 -3.24
CA GLY C 40 -3.30 -11.14 -4.22
C GLY C 40 -4.48 -11.89 -3.62
N TYR C 41 -4.21 -12.97 -2.93
CA TYR C 41 -5.31 -13.75 -2.29
C TYR C 41 -6.04 -12.87 -1.27
N GLN C 42 -5.32 -12.04 -0.55
CA GLN C 42 -5.97 -11.15 0.46
C GLN C 42 -6.87 -10.14 -0.25
N TRP C 43 -6.46 -9.67 -1.39
CA TRP C 43 -7.28 -8.67 -2.14
C TRP C 43 -8.66 -9.24 -2.47
N LYS C 44 -8.76 -10.48 -2.85
CA LYS C 44 -10.11 -11.04 -3.14
C LYS C 44 -10.91 -11.08 -1.83
N MET C 45 -10.23 -10.91 -0.72
CA MET C 45 -10.91 -10.91 0.61
C MET C 45 -10.17 -9.92 1.51
N LEU C 46 -10.35 -8.65 1.27
CA LEU C 46 -9.63 -7.62 2.08
C LEU C 46 -10.05 -7.67 3.54
N THR C 47 -9.11 -7.65 4.44
CA THR C 47 -9.42 -7.68 5.89
C THR C 47 -9.72 -6.25 6.36
N GLU C 48 -10.95 -5.97 6.70
CA GLU C 48 -11.30 -4.59 7.16
C GLU C 48 -10.46 -4.22 8.38
N ALA C 49 -9.97 -5.19 9.10
CA ALA C 49 -9.15 -4.90 10.30
C ALA C 49 -7.91 -4.09 9.90
N GLU C 50 -7.47 -4.24 8.68
CA GLU C 50 -6.25 -3.51 8.22
C GLU C 50 -6.65 -2.25 7.41
N LYS C 51 -7.83 -2.23 6.86
CA LYS C 51 -8.25 -1.05 6.04
C LYS C 51 -8.49 0.18 6.90
N TRP C 52 -9.61 0.23 7.56
CA TRP C 52 -9.96 1.42 8.39
C TRP C 52 -8.74 2.04 9.13
N PRO C 53 -7.98 1.28 9.92
CA PRO C 53 -6.85 1.86 10.65
C PRO C 53 -5.98 2.81 9.78
N PHE C 54 -5.22 2.30 8.84
CA PHE C 54 -4.31 3.20 8.05
C PHE C 54 -5.01 3.95 6.92
N PHE C 55 -6.20 3.63 6.54
CA PHE C 55 -6.86 4.40 5.44
C PHE C 55 -7.14 5.85 5.90
N GLN C 56 -7.65 6.05 7.07
CA GLN C 56 -7.93 7.45 7.51
C GLN C 56 -6.70 8.32 7.28
N GLU C 57 -5.56 7.87 7.69
CA GLU C 57 -4.33 8.69 7.50
C GLU C 57 -3.96 8.77 6.00
N ALA C 58 -3.73 7.64 5.38
CA ALA C 58 -3.33 7.65 3.94
C ALA C 58 -4.31 8.47 3.10
N GLN C 59 -5.48 8.74 3.61
CA GLN C 59 -6.46 9.53 2.81
C GLN C 59 -5.99 10.99 2.69
N LYS C 60 -5.72 11.65 3.78
CA LYS C 60 -5.26 13.08 3.68
C LYS C 60 -3.92 13.16 2.94
N LEU C 61 -2.95 12.34 3.31
CA LEU C 61 -1.61 12.39 2.60
C LEU C 61 -1.85 12.52 1.09
N GLN C 62 -2.59 11.61 0.54
CA GLN C 62 -2.86 11.63 -0.92
C GLN C 62 -3.56 12.92 -1.33
N ALA C 63 -4.48 13.40 -0.53
CA ALA C 63 -5.22 14.65 -0.89
C ALA C 63 -4.26 15.85 -0.98
N MET C 64 -3.29 15.92 -0.11
CA MET C 64 -2.36 17.08 -0.12
C MET C 64 -1.56 17.14 -1.44
N HIS C 65 -0.77 16.14 -1.69
CA HIS C 65 0.07 16.13 -2.92
C HIS C 65 -0.78 16.21 -4.19
N ARG C 66 -1.87 15.51 -4.27
CA ARG C 66 -2.70 15.58 -5.51
C ARG C 66 -3.27 17.00 -5.65
N GLU C 67 -3.41 17.71 -4.56
CA GLU C 67 -3.97 19.10 -4.67
C GLU C 67 -2.86 20.03 -5.19
N LYS C 68 -1.63 19.61 -5.10
CA LYS C 68 -0.51 20.47 -5.60
C LYS C 68 -0.34 20.27 -7.12
N TYR C 69 -1.11 19.36 -7.68
CA TYR C 69 -1.01 19.08 -9.16
C TYR C 69 -2.43 19.08 -9.76
N PRO C 70 -3.14 20.18 -9.61
CA PRO C 70 -4.54 20.28 -10.10
C PRO C 70 -4.73 19.56 -11.44
N ASN C 71 -4.51 20.23 -12.55
CA ASN C 71 -4.72 19.55 -13.87
C ASN C 71 -3.41 18.91 -14.33
N TYR C 72 -2.36 19.05 -13.57
CA TYR C 72 -1.06 18.44 -13.98
C TYR C 72 -1.13 16.93 -13.72
N LYS C 73 -1.03 16.13 -14.76
CA LYS C 73 -1.09 14.63 -14.58
C LYS C 73 0.07 13.97 -15.34
N TYR C 74 0.19 12.68 -15.25
CA TYR C 74 1.29 11.97 -15.96
C TYR C 74 1.33 12.45 -17.42
N ARG C 75 2.44 12.25 -18.08
CA ARG C 75 2.56 12.67 -19.52
C ARG C 75 3.21 11.55 -20.32
N ASP C 3 9.15 18.94 -12.91
CA ASP C 3 9.01 17.73 -13.77
C ASP C 3 8.09 16.71 -13.08
N ARG C 4 8.66 15.73 -12.45
CA ARG C 4 7.83 14.71 -11.77
C ARG C 4 7.23 15.33 -10.50
N VAL C 5 5.96 15.13 -10.28
CA VAL C 5 5.30 15.70 -9.07
C VAL C 5 5.58 14.78 -7.87
N LYS C 6 5.36 15.24 -6.67
CA LYS C 6 5.64 14.39 -5.48
C LYS C 6 4.55 13.31 -5.34
N ARG C 7 4.87 12.22 -4.70
CA ARG C 7 3.85 11.12 -4.57
C ARG C 7 4.07 10.30 -3.26
N PRO C 8 3.05 10.16 -2.42
CA PRO C 8 3.20 9.36 -1.19
C PRO C 8 3.24 7.86 -1.56
N MET C 9 3.37 7.00 -0.60
CA MET C 9 3.38 5.54 -0.91
C MET C 9 2.01 5.15 -1.47
N ASN C 10 1.91 4.06 -2.19
CA ASN C 10 0.58 3.65 -2.72
C ASN C 10 -0.14 2.83 -1.66
N ALA C 11 -1.43 2.99 -1.54
CA ALA C 11 -2.18 2.22 -0.51
C ALA C 11 -1.78 0.74 -0.57
N PHE C 12 -1.35 0.28 -1.71
CA PHE C 12 -0.93 -1.14 -1.83
C PHE C 12 0.44 -1.31 -1.19
N ILE C 13 1.39 -0.51 -1.57
CA ILE C 13 2.74 -0.66 -0.98
C ILE C 13 2.66 -0.37 0.52
N VAL C 14 1.69 0.38 0.98
CA VAL C 14 1.58 0.62 2.45
C VAL C 14 1.57 -0.75 3.14
N TRP C 15 0.72 -1.63 2.70
CA TRP C 15 0.69 -2.99 3.31
C TRP C 15 2.10 -3.55 3.29
N SER C 16 2.73 -3.57 2.14
CA SER C 16 4.12 -4.12 2.04
C SER C 16 4.94 -3.74 3.27
N ARG C 17 5.22 -2.48 3.44
CA ARG C 17 6.01 -2.02 4.63
C ARG C 17 5.60 -2.79 5.89
N ASP C 18 4.43 -2.54 6.41
CA ASP C 18 3.98 -3.22 7.66
C ASP C 18 3.57 -4.68 7.40
N GLN C 19 2.64 -4.91 6.52
CA GLN C 19 2.18 -6.31 6.26
C GLN C 19 3.37 -7.24 6.00
N ARG C 20 4.31 -6.85 5.20
CA ARG C 20 5.46 -7.76 4.95
C ARG C 20 6.17 -8.05 6.27
N ARG C 21 6.33 -7.06 7.10
CA ARG C 21 7.03 -7.30 8.40
C ARG C 21 6.37 -8.48 9.09
N LYS C 22 5.09 -8.66 8.90
CA LYS C 22 4.41 -9.82 9.53
C LYS C 22 4.96 -11.10 8.92
N MET C 23 4.94 -11.19 7.62
CA MET C 23 5.47 -12.40 6.94
C MET C 23 6.97 -12.52 7.21
N ALA C 24 7.63 -11.42 7.48
CA ALA C 24 9.09 -11.48 7.72
C ALA C 24 9.38 -12.10 9.10
N LEU C 25 8.46 -12.03 10.01
CA LEU C 25 8.71 -12.62 11.37
C LEU C 25 8.81 -14.13 11.27
N GLU C 26 7.77 -14.77 10.83
CA GLU C 26 7.77 -16.24 10.73
C GLU C 26 8.53 -16.70 9.47
N ASN C 27 8.63 -15.83 8.48
CA ASN C 27 9.35 -16.20 7.21
C ASN C 27 10.24 -15.04 6.76
N PRO C 28 11.26 -14.73 7.53
CA PRO C 28 12.19 -13.63 7.22
C PRO C 28 12.62 -13.66 5.74
N ARG C 29 13.49 -14.56 5.35
CA ARG C 29 13.97 -14.58 3.93
C ARG C 29 13.30 -15.68 3.11
N MET C 30 12.21 -15.37 2.47
CA MET C 30 11.53 -16.39 1.61
C MET C 30 12.30 -16.49 0.30
N ARG C 31 12.31 -17.63 -0.33
CA ARG C 31 13.05 -17.76 -1.61
C ARG C 31 12.25 -17.10 -2.74
N ASN C 32 11.34 -17.82 -3.36
CA ASN C 32 10.55 -17.23 -4.47
C ASN C 32 9.71 -16.05 -3.96
N SER C 33 8.85 -15.53 -4.80
CA SER C 33 8.01 -14.36 -4.40
C SER C 33 6.63 -14.86 -3.94
N GLU C 34 6.54 -15.41 -2.75
CA GLU C 34 5.23 -15.91 -2.26
C GLU C 34 4.44 -14.75 -1.65
N ILE C 35 5.07 -13.95 -0.84
CA ILE C 35 4.37 -12.80 -0.22
C ILE C 35 3.60 -12.02 -1.29
N SER C 36 3.96 -12.20 -2.53
CA SER C 36 3.26 -11.47 -3.63
C SER C 36 1.87 -12.07 -3.87
N LYS C 37 1.81 -13.27 -4.37
CA LYS C 37 0.49 -13.90 -4.65
C LYS C 37 -0.30 -14.06 -3.35
N GLN C 38 0.36 -14.05 -2.23
CA GLN C 38 -0.37 -14.21 -0.95
C GLN C 38 -1.26 -12.98 -0.73
N LEU C 39 -0.73 -11.82 -0.98
CA LEU C 39 -1.55 -10.58 -0.79
C LEU C 39 -2.75 -10.62 -1.74
N GLY C 40 -2.53 -10.92 -2.98
CA GLY C 40 -3.68 -10.98 -3.95
C GLY C 40 -4.81 -11.80 -3.32
N TYR C 41 -4.48 -12.87 -2.65
CA TYR C 41 -5.52 -13.70 -2.00
C TYR C 41 -6.21 -12.87 -0.92
N GLN C 42 -5.47 -12.05 -0.21
CA GLN C 42 -6.09 -11.20 0.86
C GLN C 42 -7.04 -10.18 0.22
N TRP C 43 -6.66 -9.64 -0.90
CA TRP C 43 -7.53 -8.64 -1.59
C TRP C 43 -8.90 -9.24 -1.87
N LYS C 44 -8.96 -10.48 -2.23
CA LYS C 44 -10.30 -11.11 -2.48
C LYS C 44 -11.03 -11.24 -1.13
N MET C 45 -10.31 -11.10 -0.05
CA MET C 45 -10.92 -11.20 1.31
C MET C 45 -10.17 -10.22 2.22
N LEU C 46 -10.42 -8.95 2.07
CA LEU C 46 -9.70 -7.91 2.87
C LEU C 46 -10.02 -8.04 4.36
N THR C 47 -9.01 -8.01 5.19
CA THR C 47 -9.23 -8.08 6.67
C THR C 47 -9.56 -6.68 7.20
N GLU C 48 -10.70 -6.53 7.82
CA GLU C 48 -11.09 -5.19 8.34
C GLU C 48 -10.05 -4.70 9.36
N ALA C 49 -9.29 -5.59 9.93
CA ALA C 49 -8.26 -5.16 10.91
C ALA C 49 -7.28 -4.19 10.25
N GLU C 50 -7.00 -4.39 8.98
CA GLU C 50 -6.02 -3.52 8.27
C GLU C 50 -6.76 -2.41 7.49
N LYS C 51 -8.04 -2.56 7.24
CA LYS C 51 -8.75 -1.52 6.44
C LYS C 51 -8.90 -0.21 7.22
N TRP C 52 -9.88 -0.13 8.06
CA TRP C 52 -10.14 1.14 8.81
C TRP C 52 -8.83 1.86 9.29
N PRO C 53 -7.93 1.20 10.01
CA PRO C 53 -6.72 1.90 10.50
C PRO C 53 -6.03 2.81 9.46
N PHE C 54 -5.34 2.25 8.49
CA PHE C 54 -4.57 3.12 7.53
C PHE C 54 -5.42 3.71 6.37
N PHE C 55 -6.60 3.22 6.12
CA PHE C 55 -7.38 3.81 4.96
C PHE C 55 -7.73 5.28 5.24
N GLN C 56 -8.28 5.59 6.38
CA GLN C 56 -8.65 7.01 6.66
C GLN C 56 -7.46 7.93 6.36
N GLU C 57 -6.28 7.50 6.67
CA GLU C 57 -5.09 8.36 6.41
C GLU C 57 -4.84 8.49 4.89
N ALA C 58 -4.61 7.41 4.21
CA ALA C 58 -4.33 7.47 2.75
C ALA C 58 -5.33 8.40 2.04
N GLN C 59 -6.47 8.61 2.62
CA GLN C 59 -7.48 9.50 1.97
C GLN C 59 -6.96 10.94 1.92
N LYS C 60 -6.61 11.50 3.04
CA LYS C 60 -6.11 12.91 3.05
C LYS C 60 -4.76 13.02 2.31
N LEU C 61 -3.87 12.07 2.43
CA LEU C 61 -2.56 12.19 1.72
C LEU C 61 -2.79 12.59 0.25
N GLN C 62 -3.45 11.74 -0.49
CA GLN C 62 -3.67 12.03 -1.94
C GLN C 62 -4.45 13.33 -2.15
N ALA C 63 -5.30 13.70 -1.22
CA ALA C 63 -6.11 14.94 -1.41
C ALA C 63 -5.21 16.19 -1.50
N MET C 64 -4.35 16.41 -0.54
CA MET C 64 -3.49 17.63 -0.55
C MET C 64 -2.55 17.65 -1.77
N HIS C 65 -1.80 16.61 -1.98
CA HIS C 65 -0.82 16.59 -3.11
C HIS C 65 -1.52 16.82 -4.45
N ARG C 66 -2.47 16.02 -4.82
CA ARG C 66 -3.13 16.23 -6.14
C ARG C 66 -3.85 17.58 -6.18
N GLU C 67 -4.21 18.12 -5.04
CA GLU C 67 -4.90 19.44 -5.04
C GLU C 67 -3.90 20.55 -5.35
N LYS C 68 -2.63 20.27 -5.25
CA LYS C 68 -1.61 21.33 -5.55
C LYS C 68 -1.42 21.45 -7.07
N TYR C 69 -1.67 20.39 -7.80
CA TYR C 69 -1.51 20.45 -9.29
C TYR C 69 -2.70 19.71 -9.95
N PRO C 70 -3.90 20.21 -9.76
CA PRO C 70 -5.11 19.58 -10.31
C PRO C 70 -4.99 19.33 -11.83
N ASN C 71 -4.52 20.27 -12.58
CA ASN C 71 -4.43 20.07 -14.06
C ASN C 71 -3.28 19.12 -14.42
N TYR C 72 -2.21 19.15 -13.67
CA TYR C 72 -1.07 18.24 -14.00
C TYR C 72 -1.36 16.80 -13.59
N LYS C 73 -1.48 15.91 -14.54
CA LYS C 73 -1.75 14.48 -14.21
C LYS C 73 -0.88 13.59 -15.12
N TYR C 74 -0.58 12.39 -14.70
CA TYR C 74 0.29 11.49 -15.53
C TYR C 74 -0.14 11.55 -17.00
N ARG C 75 0.82 11.51 -17.90
CA ARG C 75 0.50 11.55 -19.37
C ARG C 75 0.90 10.21 -19.99
N ASP C 3 9.67 18.05 -13.42
CA ASP C 3 10.24 16.74 -13.86
C ASP C 3 9.27 15.61 -13.48
N ARG C 4 9.69 14.70 -12.65
CA ARG C 4 8.79 13.58 -12.25
C ARG C 4 7.76 14.07 -11.24
N VAL C 5 6.55 13.59 -11.36
CA VAL C 5 5.46 14.03 -10.43
C VAL C 5 5.60 13.30 -9.09
N LYS C 6 4.98 13.83 -8.07
CA LYS C 6 5.10 13.22 -6.70
C LYS C 6 4.09 12.07 -6.52
N ARG C 7 4.51 11.01 -5.86
CA ARG C 7 3.60 9.85 -5.63
C ARG C 7 4.01 9.15 -4.31
N PRO C 8 3.56 9.67 -3.18
CA PRO C 8 3.93 9.08 -1.87
C PRO C 8 3.56 7.58 -1.83
N MET C 9 3.53 7.00 -0.66
CA MET C 9 3.19 5.56 -0.55
C MET C 9 1.80 5.30 -1.12
N ASN C 10 1.63 4.19 -1.81
CA ASN C 10 0.30 3.85 -2.39
C ASN C 10 -0.44 2.91 -1.44
N ALA C 11 -1.74 3.02 -1.37
CA ALA C 11 -2.53 2.13 -0.46
C ALA C 11 -2.03 0.68 -0.57
N PHE C 12 -1.42 0.34 -1.66
CA PHE C 12 -0.92 -1.06 -1.81
C PHE C 12 0.38 -1.21 -1.02
N ILE C 13 1.37 -0.42 -1.31
CA ILE C 13 2.64 -0.54 -0.56
C ILE C 13 2.39 -0.26 0.91
N VAL C 14 1.32 0.44 1.23
CA VAL C 14 1.02 0.69 2.66
C VAL C 14 0.92 -0.66 3.36
N TRP C 15 0.17 -1.58 2.78
CA TRP C 15 0.07 -2.92 3.40
C TRP C 15 1.48 -3.45 3.59
N SER C 16 2.23 -3.50 2.53
CA SER C 16 3.62 -4.01 2.59
C SER C 16 4.32 -3.44 3.83
N ARG C 17 4.36 -2.15 3.99
CA ARG C 17 5.04 -1.55 5.18
C ARG C 17 4.73 -2.37 6.44
N ASP C 18 3.53 -2.28 6.95
CA ASP C 18 3.18 -3.06 8.18
C ASP C 18 2.93 -4.53 7.83
N GLN C 19 2.10 -4.79 6.87
CA GLN C 19 1.78 -6.20 6.51
C GLN C 19 3.06 -6.99 6.26
N ARG C 20 3.98 -6.47 5.50
CA ARG C 20 5.24 -7.22 5.24
C ARG C 20 5.97 -7.46 6.55
N ARG C 21 5.96 -6.51 7.45
CA ARG C 21 6.66 -6.73 8.74
C ARG C 21 6.19 -8.06 9.31
N LYS C 22 4.98 -8.44 9.02
CA LYS C 22 4.46 -9.74 9.53
C LYS C 22 5.20 -10.88 8.83
N MET C 23 5.19 -10.90 7.53
CA MET C 23 5.88 -11.98 6.77
C MET C 23 7.39 -11.93 7.05
N ALA C 24 7.93 -10.78 7.33
CA ALA C 24 9.38 -10.68 7.58
C ALA C 24 9.76 -11.28 8.94
N LEU C 25 8.86 -11.26 9.89
CA LEU C 25 9.20 -11.84 11.22
C LEU C 25 9.36 -13.35 11.12
N GLU C 26 8.28 -14.05 10.95
CA GLU C 26 8.33 -15.53 10.88
C GLU C 26 8.66 -16.04 9.46
N ASN C 27 8.58 -15.22 8.44
CA ASN C 27 8.89 -15.71 7.05
C ASN C 27 9.82 -14.76 6.27
N PRO C 28 10.92 -14.34 6.87
CA PRO C 28 11.88 -13.45 6.17
C PRO C 28 12.65 -14.25 5.10
N ARG C 29 12.50 -15.55 5.08
CA ARG C 29 13.24 -16.40 4.08
C ARG C 29 12.31 -16.91 2.99
N MET C 30 11.67 -16.03 2.27
CA MET C 30 10.78 -16.50 1.16
C MET C 30 11.65 -16.88 -0.05
N ARG C 31 11.33 -17.96 -0.71
CA ARG C 31 12.15 -18.37 -1.88
C ARG C 31 11.82 -17.48 -3.07
N ASN C 32 11.07 -17.98 -4.02
CA ASN C 32 10.71 -17.15 -5.21
C ASN C 32 9.88 -15.95 -4.76
N SER C 33 9.02 -15.46 -5.60
CA SER C 33 8.17 -14.28 -5.24
C SER C 33 6.77 -14.77 -4.82
N GLU C 34 6.67 -15.40 -3.68
CA GLU C 34 5.35 -15.91 -3.22
C GLU C 34 4.60 -14.80 -2.48
N ILE C 35 5.27 -14.12 -1.59
CA ILE C 35 4.60 -13.03 -0.82
C ILE C 35 3.79 -12.13 -1.77
N SER C 36 4.06 -12.20 -3.05
CA SER C 36 3.30 -11.35 -4.01
C SER C 36 1.91 -11.94 -4.26
N LYS C 37 1.85 -13.11 -4.83
CA LYS C 37 0.52 -13.74 -5.11
C LYS C 37 -0.20 -14.03 -3.80
N GLN C 38 0.52 -14.15 -2.72
CA GLN C 38 -0.15 -14.42 -1.41
C GLN C 38 -1.02 -13.23 -1.05
N LEU C 39 -0.47 -12.05 -1.07
CA LEU C 39 -1.28 -10.86 -0.74
C LEU C 39 -2.47 -10.81 -1.69
N GLY C 40 -2.33 -11.36 -2.85
CA GLY C 40 -3.48 -11.36 -3.81
C GLY C 40 -4.66 -12.06 -3.13
N TYR C 41 -4.40 -13.14 -2.44
CA TYR C 41 -5.51 -13.86 -1.74
C TYR C 41 -6.17 -12.90 -0.73
N GLN C 42 -5.37 -12.11 -0.04
CA GLN C 42 -5.95 -11.14 0.94
C GLN C 42 -6.85 -10.15 0.20
N TRP C 43 -6.47 -9.77 -0.99
CA TRP C 43 -7.30 -8.82 -1.77
C TRP C 43 -8.67 -9.44 -2.06
N LYS C 44 -8.71 -10.70 -2.40
CA LYS C 44 -10.04 -11.33 -2.65
C LYS C 44 -10.78 -11.47 -1.32
N MET C 45 -10.08 -11.30 -0.23
CA MET C 45 -10.70 -11.40 1.12
C MET C 45 -9.99 -10.40 2.04
N LEU C 46 -10.27 -9.14 1.89
CA LEU C 46 -9.59 -8.09 2.71
C LEU C 46 -9.97 -8.23 4.19
N THR C 47 -8.99 -8.11 5.05
CA THR C 47 -9.26 -8.20 6.51
C THR C 47 -9.74 -6.83 7.01
N GLU C 48 -10.88 -6.77 7.66
CA GLU C 48 -11.39 -5.46 8.16
C GLU C 48 -10.44 -4.92 9.23
N ALA C 49 -9.74 -5.77 9.91
CA ALA C 49 -8.80 -5.31 10.97
C ALA C 49 -7.75 -4.38 10.37
N GLU C 50 -7.48 -4.51 9.10
CA GLU C 50 -6.44 -3.65 8.45
C GLU C 50 -7.10 -2.59 7.53
N LYS C 51 -8.32 -2.76 7.13
CA LYS C 51 -8.95 -1.75 6.21
C LYS C 51 -9.20 -0.42 6.91
N TRP C 52 -10.21 -0.34 7.72
CA TRP C 52 -10.54 0.97 8.37
C TRP C 52 -9.31 1.75 8.92
N PRO C 53 -8.44 1.15 9.73
CA PRO C 53 -7.30 1.91 10.30
C PRO C 53 -6.48 2.74 9.28
N PHE C 54 -5.74 2.12 8.39
CA PHE C 54 -4.86 2.92 7.47
C PHE C 54 -5.61 3.67 6.34
N PHE C 55 -6.84 3.38 6.07
CA PHE C 55 -7.53 4.17 4.98
C PHE C 55 -7.65 5.64 5.41
N GLN C 56 -7.77 5.89 6.68
CA GLN C 56 -7.89 7.31 7.14
C GLN C 56 -6.72 8.12 6.56
N GLU C 57 -5.51 7.67 6.78
CA GLU C 57 -4.32 8.40 6.26
C GLU C 57 -4.34 8.38 4.73
N ALA C 58 -4.83 7.34 4.13
CA ALA C 58 -4.85 7.29 2.64
C ALA C 58 -5.49 8.58 2.11
N GLN C 59 -6.41 9.13 2.86
CA GLN C 59 -7.09 10.38 2.43
C GLN C 59 -6.17 11.60 2.49
N LYS C 60 -5.34 11.73 3.51
CA LYS C 60 -4.48 12.94 3.59
C LYS C 60 -3.50 12.97 2.41
N LEU C 61 -2.98 11.85 1.99
CA LEU C 61 -2.02 11.87 0.85
C LEU C 61 -2.74 12.44 -0.37
N GLN C 62 -3.87 11.90 -0.72
CA GLN C 62 -4.62 12.41 -1.91
C GLN C 62 -5.09 13.85 -1.67
N ALA C 63 -5.69 14.12 -0.55
CA ALA C 63 -6.19 15.50 -0.30
C ALA C 63 -5.08 16.54 -0.47
N MET C 64 -4.01 16.43 0.27
CA MET C 64 -2.92 17.43 0.17
C MET C 64 -2.26 17.40 -1.23
N HIS C 65 -1.55 16.36 -1.52
CA HIS C 65 -0.80 16.26 -2.81
C HIS C 65 -1.73 16.34 -4.04
N ARG C 66 -2.80 15.61 -4.09
CA ARG C 66 -3.67 15.68 -5.30
C ARG C 66 -4.23 17.10 -5.46
N GLU C 67 -4.32 17.85 -4.39
CA GLU C 67 -4.84 19.23 -4.50
C GLU C 67 -3.77 20.15 -5.08
N LYS C 68 -2.52 19.83 -4.93
CA LYS C 68 -1.44 20.69 -5.49
C LYS C 68 -1.22 20.35 -6.96
N TYR C 69 -1.82 19.29 -7.43
CA TYR C 69 -1.67 18.89 -8.88
C TYR C 69 -3.06 18.52 -9.42
N PRO C 70 -3.96 19.48 -9.48
CA PRO C 70 -5.34 19.25 -9.95
C PRO C 70 -5.41 18.39 -11.22
N ASN C 71 -5.13 18.96 -12.37
CA ASN C 71 -5.25 18.17 -13.64
C ASN C 71 -3.91 17.61 -14.12
N TYR C 72 -2.90 17.53 -13.30
CA TYR C 72 -1.61 16.96 -13.82
C TYR C 72 -1.79 15.46 -14.03
N LYS C 73 -1.71 14.97 -15.25
CA LYS C 73 -1.88 13.50 -15.51
C LYS C 73 -0.55 12.88 -15.94
N TYR C 74 -0.40 11.59 -15.76
CA TYR C 74 0.87 10.93 -16.17
C TYR C 74 0.95 10.89 -17.70
N ARG C 75 2.13 11.00 -18.24
CA ARG C 75 2.30 10.96 -19.73
C ARG C 75 3.54 10.16 -20.09
N ASP C 3 10.79 17.25 -13.93
CA ASP C 3 9.76 16.60 -14.80
C ASP C 3 8.65 16.02 -13.92
N ARG C 4 8.87 14.87 -13.36
CA ARG C 4 7.84 14.25 -12.48
C ARG C 4 7.80 14.95 -11.13
N VAL C 5 6.63 15.13 -10.58
CA VAL C 5 6.51 15.81 -9.25
C VAL C 5 6.73 14.77 -8.14
N LYS C 6 6.57 15.15 -6.89
CA LYS C 6 6.77 14.17 -5.79
C LYS C 6 5.60 13.19 -5.76
N ARG C 7 5.73 12.08 -5.08
CA ARG C 7 4.61 11.09 -5.04
C ARG C 7 4.61 10.32 -3.68
N PRO C 8 3.51 10.36 -2.92
CA PRO C 8 3.45 9.63 -1.63
C PRO C 8 3.28 8.12 -1.89
N MET C 9 3.35 7.31 -0.87
CA MET C 9 3.17 5.85 -1.06
C MET C 9 1.72 5.58 -1.50
N ASN C 10 1.46 4.45 -2.10
CA ASN C 10 0.07 4.13 -2.53
C ASN C 10 -0.62 3.28 -1.46
N ALA C 11 -1.91 3.42 -1.30
CA ALA C 11 -2.64 2.63 -0.26
C ALA C 11 -2.20 1.15 -0.33
N PHE C 12 -1.73 0.73 -1.46
CA PHE C 12 -1.29 -0.69 -1.60
C PHE C 12 0.07 -0.87 -0.91
N ILE C 13 1.04 -0.05 -1.23
CA ILE C 13 2.37 -0.21 -0.58
C ILE C 13 2.21 0.06 0.93
N VAL C 14 1.13 0.66 1.36
CA VAL C 14 0.95 0.87 2.82
C VAL C 14 0.95 -0.53 3.46
N TRP C 15 0.18 -1.43 2.91
CA TRP C 15 0.16 -2.82 3.45
C TRP C 15 1.60 -3.32 3.48
N SER C 16 2.28 -3.22 2.37
CA SER C 16 3.71 -3.69 2.31
C SER C 16 4.44 -3.26 3.58
N ARG C 17 4.45 -1.99 3.88
CA ARG C 17 5.17 -1.52 5.10
C ARG C 17 4.86 -2.44 6.29
N ASP C 18 3.70 -2.30 6.88
CA ASP C 18 3.36 -3.15 8.07
C ASP C 18 3.01 -4.57 7.65
N GLN C 19 2.18 -4.75 6.67
CA GLN C 19 1.78 -6.13 6.27
C GLN C 19 3.04 -6.99 6.02
N ARG C 20 4.04 -6.44 5.38
CA ARG C 20 5.27 -7.25 5.13
C ARG C 20 5.87 -7.64 6.47
N ARG C 21 5.90 -6.74 7.41
CA ARG C 21 6.49 -7.08 8.73
C ARG C 21 5.87 -8.38 9.24
N LYS C 22 4.61 -8.61 8.96
CA LYS C 22 3.97 -9.87 9.45
C LYS C 22 4.66 -11.07 8.80
N MET C 23 4.64 -11.15 7.51
CA MET C 23 5.29 -12.29 6.81
C MET C 23 6.78 -12.31 7.19
N ALA C 24 7.33 -11.17 7.51
CA ALA C 24 8.78 -11.13 7.89
C ALA C 24 8.97 -11.76 9.28
N LEU C 25 7.92 -11.95 10.02
CA LEU C 25 8.06 -12.56 11.39
C LEU C 25 8.57 -14.00 11.26
N GLU C 26 7.73 -14.88 10.79
CA GLU C 26 8.10 -16.32 10.68
C GLU C 26 8.84 -16.64 9.37
N ASN C 27 8.83 -15.77 8.39
CA ASN C 27 9.51 -16.09 7.08
C ASN C 27 10.48 -14.99 6.62
N PRO C 28 11.25 -14.43 7.52
CA PRO C 28 12.24 -13.39 7.14
C PRO C 28 13.27 -13.96 6.13
N ARG C 29 13.11 -15.19 5.71
CA ARG C 29 14.10 -15.79 4.75
C ARG C 29 13.36 -16.42 3.56
N MET C 30 12.66 -15.63 2.79
CA MET C 30 11.95 -16.19 1.60
C MET C 30 12.94 -16.30 0.43
N ARG C 31 13.36 -17.49 0.11
CA ARG C 31 14.33 -17.66 -1.00
C ARG C 31 13.58 -17.61 -2.34
N ASN C 32 12.43 -16.98 -2.35
CA ASN C 32 11.65 -16.88 -3.63
C ASN C 32 10.67 -15.71 -3.53
N SER C 33 10.00 -15.40 -4.61
CA SER C 33 9.03 -14.25 -4.60
C SER C 33 7.61 -14.78 -4.35
N GLU C 34 7.39 -15.46 -3.27
CA GLU C 34 6.01 -15.99 -2.98
C GLU C 34 5.20 -14.91 -2.26
N ILE C 35 5.82 -14.22 -1.34
CA ILE C 35 5.10 -13.16 -0.59
C ILE C 35 4.34 -12.26 -1.56
N SER C 36 4.70 -12.28 -2.82
CA SER C 36 3.99 -11.41 -3.81
C SER C 36 2.61 -11.99 -4.12
N LYS C 37 2.56 -13.18 -4.70
CA LYS C 37 1.25 -13.78 -5.04
C LYS C 37 0.44 -14.05 -3.76
N GLN C 38 1.09 -14.20 -2.65
CA GLN C 38 0.35 -14.46 -1.39
C GLN C 38 -0.53 -13.25 -1.05
N LEU C 39 0.01 -12.06 -1.14
CA LEU C 39 -0.83 -10.87 -0.83
C LEU C 39 -2.03 -10.85 -1.78
N GLY C 40 -1.83 -11.24 -3.01
CA GLY C 40 -2.97 -11.24 -3.97
C GLY C 40 -4.14 -11.99 -3.33
N TYR C 41 -3.87 -13.11 -2.72
CA TYR C 41 -4.95 -13.91 -2.07
C TYR C 41 -5.64 -13.04 -1.00
N GLN C 42 -4.89 -12.26 -0.26
CA GLN C 42 -5.51 -11.40 0.80
C GLN C 42 -6.43 -10.37 0.14
N TRP C 43 -6.12 -9.95 -1.05
CA TRP C 43 -6.95 -8.95 -1.76
C TRP C 43 -8.31 -9.55 -2.12
N LYS C 44 -8.36 -10.74 -2.64
CA LYS C 44 -9.68 -11.34 -2.96
C LYS C 44 -10.44 -11.53 -1.66
N MET C 45 -9.77 -11.36 -0.56
CA MET C 45 -10.40 -11.50 0.79
C MET C 45 -9.73 -10.50 1.73
N LEU C 46 -9.99 -9.24 1.55
CA LEU C 46 -9.33 -8.20 2.39
C LEU C 46 -9.75 -8.34 3.86
N THR C 47 -8.80 -8.20 4.74
CA THR C 47 -9.11 -8.31 6.21
C THR C 47 -9.59 -6.93 6.71
N GLU C 48 -10.86 -6.80 6.99
CA GLU C 48 -11.40 -5.49 7.47
C GLU C 48 -10.61 -5.00 8.68
N ALA C 49 -9.92 -5.88 9.35
CA ALA C 49 -9.13 -5.45 10.55
C ALA C 49 -8.08 -4.41 10.14
N GLU C 50 -7.49 -4.56 8.99
CA GLU C 50 -6.44 -3.60 8.54
C GLU C 50 -7.03 -2.50 7.64
N LYS C 51 -8.23 -2.69 7.15
CA LYS C 51 -8.83 -1.66 6.24
C LYS C 51 -9.20 -0.38 6.99
N TRP C 52 -10.34 -0.37 7.62
CA TRP C 52 -10.81 0.85 8.35
C TRP C 52 -9.65 1.66 8.99
N PRO C 53 -8.84 1.08 9.86
CA PRO C 53 -7.74 1.83 10.52
C PRO C 53 -6.94 2.77 9.58
N PHE C 54 -6.02 2.26 8.79
CA PHE C 54 -5.17 3.18 7.96
C PHE C 54 -5.89 3.76 6.73
N PHE C 55 -7.05 3.29 6.37
CA PHE C 55 -7.72 3.89 5.18
C PHE C 55 -8.15 5.33 5.50
N GLN C 56 -8.51 5.61 6.72
CA GLN C 56 -8.92 7.02 7.06
C GLN C 56 -7.78 7.97 6.70
N GLU C 57 -6.61 7.70 7.20
CA GLU C 57 -5.45 8.58 6.92
C GLU C 57 -5.12 8.55 5.43
N ALA C 58 -4.95 7.39 4.86
CA ALA C 58 -4.58 7.29 3.41
C ALA C 58 -5.45 8.24 2.57
N GLN C 59 -6.62 8.58 3.04
CA GLN C 59 -7.48 9.50 2.25
C GLN C 59 -6.87 10.89 2.16
N LYS C 60 -6.53 11.50 3.27
CA LYS C 60 -5.95 12.87 3.20
C LYS C 60 -4.58 12.86 2.49
N LEU C 61 -3.74 11.87 2.74
CA LEU C 61 -2.40 11.84 2.04
C LEU C 61 -2.59 12.16 0.55
N GLN C 62 -3.38 11.37 -0.14
CA GLN C 62 -3.59 11.63 -1.60
C GLN C 62 -4.22 13.00 -1.82
N ALA C 63 -5.30 13.29 -1.16
CA ALA C 63 -5.97 14.62 -1.38
C ALA C 63 -4.99 15.77 -1.12
N MET C 64 -4.06 15.61 -0.23
CA MET C 64 -3.11 16.73 0.06
C MET C 64 -2.21 17.03 -1.15
N HIS C 65 -1.24 16.19 -1.37
CA HIS C 65 -0.27 16.42 -2.49
C HIS C 65 -0.96 16.43 -3.85
N ARG C 66 -1.97 15.64 -4.04
CA ARG C 66 -2.66 15.64 -5.36
C ARG C 66 -3.32 17.01 -5.59
N GLU C 67 -3.71 17.69 -4.55
CA GLU C 67 -4.36 19.02 -4.70
C GLU C 67 -3.32 20.11 -5.02
N LYS C 68 -2.07 19.89 -4.71
CA LYS C 68 -1.04 20.94 -5.01
C LYS C 68 -0.59 20.87 -6.48
N TYR C 69 -0.98 19.84 -7.20
CA TYR C 69 -0.55 19.71 -8.64
C TYR C 69 -1.74 19.22 -9.50
N PRO C 70 -2.82 19.97 -9.49
CA PRO C 70 -4.05 19.59 -10.22
C PRO C 70 -3.80 19.10 -11.66
N ASN C 71 -3.57 19.99 -12.58
CA ASN C 71 -3.40 19.56 -14.00
C ASN C 71 -2.05 18.88 -14.27
N TYR C 72 -1.08 19.03 -13.41
CA TYR C 72 0.22 18.36 -13.72
C TYR C 72 0.12 16.87 -13.41
N LYS C 73 -0.21 16.07 -14.41
CA LYS C 73 -0.36 14.59 -14.19
C LYS C 73 0.74 13.83 -14.96
N TYR C 74 0.69 12.53 -14.94
CA TYR C 74 1.71 11.72 -15.66
C TYR C 74 1.80 12.18 -17.12
N ARG C 75 2.66 11.55 -17.90
CA ARG C 75 2.81 11.95 -19.34
C ARG C 75 2.77 10.69 -20.22
N ASP C 3 9.91 18.58 -13.38
CA ASP C 3 9.65 17.45 -14.33
C ASP C 3 8.56 16.53 -13.73
N ARG C 4 8.92 15.36 -13.30
CA ARG C 4 7.90 14.45 -12.72
C ARG C 4 7.51 14.95 -11.33
N VAL C 5 6.25 14.87 -11.00
CA VAL C 5 5.78 15.34 -9.66
C VAL C 5 5.98 14.21 -8.64
N LYS C 6 5.89 14.53 -7.38
CA LYS C 6 6.06 13.49 -6.33
C LYS C 6 4.78 12.65 -6.21
N ARG C 7 4.86 11.55 -5.49
CA ARG C 7 3.65 10.68 -5.32
C ARG C 7 3.74 9.98 -3.94
N PRO C 8 2.71 10.07 -3.09
CA PRO C 8 2.74 9.42 -1.78
C PRO C 8 2.77 7.89 -1.97
N MET C 9 3.07 7.15 -0.93
CA MET C 9 3.09 5.66 -1.06
C MET C 9 1.68 5.18 -1.40
N ASN C 10 1.53 4.41 -2.44
CA ASN C 10 0.17 3.95 -2.83
C ASN C 10 -0.43 3.11 -1.70
N ALA C 11 -1.72 3.23 -1.47
CA ALA C 11 -2.37 2.44 -0.39
C ALA C 11 -1.94 0.98 -0.49
N PHE C 12 -1.46 0.58 -1.63
CA PHE C 12 -1.02 -0.84 -1.81
C PHE C 12 0.35 -1.03 -1.15
N ILE C 13 1.31 -0.23 -1.51
CA ILE C 13 2.65 -0.38 -0.89
C ILE C 13 2.52 -0.10 0.61
N VAL C 14 1.49 0.59 1.02
CA VAL C 14 1.33 0.84 2.48
C VAL C 14 1.29 -0.52 3.18
N TRP C 15 0.54 -1.44 2.63
CA TRP C 15 0.47 -2.79 3.23
C TRP C 15 1.89 -3.34 3.34
N SER C 16 2.60 -3.36 2.24
CA SER C 16 4.00 -3.90 2.26
C SER C 16 4.73 -3.43 3.53
N ARG C 17 4.87 -2.13 3.70
CA ARG C 17 5.58 -1.60 4.90
C ARG C 17 5.18 -2.39 6.17
N ASP C 18 4.02 -2.13 6.70
CA ASP C 18 3.58 -2.82 7.95
C ASP C 18 3.21 -4.28 7.67
N GLN C 19 2.41 -4.53 6.67
CA GLN C 19 1.99 -5.93 6.40
C GLN C 19 3.21 -6.85 6.29
N ARG C 20 4.23 -6.46 5.57
CA ARG C 20 5.39 -7.39 5.46
C ARG C 20 5.99 -7.65 6.84
N ARG C 21 6.04 -6.66 7.71
CA ARG C 21 6.64 -6.91 9.05
C ARG C 21 5.99 -8.17 9.65
N LYS C 22 4.72 -8.39 9.37
CA LYS C 22 4.05 -9.62 9.89
C LYS C 22 4.68 -10.84 9.21
N MET C 23 4.61 -10.89 7.90
CA MET C 23 5.19 -12.05 7.17
C MET C 23 6.69 -12.14 7.45
N ALA C 24 7.28 -11.05 7.84
CA ALA C 24 8.75 -11.05 8.13
C ALA C 24 9.02 -11.77 9.46
N LEU C 25 8.23 -11.50 10.46
CA LEU C 25 8.45 -12.15 11.78
C LEU C 25 8.16 -13.65 11.67
N GLU C 26 7.06 -14.00 11.06
CA GLU C 26 6.71 -15.43 10.92
C GLU C 26 7.55 -16.08 9.82
N ASN C 27 7.97 -15.31 8.84
CA ASN C 27 8.80 -15.88 7.73
C ASN C 27 9.89 -14.88 7.33
N PRO C 28 10.85 -14.67 8.21
CA PRO C 28 11.95 -13.73 7.93
C PRO C 28 12.80 -14.28 6.77
N ARG C 29 12.65 -15.55 6.46
CA ARG C 29 13.44 -16.17 5.34
C ARG C 29 12.53 -16.53 4.17
N MET C 30 12.20 -15.59 3.33
CA MET C 30 11.32 -15.92 2.18
C MET C 30 12.16 -16.62 1.11
N ARG C 31 11.85 -17.85 0.80
CA ARG C 31 12.65 -18.56 -0.23
C ARG C 31 12.26 -18.02 -1.61
N ASN C 32 11.22 -18.53 -2.19
CA ASN C 32 10.79 -18.02 -3.53
C ASN C 32 10.01 -16.71 -3.31
N SER C 33 9.40 -16.18 -4.34
CA SER C 33 8.64 -14.91 -4.18
C SER C 33 7.16 -15.22 -3.87
N GLU C 34 6.88 -15.65 -2.67
CA GLU C 34 5.47 -15.99 -2.31
C GLU C 34 4.73 -14.73 -1.80
N ILE C 35 5.38 -13.95 -0.98
CA ILE C 35 4.71 -12.72 -0.44
C ILE C 35 4.00 -11.98 -1.57
N SER C 36 4.37 -12.25 -2.80
CA SER C 36 3.71 -11.58 -3.95
C SER C 36 2.36 -12.26 -4.25
N LYS C 37 2.38 -13.53 -4.53
CA LYS C 37 1.11 -14.25 -4.83
C LYS C 37 0.23 -14.27 -3.58
N GLN C 38 0.83 -14.15 -2.42
CA GLN C 38 0.04 -14.18 -1.16
C GLN C 38 -0.86 -12.95 -1.07
N LEU C 39 -0.32 -11.78 -1.25
CA LEU C 39 -1.16 -10.55 -1.15
C LEU C 39 -2.27 -10.61 -2.20
N GLY C 40 -1.97 -11.09 -3.36
CA GLY C 40 -3.03 -11.18 -4.41
C GLY C 40 -4.18 -11.99 -3.83
N TYR C 41 -3.87 -13.07 -3.17
CA TYR C 41 -4.94 -13.90 -2.57
C TYR C 41 -5.68 -13.09 -1.50
N GLN C 42 -4.99 -12.26 -0.77
CA GLN C 42 -5.65 -11.44 0.28
C GLN C 42 -6.65 -10.47 -0.36
N TRP C 43 -6.33 -9.97 -1.52
CA TRP C 43 -7.25 -9.03 -2.22
C TRP C 43 -8.58 -9.73 -2.54
N LYS C 44 -8.55 -10.96 -2.96
CA LYS C 44 -9.85 -11.65 -3.24
C LYS C 44 -10.58 -11.85 -1.90
N MET C 45 -9.90 -11.57 -0.82
CA MET C 45 -10.51 -11.68 0.55
C MET C 45 -9.90 -10.58 1.41
N LEU C 46 -10.24 -9.34 1.14
CA LEU C 46 -9.64 -8.20 1.91
C LEU C 46 -10.00 -8.27 3.40
N THR C 47 -9.01 -8.22 4.24
CA THR C 47 -9.26 -8.23 5.71
C THR C 47 -9.54 -6.79 6.18
N GLU C 48 -10.74 -6.52 6.61
CA GLU C 48 -11.07 -5.14 7.08
C GLU C 48 -10.24 -4.79 8.31
N ALA C 49 -9.68 -5.78 8.94
CA ALA C 49 -8.86 -5.53 10.16
C ALA C 49 -7.66 -4.65 9.81
N GLU C 50 -7.18 -4.73 8.60
CA GLU C 50 -6.00 -3.93 8.18
C GLU C 50 -6.44 -2.67 7.42
N LYS C 51 -7.62 -2.68 6.84
CA LYS C 51 -8.07 -1.48 6.06
C LYS C 51 -8.37 -0.30 6.99
N TRP C 52 -9.50 -0.34 7.65
CA TRP C 52 -9.90 0.80 8.54
C TRP C 52 -8.69 1.51 9.20
N PRO C 53 -7.84 0.81 9.93
CA PRO C 53 -6.67 1.46 10.57
C PRO C 53 -5.95 2.48 9.66
N PHE C 54 -5.15 2.04 8.72
CA PHE C 54 -4.38 3.02 7.88
C PHE C 54 -5.27 3.77 6.85
N PHE C 55 -6.47 3.33 6.62
CA PHE C 55 -7.31 4.05 5.62
C PHE C 55 -7.59 5.50 6.08
N GLN C 56 -7.88 5.72 7.34
CA GLN C 56 -8.16 7.12 7.78
C GLN C 56 -7.02 8.05 7.34
N GLU C 57 -5.80 7.71 7.69
CA GLU C 57 -4.65 8.59 7.31
C GLU C 57 -4.51 8.65 5.78
N ALA C 58 -4.61 7.55 5.10
CA ALA C 58 -4.45 7.59 3.62
C ALA C 58 -5.40 8.63 3.01
N GLN C 59 -6.43 9.01 3.70
CA GLN C 59 -7.37 10.02 3.14
C GLN C 59 -6.70 11.40 3.06
N LYS C 60 -6.12 11.88 4.13
CA LYS C 60 -5.48 13.23 4.08
C LYS C 60 -4.33 13.23 3.07
N LEU C 61 -3.33 12.38 3.24
CA LEU C 61 -2.17 12.34 2.26
C LEU C 61 -2.69 12.60 0.84
N GLN C 62 -3.67 11.86 0.47
CA GLN C 62 -4.27 11.98 -0.88
C GLN C 62 -4.80 13.40 -1.11
N ALA C 63 -5.46 13.95 -0.13
CA ALA C 63 -6.04 15.32 -0.27
C ALA C 63 -4.94 16.38 -0.48
N MET C 64 -3.83 16.25 0.19
CA MET C 64 -2.74 17.27 0.06
C MET C 64 -2.19 17.34 -1.37
N HIS C 65 -1.47 16.34 -1.76
CA HIS C 65 -0.82 16.36 -3.12
C HIS C 65 -1.84 16.39 -4.26
N ARG C 66 -2.93 15.70 -4.17
CA ARG C 66 -3.89 15.73 -5.31
C ARG C 66 -4.40 17.15 -5.55
N GLU C 67 -4.55 17.94 -4.52
CA GLU C 67 -5.05 19.33 -4.74
C GLU C 67 -3.94 20.19 -5.35
N LYS C 68 -2.69 19.83 -5.17
CA LYS C 68 -1.60 20.65 -5.76
C LYS C 68 -1.35 20.23 -7.22
N TYR C 69 -1.80 19.06 -7.61
CA TYR C 69 -1.61 18.60 -9.03
C TYR C 69 -2.89 17.90 -9.54
N PRO C 70 -4.00 18.62 -9.54
CA PRO C 70 -5.30 18.05 -9.97
C PRO C 70 -5.27 17.57 -11.43
N ASN C 71 -5.05 18.45 -12.36
CA ASN C 71 -5.07 18.05 -13.81
C ASN C 71 -3.70 17.54 -14.28
N TYR C 72 -2.77 17.31 -13.40
CA TYR C 72 -1.45 16.80 -13.86
C TYR C 72 -1.59 15.37 -14.39
N LYS C 73 -1.25 15.14 -15.64
CA LYS C 73 -1.36 13.76 -16.22
C LYS C 73 0.03 13.22 -16.54
N TYR C 74 0.24 11.94 -16.35
CA TYR C 74 1.58 11.34 -16.65
C TYR C 74 1.84 11.38 -18.15
N ARG C 75 3.08 11.52 -18.54
CA ARG C 75 3.43 11.56 -19.99
C ARG C 75 4.75 10.81 -20.21
N ASP C 3 10.13 17.44 -13.96
CA ASP C 3 10.12 16.14 -14.68
C ASP C 3 9.09 15.21 -14.05
N ARG C 4 9.51 14.21 -13.35
CA ARG C 4 8.54 13.27 -12.71
C ARG C 4 7.89 13.96 -11.51
N VAL C 5 6.62 13.76 -11.32
CA VAL C 5 5.93 14.40 -10.17
C VAL C 5 6.12 13.55 -8.92
N LYS C 6 5.83 14.10 -7.76
CA LYS C 6 6.00 13.32 -6.50
C LYS C 6 4.83 12.35 -6.38
N ARG C 7 4.98 11.32 -5.59
CA ARG C 7 3.86 10.35 -5.42
C ARG C 7 3.95 9.72 -3.99
N PRO C 8 2.86 9.76 -3.22
CA PRO C 8 2.89 9.19 -1.85
C PRO C 8 2.88 7.66 -1.93
N MET C 9 3.09 6.99 -0.83
CA MET C 9 3.06 5.51 -0.84
C MET C 9 1.66 5.06 -1.24
N ASN C 10 1.53 4.31 -2.30
CA ASN C 10 0.17 3.87 -2.71
C ASN C 10 -0.44 3.06 -1.59
N ALA C 11 -1.72 3.19 -1.36
CA ALA C 11 -2.36 2.40 -0.26
C ALA C 11 -1.95 0.94 -0.40
N PHE C 12 -1.42 0.59 -1.54
CA PHE C 12 -0.99 -0.81 -1.78
C PHE C 12 0.37 -1.05 -1.10
N ILE C 13 1.36 -0.25 -1.40
CA ILE C 13 2.68 -0.45 -0.75
C ILE C 13 2.54 -0.23 0.76
N VAL C 14 1.53 0.48 1.19
CA VAL C 14 1.36 0.69 2.65
C VAL C 14 1.26 -0.69 3.32
N TRP C 15 0.37 -1.52 2.82
CA TRP C 15 0.25 -2.89 3.41
C TRP C 15 1.63 -3.51 3.46
N SER C 16 2.31 -3.53 2.34
CA SER C 16 3.69 -4.14 2.30
C SER C 16 4.45 -3.74 3.57
N ARG C 17 4.62 -2.47 3.81
CA ARG C 17 5.35 -2.03 5.04
C ARG C 17 4.98 -2.90 6.25
N ASP C 18 3.82 -2.66 6.81
CA ASP C 18 3.39 -3.44 8.02
C ASP C 18 2.95 -4.87 7.64
N GLN C 19 2.06 -5.01 6.69
CA GLN C 19 1.61 -6.38 6.33
C GLN C 19 2.82 -7.27 6.06
N ARG C 20 3.84 -6.76 5.43
CA ARG C 20 5.02 -7.63 5.19
C ARG C 20 5.57 -8.09 6.53
N ARG C 21 5.63 -7.22 7.50
CA ARG C 21 6.17 -7.65 8.82
C ARG C 21 5.45 -8.94 9.24
N LYS C 22 4.22 -9.12 8.81
CA LYS C 22 3.51 -10.38 9.16
C LYS C 22 4.23 -11.55 8.50
N MET C 23 4.42 -11.48 7.22
CA MET C 23 5.12 -12.58 6.50
C MET C 23 6.59 -12.64 6.96
N ALA C 24 7.18 -11.50 7.23
CA ALA C 24 8.61 -11.49 7.65
C ALA C 24 8.77 -12.01 9.08
N LEU C 25 7.73 -11.99 9.88
CA LEU C 25 7.88 -12.49 11.27
C LEU C 25 8.01 -14.02 11.25
N GLU C 26 6.97 -14.68 10.85
CA GLU C 26 6.99 -16.17 10.83
C GLU C 26 7.60 -16.71 9.53
N ASN C 27 7.81 -15.89 8.51
CA ASN C 27 8.39 -16.42 7.23
C ASN C 27 9.44 -15.48 6.61
N PRO C 28 10.36 -14.96 7.39
CA PRO C 28 11.43 -14.10 6.86
C PRO C 28 12.35 -14.93 5.94
N ARG C 29 12.08 -16.21 5.83
CA ARG C 29 12.94 -17.10 4.98
C ARG C 29 12.21 -17.43 3.68
N MET C 30 11.80 -16.45 2.93
CA MET C 30 11.11 -16.73 1.64
C MET C 30 12.16 -17.06 0.58
N ARG C 31 12.26 -18.31 0.19
CA ARG C 31 13.28 -18.69 -0.83
C ARG C 31 12.77 -18.35 -2.24
N ASN C 32 11.75 -17.55 -2.35
CA ASN C 32 11.22 -17.20 -3.70
C ASN C 32 10.29 -15.99 -3.59
N SER C 33 9.68 -15.59 -4.68
CA SER C 33 8.77 -14.42 -4.66
C SER C 33 7.32 -14.90 -4.46
N GLU C 34 7.05 -15.52 -3.35
CA GLU C 34 5.66 -16.02 -3.07
C GLU C 34 4.84 -14.90 -2.43
N ILE C 35 5.43 -14.18 -1.52
CA ILE C 35 4.68 -13.08 -0.83
C ILE C 35 3.91 -12.25 -1.86
N SER C 36 4.23 -12.37 -3.12
CA SER C 36 3.48 -11.57 -4.14
C SER C 36 2.07 -12.12 -4.31
N LYS C 37 1.93 -13.31 -4.82
CA LYS C 37 0.59 -13.91 -5.05
C LYS C 37 -0.14 -14.11 -3.71
N GLN C 38 0.59 -14.20 -2.63
CA GLN C 38 -0.08 -14.40 -1.31
C GLN C 38 -0.93 -13.17 -0.98
N LEU C 39 -0.39 -12.01 -1.14
CA LEU C 39 -1.19 -10.78 -0.84
C LEU C 39 -2.41 -10.75 -1.76
N GLY C 40 -2.27 -11.22 -2.97
CA GLY C 40 -3.45 -11.20 -3.89
C GLY C 40 -4.61 -11.91 -3.18
N TYR C 41 -4.33 -12.98 -2.49
CA TYR C 41 -5.41 -13.73 -1.77
C TYR C 41 -6.05 -12.80 -0.73
N GLN C 42 -5.26 -11.99 -0.07
CA GLN C 42 -5.84 -11.05 0.95
C GLN C 42 -6.77 -10.04 0.28
N TRP C 43 -6.34 -9.49 -0.83
CA TRP C 43 -7.18 -8.49 -1.55
C TRP C 43 -8.59 -9.04 -1.78
N LYS C 44 -8.75 -10.28 -2.11
CA LYS C 44 -10.12 -10.82 -2.32
C LYS C 44 -10.83 -10.89 -0.95
N MET C 45 -10.07 -10.90 0.12
CA MET C 45 -10.65 -10.94 1.49
C MET C 45 -9.84 -10.00 2.37
N LEU C 46 -10.05 -8.72 2.22
CA LEU C 46 -9.28 -7.73 3.02
C LEU C 46 -9.59 -7.84 4.51
N THR C 47 -8.58 -7.81 5.32
CA THR C 47 -8.78 -7.88 6.80
C THR C 47 -9.13 -6.48 7.31
N GLU C 48 -10.26 -6.34 7.96
CA GLU C 48 -10.67 -4.99 8.48
C GLU C 48 -9.63 -4.50 9.48
N ALA C 49 -9.00 -5.41 10.18
CA ALA C 49 -7.98 -5.01 11.19
C ALA C 49 -6.89 -4.19 10.51
N GLU C 50 -6.85 -4.20 9.21
CA GLU C 50 -5.80 -3.44 8.46
C GLU C 50 -6.43 -2.26 7.71
N LYS C 51 -7.68 -2.35 7.34
CA LYS C 51 -8.32 -1.24 6.57
C LYS C 51 -8.52 0.01 7.44
N TRP C 52 -9.51 0.00 8.28
CA TRP C 52 -9.80 1.19 9.11
C TRP C 52 -8.53 1.88 9.69
N PRO C 53 -7.62 1.17 10.34
CA PRO C 53 -6.42 1.83 10.92
C PRO C 53 -5.74 2.84 9.96
N PHE C 54 -5.06 2.37 8.94
CA PHE C 54 -4.29 3.33 8.05
C PHE C 54 -5.12 3.94 6.90
N PHE C 55 -6.30 3.46 6.61
CA PHE C 55 -7.06 4.08 5.47
C PHE C 55 -7.40 5.55 5.77
N GLN C 56 -7.90 5.85 6.95
CA GLN C 56 -8.26 7.27 7.26
C GLN C 56 -7.11 8.20 6.84
N GLU C 57 -5.90 7.85 7.17
CA GLU C 57 -4.75 8.70 6.77
C GLU C 57 -4.61 8.71 5.25
N ALA C 58 -4.66 7.56 4.63
CA ALA C 58 -4.52 7.49 3.15
C ALA C 58 -5.49 8.48 2.48
N GLN C 59 -6.50 8.92 3.18
CA GLN C 59 -7.45 9.88 2.55
C GLN C 59 -6.77 11.23 2.33
N LYS C 60 -6.21 11.81 3.36
CA LYS C 60 -5.56 13.15 3.18
C LYS C 60 -4.36 13.05 2.21
N LEU C 61 -3.53 12.03 2.32
CA LEU C 61 -2.37 11.92 1.38
C LEU C 61 -2.85 12.14 -0.07
N GLN C 62 -3.80 11.37 -0.52
CA GLN C 62 -4.30 11.51 -1.91
C GLN C 62 -4.87 12.91 -2.15
N ALA C 63 -5.60 13.44 -1.20
CA ALA C 63 -6.21 14.79 -1.37
C ALA C 63 -5.14 15.88 -1.47
N MET C 64 -4.06 15.75 -0.76
CA MET C 64 -3.01 16.81 -0.81
C MET C 64 -2.45 16.94 -2.24
N HIS C 65 -1.73 15.96 -2.69
CA HIS C 65 -1.11 16.03 -4.04
C HIS C 65 -2.18 16.13 -5.14
N ARG C 66 -3.42 15.83 -4.84
CA ARG C 66 -4.46 15.94 -5.91
C ARG C 66 -4.70 17.42 -6.23
N GLU C 67 -4.76 18.26 -5.23
CA GLU C 67 -5.01 19.71 -5.50
C GLU C 67 -3.77 20.34 -6.15
N LYS C 68 -2.61 19.77 -5.95
CA LYS C 68 -1.38 20.35 -6.57
C LYS C 68 -1.17 19.79 -7.98
N TYR C 69 -1.78 18.67 -8.28
CA TYR C 69 -1.61 18.05 -9.65
C TYR C 69 -2.95 17.48 -10.14
N PRO C 70 -3.99 18.30 -10.12
CA PRO C 70 -5.35 17.87 -10.52
C PRO C 70 -5.37 17.24 -11.92
N ASN C 71 -5.45 18.05 -12.94
CA ASN C 71 -5.53 17.51 -14.32
C ASN C 71 -4.17 17.00 -14.81
N TYR C 72 -3.17 17.01 -14.00
CA TYR C 72 -1.85 16.50 -14.50
C TYR C 72 -1.90 14.98 -14.65
N LYS C 73 -1.67 14.47 -15.85
CA LYS C 73 -1.68 12.99 -16.05
C LYS C 73 -0.25 12.52 -16.30
N TYR C 74 0.09 11.35 -15.88
CA TYR C 74 1.48 10.85 -16.09
C TYR C 74 1.84 10.91 -17.58
N ARG C 75 3.11 11.05 -17.89
CA ARG C 75 3.55 11.11 -19.33
C ARG C 75 4.40 9.88 -19.65
N ASP C 3 5.96 17.73 -15.25
CA ASP C 3 5.39 16.45 -15.74
C ASP C 3 5.41 15.40 -14.62
N ARG C 4 6.54 14.78 -14.40
CA ARG C 4 6.63 13.75 -13.34
C ARG C 4 6.66 14.38 -11.94
N VAL C 5 5.53 14.44 -11.30
CA VAL C 5 5.49 14.99 -9.91
C VAL C 5 5.76 13.83 -8.94
N LYS C 6 5.91 14.09 -7.68
CA LYS C 6 6.17 12.97 -6.73
C LYS C 6 4.87 12.18 -6.57
N ARG C 7 4.86 11.16 -5.76
CA ARG C 7 3.61 10.38 -5.56
C ARG C 7 3.59 9.81 -4.12
N PRO C 8 2.44 9.84 -3.44
CA PRO C 8 2.35 9.32 -2.06
C PRO C 8 2.38 7.78 -2.07
N MET C 9 2.60 7.20 -0.91
CA MET C 9 2.60 5.71 -0.82
C MET C 9 1.19 5.19 -1.17
N ASN C 10 1.09 4.26 -2.07
CA ASN C 10 -0.26 3.74 -2.45
C ASN C 10 -0.80 2.87 -1.32
N ALA C 11 -2.08 2.88 -1.12
CA ALA C 11 -2.68 2.05 -0.04
C ALA C 11 -2.15 0.62 -0.16
N PHE C 12 -1.59 0.29 -1.29
CA PHE C 12 -1.07 -1.09 -1.47
C PHE C 12 0.27 -1.21 -0.72
N ILE C 13 1.17 -0.32 -0.97
CA ILE C 13 2.49 -0.37 -0.27
C ILE C 13 2.28 -0.11 1.23
N VAL C 14 1.23 0.57 1.62
CA VAL C 14 1.01 0.80 3.07
C VAL C 14 0.90 -0.55 3.77
N TRP C 15 0.03 -1.42 3.31
CA TRP C 15 -0.08 -2.76 3.95
C TRP C 15 1.32 -3.35 4.00
N SER C 16 1.99 -3.34 2.88
CA SER C 16 3.35 -3.91 2.82
C SER C 16 4.22 -3.38 3.96
N ARG C 17 4.22 -2.08 4.17
CA ARG C 17 5.05 -1.52 5.27
C ARG C 17 4.89 -2.35 6.54
N ASP C 18 3.77 -2.22 7.20
CA ASP C 18 3.55 -3.00 8.46
C ASP C 18 3.21 -4.47 8.16
N GLN C 19 2.33 -4.71 7.23
CA GLN C 19 1.93 -6.11 6.95
C GLN C 19 3.12 -6.95 6.45
N ARG C 20 3.89 -6.49 5.48
CA ARG C 20 5.02 -7.34 5.01
C ARG C 20 5.98 -7.58 6.17
N ARG C 21 6.19 -6.60 7.01
CA ARG C 21 7.12 -6.80 8.15
C ARG C 21 6.69 -8.07 8.88
N LYS C 22 5.41 -8.34 8.93
CA LYS C 22 4.95 -9.58 9.61
C LYS C 22 5.37 -10.78 8.77
N MET C 23 5.39 -10.63 7.48
CA MET C 23 5.79 -11.75 6.59
C MET C 23 7.27 -12.11 6.82
N ALA C 24 8.08 -11.13 7.10
CA ALA C 24 9.53 -11.41 7.31
C ALA C 24 9.73 -12.13 8.66
N LEU C 25 9.11 -11.64 9.69
CA LEU C 25 9.28 -12.27 11.03
C LEU C 25 8.63 -13.67 11.05
N GLU C 26 7.47 -13.80 10.48
CA GLU C 26 6.76 -15.12 10.49
C GLU C 26 7.26 -16.03 9.36
N ASN C 27 7.66 -15.50 8.24
CA ASN C 27 8.13 -16.37 7.10
C ASN C 27 9.46 -15.86 6.50
N PRO C 28 10.47 -15.74 7.32
CA PRO C 28 11.80 -15.28 6.83
C PRO C 28 12.42 -16.32 5.88
N ARG C 29 11.78 -17.47 5.72
CA ARG C 29 12.36 -18.53 4.82
C ARG C 29 11.59 -18.61 3.49
N MET C 30 11.27 -17.50 2.88
CA MET C 30 10.54 -17.59 1.58
C MET C 30 11.52 -17.93 0.46
N ARG C 31 11.13 -18.84 -0.38
CA ARG C 31 12.00 -19.27 -1.50
C ARG C 31 11.98 -18.21 -2.61
N ASN C 32 10.96 -18.22 -3.44
CA ASN C 32 10.89 -17.22 -4.56
C ASN C 32 10.00 -16.03 -4.16
N SER C 33 9.37 -15.40 -5.12
CA SER C 33 8.49 -14.22 -4.82
C SER C 33 7.05 -14.67 -4.58
N GLU C 34 6.78 -15.29 -3.47
CA GLU C 34 5.37 -15.74 -3.17
C GLU C 34 4.63 -14.59 -2.50
N ILE C 35 5.27 -13.94 -1.57
CA ILE C 35 4.62 -12.80 -0.85
C ILE C 35 3.85 -11.91 -1.84
N SER C 36 4.16 -11.99 -3.11
CA SER C 36 3.43 -11.14 -4.09
C SER C 36 2.02 -11.72 -4.32
N LYS C 37 1.93 -12.93 -4.80
CA LYS C 37 0.60 -13.54 -5.04
C LYS C 37 -0.15 -13.72 -3.71
N GLN C 38 0.56 -13.84 -2.61
CA GLN C 38 -0.13 -14.03 -1.31
C GLN C 38 -0.90 -12.76 -0.95
N LEU C 39 -0.32 -11.61 -1.10
CA LEU C 39 -1.07 -10.37 -0.77
C LEU C 39 -2.32 -10.35 -1.63
N GLY C 40 -2.25 -10.88 -2.82
CA GLY C 40 -3.45 -10.91 -3.70
C GLY C 40 -4.57 -11.62 -2.95
N TYR C 41 -4.26 -12.68 -2.25
CA TYR C 41 -5.30 -13.42 -1.49
C TYR C 41 -5.92 -12.48 -0.45
N GLN C 42 -5.12 -11.68 0.20
CA GLN C 42 -5.66 -10.74 1.23
C GLN C 42 -6.63 -9.75 0.55
N TRP C 43 -6.30 -9.32 -0.62
CA TRP C 43 -7.19 -8.37 -1.35
C TRP C 43 -8.59 -8.95 -1.49
N LYS C 44 -8.71 -10.21 -1.79
CA LYS C 44 -10.07 -10.79 -1.90
C LYS C 44 -10.70 -10.89 -0.51
N MET C 45 -9.88 -10.76 0.52
CA MET C 45 -10.40 -10.82 1.93
C MET C 45 -9.60 -9.83 2.78
N LEU C 46 -9.91 -8.56 2.67
CA LEU C 46 -9.16 -7.53 3.44
C LEU C 46 -9.41 -7.67 4.96
N THR C 47 -8.37 -7.62 5.75
CA THR C 47 -8.52 -7.74 7.23
C THR C 47 -8.94 -6.39 7.81
N GLU C 48 -10.09 -6.33 8.44
CA GLU C 48 -10.57 -5.03 9.03
C GLU C 48 -9.59 -4.51 10.07
N ALA C 49 -8.87 -5.38 10.74
CA ALA C 49 -7.91 -4.92 11.78
C ALA C 49 -6.87 -3.98 11.15
N GLU C 50 -6.69 -4.06 9.85
CA GLU C 50 -5.67 -3.20 9.17
C GLU C 50 -6.36 -2.10 8.34
N LYS C 51 -7.61 -2.27 8.01
CA LYS C 51 -8.32 -1.25 7.16
C LYS C 51 -8.52 0.06 7.93
N TRP C 52 -9.48 0.09 8.80
CA TRP C 52 -9.80 1.35 9.53
C TRP C 52 -8.54 2.14 10.02
N PRO C 53 -7.60 1.52 10.71
CA PRO C 53 -6.42 2.27 11.21
C PRO C 53 -5.79 3.21 10.15
N PHE C 54 -5.08 2.70 9.17
CA PHE C 54 -4.39 3.63 8.21
C PHE C 54 -5.30 4.14 7.08
N PHE C 55 -6.47 3.61 6.87
CA PHE C 55 -7.32 4.15 5.77
C PHE C 55 -7.72 5.59 6.09
N GLN C 56 -8.11 5.88 7.30
CA GLN C 56 -8.52 7.27 7.64
C GLN C 56 -7.41 8.24 7.22
N GLU C 57 -6.20 7.94 7.58
CA GLU C 57 -5.07 8.84 7.21
C GLU C 57 -4.90 8.84 5.69
N ALA C 58 -4.82 7.69 5.09
CA ALA C 58 -4.63 7.63 3.60
C ALA C 58 -5.59 8.60 2.90
N GLN C 59 -6.68 8.95 3.53
CA GLN C 59 -7.63 9.89 2.87
C GLN C 59 -6.99 11.27 2.70
N LYS C 60 -6.51 11.87 3.76
CA LYS C 60 -5.90 13.22 3.62
C LYS C 60 -4.63 13.17 2.75
N LEU C 61 -3.83 12.13 2.87
CA LEU C 61 -2.59 12.05 2.02
C LEU C 61 -2.92 12.39 0.57
N GLN C 62 -3.77 11.62 -0.05
CA GLN C 62 -4.12 11.89 -1.48
C GLN C 62 -4.79 13.27 -1.60
N ALA C 63 -5.47 13.70 -0.58
CA ALA C 63 -6.17 15.01 -0.66
C ALA C 63 -5.17 16.16 -0.90
N MET C 64 -4.09 16.20 -0.17
CA MET C 64 -3.10 17.30 -0.35
C MET C 64 -2.44 17.25 -1.73
N HIS C 65 -1.81 16.15 -2.07
CA HIS C 65 -1.10 16.06 -3.37
C HIS C 65 -2.06 16.22 -4.56
N ARG C 66 -3.07 15.41 -4.65
CA ARG C 66 -4.00 15.54 -5.82
C ARG C 66 -4.65 16.92 -5.86
N GLU C 67 -4.73 17.62 -4.76
CA GLU C 67 -5.35 18.97 -4.76
C GLU C 67 -4.39 19.99 -5.41
N LYS C 68 -3.10 19.75 -5.33
CA LYS C 68 -2.12 20.71 -5.91
C LYS C 68 -1.87 20.41 -7.40
N TYR C 69 -2.36 19.30 -7.91
CA TYR C 69 -2.10 18.95 -9.34
C TYR C 69 -3.39 18.51 -10.05
N PRO C 70 -4.40 19.34 -9.99
CA PRO C 70 -5.71 19.04 -10.63
C PRO C 70 -5.52 18.36 -11.99
N ASN C 71 -5.18 19.12 -13.01
CA ASN C 71 -5.01 18.51 -14.36
C ASN C 71 -3.52 18.25 -14.63
N TYR C 72 -2.66 18.70 -13.76
CA TYR C 72 -1.21 18.46 -13.97
C TYR C 72 -0.92 16.99 -13.68
N LYS C 73 -1.31 16.11 -14.58
CA LYS C 73 -1.10 14.65 -14.37
C LYS C 73 0.06 14.13 -15.23
N TYR C 74 0.28 12.84 -15.23
CA TYR C 74 1.39 12.26 -16.03
C TYR C 74 1.30 12.71 -17.49
N ARG C 75 2.21 12.26 -18.31
CA ARG C 75 2.18 12.63 -19.77
C ARG C 75 2.57 11.39 -20.59
N ASP C 3 8.63 16.60 -15.14
CA ASP C 3 8.52 15.20 -15.63
C ASP C 3 8.16 14.27 -14.47
N ARG C 4 9.14 13.78 -13.77
CA ARG C 4 8.85 12.88 -12.61
C ARG C 4 8.26 13.70 -11.45
N VAL C 5 6.99 13.51 -11.16
CA VAL C 5 6.33 14.28 -10.06
C VAL C 5 6.40 13.49 -8.74
N LYS C 6 5.75 13.99 -7.71
CA LYS C 6 5.76 13.30 -6.38
C LYS C 6 4.82 12.07 -6.40
N ARG C 7 5.12 11.09 -5.59
CA ARG C 7 4.29 9.84 -5.51
C ARG C 7 4.48 9.17 -4.13
N PRO C 8 3.87 9.71 -3.09
CA PRO C 8 4.00 9.13 -1.73
C PRO C 8 3.66 7.63 -1.79
N MET C 9 3.68 6.94 -0.68
CA MET C 9 3.36 5.48 -0.70
C MET C 9 1.93 5.25 -1.19
N ASN C 10 1.71 4.15 -1.87
CA ASN C 10 0.35 3.84 -2.39
C ASN C 10 -0.41 2.98 -1.38
N ALA C 11 -1.68 3.19 -1.24
CA ALA C 11 -2.49 2.38 -0.28
C ALA C 11 -2.06 0.91 -0.36
N PHE C 12 -1.57 0.49 -1.49
CA PHE C 12 -1.13 -0.92 -1.63
C PHE C 12 0.23 -1.11 -0.95
N ILE C 13 1.19 -0.28 -1.23
CA ILE C 13 2.51 -0.44 -0.57
C ILE C 13 2.36 -0.14 0.92
N VAL C 14 1.27 0.46 1.33
CA VAL C 14 1.08 0.71 2.79
C VAL C 14 1.09 -0.66 3.45
N TRP C 15 0.33 -1.59 2.90
CA TRP C 15 0.32 -2.96 3.46
C TRP C 15 1.76 -3.46 3.50
N SER C 16 2.44 -3.42 2.38
CA SER C 16 3.86 -3.89 2.34
C SER C 16 4.62 -3.42 3.59
N ARG C 17 4.63 -2.14 3.84
CA ARG C 17 5.36 -1.61 5.05
C ARG C 17 5.12 -2.52 6.25
N ASP C 18 3.95 -2.43 6.84
CA ASP C 18 3.64 -3.26 8.04
C ASP C 18 3.31 -4.71 7.64
N GLN C 19 2.45 -4.88 6.68
CA GLN C 19 2.05 -6.26 6.27
C GLN C 19 3.31 -7.07 5.92
N ARG C 20 4.25 -6.52 5.21
CA ARG C 20 5.47 -7.31 4.88
C ARG C 20 6.17 -7.66 6.20
N ARG C 21 6.31 -6.70 7.07
CA ARG C 21 6.96 -6.99 8.38
C ARG C 21 6.29 -8.23 8.98
N LYS C 22 5.04 -8.45 8.68
CA LYS C 22 4.35 -9.64 9.23
C LYS C 22 4.99 -10.91 8.69
N MET C 23 4.98 -11.08 7.40
CA MET C 23 5.58 -12.31 6.82
C MET C 23 7.04 -12.41 7.27
N ALA C 24 7.66 -11.29 7.53
CA ALA C 24 9.07 -11.35 8.00
C ALA C 24 9.10 -11.98 9.40
N LEU C 25 7.99 -12.02 10.07
CA LEU C 25 7.96 -12.62 11.45
C LEU C 25 8.30 -14.12 11.40
N GLU C 26 7.34 -14.95 11.08
CA GLU C 26 7.60 -16.42 11.06
C GLU C 26 8.22 -16.89 9.73
N ASN C 27 8.29 -16.03 8.73
CA ASN C 27 8.90 -16.48 7.42
C ASN C 27 9.91 -15.44 6.87
N PRO C 28 10.90 -15.07 7.67
CA PRO C 28 11.95 -14.11 7.22
C PRO C 28 12.82 -14.76 6.12
N ARG C 29 12.45 -15.93 5.63
CA ARG C 29 13.25 -16.62 4.57
C ARG C 29 12.36 -17.06 3.41
N MET C 30 11.94 -16.14 2.59
CA MET C 30 11.08 -16.51 1.43
C MET C 30 11.97 -17.06 0.31
N ARG C 31 11.51 -18.07 -0.38
CA ARG C 31 12.32 -18.63 -1.49
C ARG C 31 12.23 -17.70 -2.69
N ASN C 32 11.14 -17.79 -3.42
CA ASN C 32 10.94 -16.90 -4.62
C ASN C 32 9.98 -15.77 -4.22
N SER C 33 9.36 -15.14 -5.18
CA SER C 33 8.41 -14.03 -4.86
C SER C 33 7.06 -14.63 -4.44
N GLU C 34 6.96 -15.15 -3.23
CA GLU C 34 5.66 -15.73 -2.78
C GLU C 34 4.80 -14.64 -2.13
N ILE C 35 5.33 -13.95 -1.16
CA ILE C 35 4.55 -12.87 -0.50
C ILE C 35 3.86 -12.00 -1.57
N SER C 36 4.28 -12.11 -2.80
CA SER C 36 3.64 -11.29 -3.89
C SER C 36 2.24 -11.83 -4.23
N LYS C 37 2.17 -12.99 -4.85
CA LYS C 37 0.84 -13.56 -5.22
C LYS C 37 0.02 -13.85 -3.96
N GLN C 38 0.67 -14.06 -2.85
CA GLN C 38 -0.07 -14.36 -1.59
C GLN C 38 -0.94 -13.18 -1.21
N LEU C 39 -0.41 -12.01 -1.23
CA LEU C 39 -1.25 -10.83 -0.88
C LEU C 39 -2.41 -10.76 -1.87
N GLY C 40 -2.14 -11.04 -3.12
CA GLY C 40 -3.23 -10.98 -4.13
C GLY C 40 -4.43 -11.75 -3.59
N TYR C 41 -4.17 -12.89 -2.99
CA TYR C 41 -5.28 -13.69 -2.43
C TYR C 41 -6.03 -12.88 -1.35
N GLN C 42 -5.33 -12.15 -0.52
CA GLN C 42 -6.03 -11.35 0.54
C GLN C 42 -6.91 -10.28 -0.11
N TRP C 43 -6.43 -9.66 -1.15
CA TRP C 43 -7.22 -8.59 -1.83
C TRP C 43 -8.61 -9.12 -2.23
N LYS C 44 -8.71 -10.33 -2.70
CA LYS C 44 -10.06 -10.86 -3.07
C LYS C 44 -10.91 -10.99 -1.79
N MET C 45 -10.27 -10.90 -0.65
CA MET C 45 -11.00 -10.97 0.66
C MET C 45 -10.32 -9.99 1.61
N LEU C 46 -10.50 -8.71 1.40
CA LEU C 46 -9.85 -7.70 2.25
C LEU C 46 -10.29 -7.82 3.70
N THR C 47 -9.34 -7.89 4.59
CA THR C 47 -9.67 -8.02 6.04
C THR C 47 -10.05 -6.63 6.60
N GLU C 48 -11.22 -6.52 7.16
CA GLU C 48 -11.67 -5.20 7.73
C GLU C 48 -10.72 -4.79 8.85
N ALA C 49 -10.14 -5.74 9.51
CA ALA C 49 -9.20 -5.45 10.63
C ALA C 49 -8.02 -4.61 10.14
N GLU C 50 -7.72 -4.68 8.88
CA GLU C 50 -6.57 -3.91 8.31
C GLU C 50 -7.07 -2.71 7.49
N LYS C 51 -8.24 -2.78 6.93
CA LYS C 51 -8.72 -1.65 6.09
C LYS C 51 -8.95 -0.37 6.90
N TRP C 52 -10.01 -0.32 7.63
CA TRP C 52 -10.35 0.93 8.39
C TRP C 52 -9.13 1.63 9.04
N PRO C 53 -8.30 0.94 9.81
CA PRO C 53 -7.15 1.62 10.46
C PRO C 53 -6.30 2.52 9.51
N PHE C 54 -5.55 1.93 8.62
CA PHE C 54 -4.63 2.76 7.76
C PHE C 54 -5.33 3.53 6.62
N PHE C 55 -6.53 3.19 6.23
CA PHE C 55 -7.15 3.98 5.11
C PHE C 55 -7.50 5.39 5.60
N GLN C 56 -7.80 5.54 6.86
CA GLN C 56 -8.16 6.89 7.37
C GLN C 56 -7.07 7.90 6.97
N GLU C 57 -5.84 7.53 7.13
CA GLU C 57 -4.73 8.46 6.76
C GLU C 57 -4.61 8.55 5.24
N ALA C 58 -4.60 7.43 4.56
CA ALA C 58 -4.48 7.49 3.07
C ALA C 58 -5.45 8.51 2.49
N GLN C 59 -6.50 8.85 3.21
CA GLN C 59 -7.48 9.85 2.69
C GLN C 59 -6.81 11.24 2.63
N LYS C 60 -6.39 11.75 3.76
CA LYS C 60 -5.77 13.11 3.77
C LYS C 60 -4.50 13.14 2.90
N LEU C 61 -3.63 12.17 2.98
CA LEU C 61 -2.40 12.17 2.11
C LEU C 61 -2.81 12.52 0.67
N GLN C 62 -3.64 11.72 0.08
CA GLN C 62 -4.08 11.94 -1.33
C GLN C 62 -4.76 13.31 -1.49
N ALA C 63 -5.55 13.70 -0.54
CA ALA C 63 -6.26 15.00 -0.67
C ALA C 63 -5.29 16.15 -0.95
N MET C 64 -4.24 16.27 -0.18
CA MET C 64 -3.29 17.40 -0.38
C MET C 64 -2.48 17.25 -1.68
N HIS C 65 -1.66 16.25 -1.77
CA HIS C 65 -0.83 16.09 -2.98
C HIS C 65 -1.68 16.03 -4.25
N ARG C 66 -2.82 15.39 -4.20
CA ARG C 66 -3.68 15.31 -5.42
C ARG C 66 -4.18 16.71 -5.78
N GLU C 67 -4.34 17.57 -4.81
CA GLU C 67 -4.82 18.95 -5.08
C GLU C 67 -3.70 19.81 -5.66
N LYS C 68 -2.47 19.36 -5.57
CA LYS C 68 -1.34 20.17 -6.12
C LYS C 68 -1.17 19.87 -7.61
N TYR C 69 -1.76 18.80 -8.10
CA TYR C 69 -1.58 18.43 -9.55
C TYR C 69 -2.94 18.03 -10.19
N PRO C 70 -3.91 18.90 -10.11
CA PRO C 70 -5.25 18.64 -10.69
C PRO C 70 -5.18 18.41 -12.21
N ASN C 71 -4.47 19.25 -12.92
CA ASN C 71 -4.42 19.12 -14.41
C ASN C 71 -3.23 18.29 -14.88
N TYR C 72 -2.28 17.98 -14.03
CA TYR C 72 -1.10 17.19 -14.52
C TYR C 72 -1.49 15.72 -14.68
N LYS C 73 -1.33 15.17 -15.86
CA LYS C 73 -1.70 13.74 -16.11
C LYS C 73 -0.48 13.00 -16.67
N TYR C 74 -0.19 11.83 -16.15
CA TYR C 74 0.98 11.05 -16.65
C TYR C 74 0.97 11.02 -18.18
N ARG C 75 2.12 10.86 -18.77
CA ARG C 75 2.19 10.81 -20.27
C ARG C 75 2.32 9.34 -20.71
N ASP C 3 10.82 17.12 -13.64
CA ASP C 3 10.11 16.33 -14.67
C ASP C 3 8.95 15.57 -14.03
N ARG C 4 9.24 14.46 -13.41
CA ARG C 4 8.16 13.68 -12.75
C ARG C 4 7.74 14.39 -11.45
N VAL C 5 6.47 14.46 -11.19
CA VAL C 5 5.99 15.14 -9.94
C VAL C 5 6.16 14.19 -8.76
N LYS C 6 5.91 14.64 -7.56
CA LYS C 6 6.08 13.74 -6.38
C LYS C 6 4.98 12.68 -6.36
N ARG C 7 5.19 11.62 -5.61
CA ARG C 7 4.17 10.54 -5.52
C ARG C 7 4.25 9.85 -4.13
N PRO C 8 3.26 10.03 -3.26
CA PRO C 8 3.31 9.42 -1.91
C PRO C 8 3.16 7.89 -2.00
N MET C 9 3.27 7.21 -0.87
CA MET C 9 3.12 5.73 -0.84
C MET C 9 1.75 5.36 -1.39
N ASN C 10 1.66 4.26 -2.10
CA ASN C 10 0.35 3.83 -2.67
C ASN C 10 -0.36 2.94 -1.65
N ALA C 11 -1.66 3.02 -1.59
CA ALA C 11 -2.41 2.19 -0.60
C ALA C 11 -1.93 0.73 -0.64
N PHE C 12 -1.42 0.29 -1.76
CA PHE C 12 -0.96 -1.13 -1.84
C PHE C 12 0.38 -1.27 -1.11
N ILE C 13 1.33 -0.43 -1.37
CA ILE C 13 2.63 -0.56 -0.67
C ILE C 13 2.42 -0.32 0.83
N VAL C 14 1.32 0.28 1.22
CA VAL C 14 1.08 0.48 2.68
C VAL C 14 1.00 -0.91 3.33
N TRP C 15 0.23 -1.80 2.75
CA TRP C 15 0.14 -3.17 3.32
C TRP C 15 1.55 -3.71 3.48
N SER C 16 2.29 -3.75 2.40
CA SER C 16 3.69 -4.27 2.46
C SER C 16 4.39 -3.76 3.73
N ARG C 17 4.51 -2.46 3.88
CA ARG C 17 5.19 -1.89 5.09
C ARG C 17 4.87 -2.72 6.35
N ASP C 18 3.70 -2.56 6.88
CA ASP C 18 3.32 -3.29 8.14
C ASP C 18 3.02 -4.77 7.87
N GLN C 19 2.27 -5.07 6.86
CA GLN C 19 1.89 -6.49 6.60
C GLN C 19 3.14 -7.35 6.38
N ARG C 20 4.02 -6.99 5.50
CA ARG C 20 5.21 -7.85 5.28
C ARG C 20 6.03 -7.95 6.56
N ARG C 21 6.04 -6.92 7.40
CA ARG C 21 6.82 -7.04 8.67
C ARG C 21 6.38 -8.33 9.35
N LYS C 22 5.10 -8.62 9.29
CA LYS C 22 4.60 -9.87 9.93
C LYS C 22 5.28 -11.08 9.29
N MET C 23 5.24 -11.17 7.99
CA MET C 23 5.89 -12.31 7.29
C MET C 23 7.39 -12.27 7.55
N ALA C 24 7.93 -11.11 7.82
CA ALA C 24 9.41 -11.02 8.07
C ALA C 24 9.76 -11.60 9.45
N LEU C 25 8.82 -11.71 10.35
CA LEU C 25 9.16 -12.27 11.70
C LEU C 25 9.63 -13.72 11.57
N GLU C 26 8.71 -14.61 11.31
CA GLU C 26 9.06 -16.06 11.21
C GLU C 26 9.66 -16.39 9.84
N ASN C 27 9.55 -15.52 8.87
CA ASN C 27 10.11 -15.85 7.51
C ASN C 27 10.89 -14.65 6.92
N PRO C 28 11.93 -14.21 7.60
CA PRO C 28 12.76 -13.11 7.09
C PRO C 28 13.48 -13.55 5.80
N ARG C 29 13.80 -14.81 5.69
CA ARG C 29 14.51 -15.32 4.46
C ARG C 29 13.53 -16.09 3.56
N MET C 30 12.87 -15.42 2.65
CA MET C 30 11.91 -16.13 1.74
C MET C 30 12.70 -16.77 0.59
N ARG C 31 12.61 -18.07 0.43
CA ARG C 31 13.35 -18.72 -0.69
C ARG C 31 12.60 -18.50 -2.01
N ASN C 32 11.59 -17.67 -2.00
CA ASN C 32 10.83 -17.43 -3.26
C ASN C 32 9.87 -16.24 -3.07
N SER C 33 9.47 -15.62 -4.14
CA SER C 33 8.54 -14.46 -4.04
C SER C 33 7.12 -14.97 -3.76
N GLU C 34 6.90 -15.57 -2.61
CA GLU C 34 5.53 -16.08 -2.29
C GLU C 34 4.69 -14.93 -1.72
N ILE C 35 5.24 -14.16 -0.83
CA ILE C 35 4.46 -13.03 -0.23
C ILE C 35 3.75 -12.25 -1.34
N SER C 36 4.17 -12.41 -2.57
CA SER C 36 3.49 -11.68 -3.68
C SER C 36 2.13 -12.34 -3.96
N LYS C 37 2.13 -13.58 -4.36
CA LYS C 37 0.83 -14.27 -4.68
C LYS C 37 -0.01 -14.43 -3.40
N GLN C 38 0.62 -14.54 -2.26
CA GLN C 38 -0.16 -14.72 -1.00
C GLN C 38 -1.04 -13.48 -0.78
N LEU C 39 -0.49 -12.31 -0.94
CA LEU C 39 -1.31 -11.09 -0.76
C LEU C 39 -2.45 -11.09 -1.78
N GLY C 40 -2.22 -11.58 -2.96
CA GLY C 40 -3.32 -11.61 -3.96
C GLY C 40 -4.54 -12.28 -3.32
N TYR C 41 -4.34 -13.37 -2.64
CA TYR C 41 -5.48 -14.05 -1.98
C TYR C 41 -6.13 -13.08 -0.98
N GLN C 42 -5.35 -12.25 -0.33
CA GLN C 42 -5.95 -11.29 0.64
C GLN C 42 -6.80 -10.27 -0.12
N TRP C 43 -6.42 -9.94 -1.32
CA TRP C 43 -7.20 -8.95 -2.12
C TRP C 43 -8.56 -9.55 -2.49
N LYS C 44 -8.61 -10.77 -2.93
CA LYS C 44 -9.94 -11.36 -3.27
C LYS C 44 -10.76 -11.46 -1.97
N MET C 45 -10.11 -11.24 -0.85
CA MET C 45 -10.81 -11.27 0.48
C MET C 45 -10.12 -10.24 1.38
N LEU C 46 -10.33 -8.98 1.12
CA LEU C 46 -9.66 -7.92 1.94
C LEU C 46 -10.11 -8.00 3.39
N THR C 47 -9.17 -7.94 4.30
CA THR C 47 -9.52 -7.99 5.75
C THR C 47 -9.96 -6.60 6.22
N GLU C 48 -11.12 -6.49 6.81
CA GLU C 48 -11.61 -5.17 7.28
C GLU C 48 -10.72 -4.65 8.41
N ALA C 49 -10.19 -5.53 9.21
CA ALA C 49 -9.31 -5.11 10.35
C ALA C 49 -8.15 -4.25 9.83
N GLU C 50 -7.86 -4.37 8.55
CA GLU C 50 -6.72 -3.60 7.97
C GLU C 50 -7.24 -2.47 7.04
N LYS C 51 -8.44 -2.59 6.52
CA LYS C 51 -8.94 -1.53 5.59
C LYS C 51 -9.27 -0.23 6.34
N TRP C 52 -10.40 -0.18 6.99
CA TRP C 52 -10.81 1.07 7.70
C TRP C 52 -9.64 1.82 8.39
N PRO C 53 -8.85 1.18 9.23
CA PRO C 53 -7.74 1.90 9.91
C PRO C 53 -6.91 2.80 8.94
N PHE C 54 -6.08 2.22 8.11
CA PHE C 54 -5.20 3.07 7.23
C PHE C 54 -5.92 3.61 5.97
N PHE C 55 -7.09 3.16 5.63
CA PHE C 55 -7.76 3.72 4.41
C PHE C 55 -8.15 5.18 4.68
N GLN C 56 -8.90 5.44 5.72
CA GLN C 56 -9.31 6.84 5.99
C GLN C 56 -8.09 7.75 5.96
N GLU C 57 -6.99 7.34 6.51
CA GLU C 57 -5.79 8.23 6.47
C GLU C 57 -5.27 8.29 5.02
N ALA C 58 -5.14 7.17 4.37
CA ALA C 58 -4.63 7.18 2.97
C ALA C 58 -5.35 8.26 2.17
N GLN C 59 -6.55 8.60 2.56
CA GLN C 59 -7.30 9.65 1.82
C GLN C 59 -6.67 11.02 2.08
N LYS C 60 -6.21 11.28 3.28
CA LYS C 60 -5.61 12.63 3.53
C LYS C 60 -4.33 12.78 2.69
N LEU C 61 -3.54 11.75 2.54
CA LEU C 61 -2.31 11.88 1.70
C LEU C 61 -2.75 12.30 0.30
N GLN C 62 -3.64 11.54 -0.27
CA GLN C 62 -4.13 11.82 -1.64
C GLN C 62 -4.79 13.20 -1.71
N ALA C 63 -5.60 13.53 -0.76
CA ALA C 63 -6.27 14.86 -0.79
C ALA C 63 -5.23 15.99 -0.85
N MET C 64 -4.26 15.97 0.03
CA MET C 64 -3.24 17.05 0.04
C MET C 64 -2.40 17.07 -1.26
N HIS C 65 -1.50 16.13 -1.38
CA HIS C 65 -0.58 16.09 -2.55
C HIS C 65 -1.33 16.07 -3.90
N ARG C 66 -2.32 15.24 -4.07
CA ARG C 66 -3.00 15.22 -5.39
C ARG C 66 -3.74 16.55 -5.64
N GLU C 67 -4.08 17.28 -4.60
CA GLU C 67 -4.77 18.58 -4.82
C GLU C 67 -3.77 19.63 -5.27
N LYS C 68 -2.50 19.37 -5.12
CA LYS C 68 -1.48 20.36 -5.55
C LYS C 68 -1.16 20.16 -7.05
N TYR C 69 -1.64 19.08 -7.62
CA TYR C 69 -1.36 18.79 -9.06
C TYR C 69 -2.63 18.33 -9.80
N PRO C 70 -3.68 19.10 -9.70
CA PRO C 70 -4.97 18.76 -10.33
C PRO C 70 -4.81 18.38 -11.81
N ASN C 71 -4.56 19.35 -12.65
CA ASN C 71 -4.46 19.06 -14.12
C ASN C 71 -3.12 18.43 -14.50
N TYR C 72 -2.12 18.46 -13.67
CA TYR C 72 -0.82 17.84 -14.08
C TYR C 72 -0.94 16.32 -14.06
N LYS C 73 -0.72 15.66 -15.17
CA LYS C 73 -0.80 14.17 -15.22
C LYS C 73 0.53 13.59 -15.68
N TYR C 74 0.69 12.31 -15.57
CA TYR C 74 1.96 11.67 -16.01
C TYR C 74 2.23 12.04 -17.47
N ARG C 75 3.47 12.03 -17.88
CA ARG C 75 3.81 12.39 -19.29
C ARG C 75 4.10 11.11 -20.08
N ASP C 3 7.93 16.68 -15.01
CA ASP C 3 7.57 15.34 -15.56
C ASP C 3 7.38 14.35 -14.41
N ARG C 4 8.44 13.78 -13.92
CA ARG C 4 8.31 12.81 -12.80
C ARG C 4 8.01 13.56 -11.51
N VAL C 5 6.78 13.54 -11.10
CA VAL C 5 6.36 14.26 -9.86
C VAL C 5 6.62 13.37 -8.63
N LYS C 6 6.47 13.90 -7.46
CA LYS C 6 6.70 13.10 -6.22
C LYS C 6 5.42 12.30 -5.88
N ARG C 7 5.52 10.99 -5.80
CA ARG C 7 4.31 10.15 -5.46
C ARG C 7 4.60 9.35 -4.16
N PRO C 8 4.00 9.72 -3.03
CA PRO C 8 4.26 9.00 -1.76
C PRO C 8 3.93 7.51 -1.90
N MET C 9 3.86 6.84 -0.79
CA MET C 9 3.56 5.37 -0.81
C MET C 9 2.14 5.14 -1.32
N ASN C 10 1.85 3.94 -1.80
CA ASN C 10 0.49 3.64 -2.31
C ASN C 10 -0.24 2.78 -1.26
N ALA C 11 -1.54 2.91 -1.16
CA ALA C 11 -2.29 2.10 -0.16
C ALA C 11 -1.84 0.65 -0.21
N PHE C 12 -1.35 0.20 -1.33
CA PHE C 12 -0.90 -1.21 -1.44
C PHE C 12 0.47 -1.36 -0.75
N ILE C 13 1.41 -0.51 -1.06
CA ILE C 13 2.74 -0.62 -0.41
C ILE C 13 2.58 -0.37 1.09
N VAL C 14 1.52 0.29 1.49
CA VAL C 14 1.33 0.52 2.95
C VAL C 14 1.30 -0.86 3.63
N TRP C 15 0.54 -1.77 3.08
CA TRP C 15 0.50 -3.14 3.66
C TRP C 15 1.93 -3.67 3.73
N SER C 16 2.62 -3.66 2.61
CA SER C 16 4.03 -4.17 2.59
C SER C 16 4.76 -3.76 3.87
N ARG C 17 4.90 -2.50 4.11
CA ARG C 17 5.61 -2.03 5.35
C ARG C 17 5.20 -2.90 6.56
N ASP C 18 4.00 -2.72 7.05
CA ASP C 18 3.55 -3.52 8.24
C ASP C 18 3.21 -4.97 7.85
N GLN C 19 2.37 -5.14 6.88
CA GLN C 19 1.95 -6.51 6.48
C GLN C 19 3.18 -7.39 6.20
N ARG C 20 4.18 -6.90 5.51
CA ARG C 20 5.37 -7.77 5.24
C ARG C 20 5.99 -8.16 6.58
N ARG C 21 6.03 -7.26 7.53
CA ARG C 21 6.63 -7.61 8.85
C ARG C 21 6.01 -8.91 9.34
N LYS C 22 4.76 -9.13 9.04
CA LYS C 22 4.11 -10.38 9.49
C LYS C 22 4.79 -11.58 8.80
N MET C 23 4.79 -11.59 7.50
CA MET C 23 5.43 -12.70 6.76
C MET C 23 6.93 -12.76 7.10
N ALA C 24 7.51 -11.64 7.42
CA ALA C 24 8.96 -11.63 7.75
C ALA C 24 9.18 -12.29 9.12
N LEU C 25 8.28 -12.10 10.03
CA LEU C 25 8.44 -12.71 11.39
C LEU C 25 8.28 -14.23 11.30
N GLU C 26 7.18 -14.68 10.79
CA GLU C 26 6.94 -16.15 10.72
C GLU C 26 7.66 -16.78 9.51
N ASN C 27 7.89 -16.04 8.45
CA ASN C 27 8.58 -16.64 7.25
C ASN C 27 9.70 -15.72 6.73
N PRO C 28 10.65 -15.39 7.58
CA PRO C 28 11.79 -14.55 7.17
C PRO C 28 12.60 -15.30 6.09
N ARG C 29 12.19 -16.50 5.77
CA ARG C 29 12.93 -17.32 4.74
C ARG C 29 12.17 -17.34 3.41
N MET C 30 11.80 -16.20 2.89
CA MET C 30 11.06 -16.20 1.59
C MET C 30 12.06 -16.39 0.44
N ARG C 31 11.84 -17.38 -0.39
CA ARG C 31 12.78 -17.63 -1.52
C ARG C 31 12.52 -16.64 -2.66
N ASN C 32 11.91 -17.07 -3.73
CA ASN C 32 11.65 -16.16 -4.87
C ASN C 32 10.70 -15.05 -4.45
N SER C 33 9.64 -14.83 -5.22
CA SER C 33 8.66 -13.76 -4.90
C SER C 33 7.28 -14.39 -4.59
N GLU C 34 7.15 -15.04 -3.47
CA GLU C 34 5.84 -15.67 -3.10
C GLU C 34 4.96 -14.64 -2.37
N ILE C 35 5.49 -14.01 -1.37
CA ILE C 35 4.70 -13.00 -0.60
C ILE C 35 3.89 -12.11 -1.54
N SER C 36 4.27 -12.05 -2.79
CA SER C 36 3.51 -11.21 -3.75
C SER C 36 2.20 -11.93 -4.11
N LYS C 37 2.30 -13.17 -4.52
CA LYS C 37 1.08 -13.95 -4.89
C LYS C 37 0.24 -14.24 -3.64
N GLN C 38 0.88 -14.36 -2.50
CA GLN C 38 0.11 -14.66 -1.26
C GLN C 38 -0.83 -13.50 -0.94
N LEU C 39 -0.34 -12.30 -1.00
CA LEU C 39 -1.23 -11.14 -0.70
C LEU C 39 -2.40 -11.14 -1.69
N GLY C 40 -2.17 -11.51 -2.91
CA GLY C 40 -3.30 -11.55 -3.88
C GLY C 40 -4.45 -12.35 -3.27
N TYR C 41 -4.14 -13.44 -2.63
CA TYR C 41 -5.21 -14.26 -2.00
C TYR C 41 -5.94 -13.40 -0.94
N GLN C 42 -5.22 -12.58 -0.22
CA GLN C 42 -5.88 -11.72 0.82
C GLN C 42 -6.83 -10.73 0.13
N TRP C 43 -6.44 -10.22 -0.99
CA TRP C 43 -7.30 -9.25 -1.72
C TRP C 43 -8.67 -9.86 -2.03
N LYS C 44 -8.72 -11.10 -2.41
CA LYS C 44 -10.07 -11.71 -2.67
C LYS C 44 -10.82 -11.80 -1.33
N MET C 45 -10.13 -11.52 -0.24
CA MET C 45 -10.77 -11.56 1.10
C MET C 45 -10.07 -10.51 1.98
N LEU C 46 -10.31 -9.26 1.71
CA LEU C 46 -9.63 -8.17 2.48
C LEU C 46 -10.02 -8.21 3.96
N THR C 47 -9.06 -8.04 4.82
CA THR C 47 -9.32 -8.05 6.28
C THR C 47 -9.79 -6.65 6.71
N GLU C 48 -11.04 -6.52 7.08
CA GLU C 48 -11.57 -5.18 7.51
C GLU C 48 -10.71 -4.59 8.64
N ALA C 49 -10.12 -5.42 9.44
CA ALA C 49 -9.28 -4.90 10.56
C ALA C 49 -8.16 -4.02 10.00
N GLU C 50 -7.77 -4.25 8.77
CA GLU C 50 -6.66 -3.45 8.16
C GLU C 50 -7.22 -2.36 7.22
N LYS C 51 -8.43 -2.52 6.76
CA LYS C 51 -9.01 -1.51 5.81
C LYS C 51 -9.31 -0.18 6.52
N TRP C 52 -10.33 -0.13 7.32
CA TRP C 52 -10.71 1.15 7.99
C TRP C 52 -9.53 1.92 8.64
N PRO C 53 -8.66 1.28 9.41
CA PRO C 53 -7.57 2.02 10.09
C PRO C 53 -6.69 2.89 9.15
N PHE C 54 -5.85 2.28 8.34
CA PHE C 54 -4.90 3.10 7.51
C PHE C 54 -5.53 3.70 6.23
N PHE C 55 -6.65 3.23 5.76
CA PHE C 55 -7.22 3.87 4.53
C PHE C 55 -7.64 5.30 4.87
N GLN C 56 -8.18 5.53 6.04
CA GLN C 56 -8.61 6.89 6.41
C GLN C 56 -7.47 7.88 6.20
N GLU C 57 -6.34 7.61 6.79
CA GLU C 57 -5.19 8.55 6.62
C GLU C 57 -4.73 8.55 5.16
N ALA C 58 -4.66 7.40 4.53
CA ALA C 58 -4.20 7.35 3.12
C ALA C 58 -4.89 8.45 2.30
N GLN C 59 -6.04 8.90 2.75
CA GLN C 59 -6.75 9.97 2.02
C GLN C 59 -5.99 11.29 2.15
N LYS C 60 -5.68 11.72 3.34
CA LYS C 60 -4.96 13.02 3.52
C LYS C 60 -3.59 12.99 2.81
N LEU C 61 -2.93 11.87 2.77
CA LEU C 61 -1.61 11.83 2.06
C LEU C 61 -1.78 12.21 0.59
N GLN C 62 -2.36 11.34 -0.18
CA GLN C 62 -2.55 11.60 -1.64
C GLN C 62 -3.44 12.82 -1.88
N ALA C 63 -4.41 13.05 -1.05
CA ALA C 63 -5.32 14.21 -1.28
C ALA C 63 -4.53 15.51 -1.42
N MET C 64 -3.59 15.75 -0.55
CA MET C 64 -2.80 17.02 -0.63
C MET C 64 -1.95 17.04 -1.90
N HIS C 65 -1.11 16.07 -2.07
CA HIS C 65 -0.20 16.04 -3.25
C HIS C 65 -1.00 16.06 -4.56
N ARG C 66 -2.01 15.27 -4.71
CA ARG C 66 -2.77 15.31 -6.00
C ARG C 66 -3.46 16.67 -6.14
N GLU C 67 -3.69 17.37 -5.06
CA GLU C 67 -4.34 18.72 -5.15
C GLU C 67 -3.31 19.72 -5.68
N LYS C 68 -2.05 19.35 -5.67
CA LYS C 68 -0.99 20.28 -6.18
C LYS C 68 -0.84 20.08 -7.70
N TYR C 69 -1.37 19.00 -8.23
CA TYR C 69 -1.25 18.71 -9.71
C TYR C 69 -2.65 18.43 -10.30
N PRO C 70 -3.58 19.33 -10.08
CA PRO C 70 -4.96 19.16 -10.56
C PRO C 70 -5.01 18.49 -11.93
N ASN C 71 -4.40 19.07 -12.93
CA ASN C 71 -4.43 18.48 -14.31
C ASN C 71 -3.02 18.12 -14.76
N TYR C 72 -2.02 18.52 -14.03
CA TYR C 72 -0.63 18.17 -14.45
C TYR C 72 -0.38 16.70 -14.16
N LYS C 73 -0.87 15.82 -15.00
CA LYS C 73 -0.69 14.36 -14.77
C LYS C 73 0.39 13.82 -15.71
N TYR C 74 0.48 12.52 -15.85
CA TYR C 74 1.50 11.93 -16.74
C TYR C 74 1.33 12.47 -18.16
N ARG C 75 2.32 12.28 -19.00
CA ARG C 75 2.22 12.80 -20.41
C ARG C 75 2.85 11.76 -21.37
N ASP C 3 8.27 18.40 -14.34
CA ASP C 3 8.49 17.04 -14.93
C ASP C 3 7.86 15.99 -14.02
N ARG C 4 8.65 15.19 -13.36
CA ARG C 4 8.08 14.14 -12.47
C ARG C 4 7.59 14.79 -11.17
N VAL C 5 6.37 14.54 -10.80
CA VAL C 5 5.82 15.12 -9.55
C VAL C 5 6.21 14.23 -8.36
N LYS C 6 5.99 14.66 -7.16
CA LYS C 6 6.36 13.81 -6.00
C LYS C 6 5.33 12.68 -5.90
N ARG C 7 5.65 11.62 -5.20
CA ARG C 7 4.69 10.48 -5.11
C ARG C 7 4.84 9.72 -3.76
N PRO C 8 4.12 10.14 -2.73
CA PRO C 8 4.24 9.47 -1.42
C PRO C 8 3.91 7.98 -1.55
N MET C 9 3.91 7.26 -0.46
CA MET C 9 3.61 5.79 -0.52
C MET C 9 2.17 5.56 -1.00
N ASN C 10 1.93 4.48 -1.69
CA ASN C 10 0.55 4.18 -2.18
C ASN C 10 -0.16 3.27 -1.17
N ALA C 11 -1.44 3.45 -1.01
CA ALA C 11 -2.19 2.62 -0.02
C ALA C 11 -1.84 1.13 -0.19
N PHE C 12 -1.35 0.73 -1.34
CA PHE C 12 -1.00 -0.71 -1.53
C PHE C 12 0.35 -0.99 -0.86
N ILE C 13 1.36 -0.22 -1.17
CA ILE C 13 2.69 -0.47 -0.54
C ILE C 13 2.55 -0.29 0.97
N VAL C 14 1.59 0.49 1.41
CA VAL C 14 1.42 0.65 2.88
C VAL C 14 1.29 -0.73 3.51
N TRP C 15 0.42 -1.56 2.99
CA TRP C 15 0.30 -2.94 3.55
C TRP C 15 1.69 -3.57 3.56
N SER C 16 2.38 -3.47 2.47
CA SER C 16 3.74 -4.08 2.39
C SER C 16 4.57 -3.64 3.60
N ARG C 17 4.84 -2.37 3.74
CA ARG C 17 5.67 -1.87 4.89
C ARG C 17 5.36 -2.68 6.17
N ASP C 18 4.22 -2.44 6.76
CA ASP C 18 3.88 -3.15 8.03
C ASP C 18 3.50 -4.61 7.79
N GLN C 19 2.59 -4.88 6.90
CA GLN C 19 2.17 -6.30 6.71
C GLN C 19 3.34 -7.18 6.28
N ARG C 20 4.15 -6.75 5.34
CA ARG C 20 5.29 -7.63 4.93
C ARG C 20 6.19 -7.89 6.14
N ARG C 21 6.36 -6.91 6.99
CA ARG C 21 7.21 -7.13 8.19
C ARG C 21 6.75 -8.40 8.90
N LYS C 22 5.47 -8.66 8.89
CA LYS C 22 4.97 -9.90 9.54
C LYS C 22 5.55 -11.11 8.81
N MET C 23 5.55 -11.07 7.51
CA MET C 23 6.09 -12.20 6.71
C MET C 23 7.59 -12.37 7.02
N ALA C 24 8.25 -11.32 7.36
CA ALA C 24 9.71 -11.39 7.65
C ALA C 24 9.96 -12.11 8.98
N LEU C 25 9.01 -12.06 9.89
CA LEU C 25 9.21 -12.74 11.20
C LEU C 25 9.29 -14.26 11.04
N GLU C 26 8.17 -14.89 10.85
CA GLU C 26 8.16 -16.39 10.75
C GLU C 26 8.47 -16.88 9.32
N ASN C 27 8.45 -16.02 8.32
CA ASN C 27 8.72 -16.50 6.92
C ASN C 27 9.72 -15.58 6.16
N PRO C 28 10.86 -15.31 6.76
CA PRO C 28 11.89 -14.47 6.10
C PRO C 28 12.56 -15.21 4.91
N ARG C 29 12.68 -16.53 4.97
CA ARG C 29 13.35 -17.27 3.85
C ARG C 29 12.32 -18.01 2.96
N MET C 30 11.40 -17.31 2.36
CA MET C 30 10.40 -18.00 1.49
C MET C 30 11.00 -18.21 0.10
N ARG C 31 10.86 -19.41 -0.43
CA ARG C 31 11.41 -19.67 -1.79
C ARG C 31 10.48 -19.05 -2.83
N ASN C 32 11.03 -18.49 -3.87
CA ASN C 32 10.18 -17.86 -4.92
C ASN C 32 9.49 -16.62 -4.33
N SER C 33 8.92 -15.79 -5.16
CA SER C 33 8.24 -14.57 -4.66
C SER C 33 6.81 -14.91 -4.25
N GLU C 34 6.64 -15.46 -3.07
CA GLU C 34 5.27 -15.84 -2.60
C GLU C 34 4.59 -14.62 -1.96
N ILE C 35 5.30 -13.90 -1.12
CA ILE C 35 4.67 -12.71 -0.46
C ILE C 35 3.90 -11.88 -1.49
N SER C 36 4.23 -12.01 -2.74
CA SER C 36 3.51 -11.21 -3.78
C SER C 36 2.12 -11.79 -4.02
N LYS C 37 2.06 -13.01 -4.52
CA LYS C 37 0.74 -13.64 -4.80
C LYS C 37 -0.01 -13.85 -3.47
N GLN C 38 0.68 -13.90 -2.37
CA GLN C 38 -0.02 -14.10 -1.06
C GLN C 38 -0.92 -12.91 -0.78
N LEU C 39 -0.41 -11.73 -0.92
CA LEU C 39 -1.25 -10.52 -0.66
C LEU C 39 -2.45 -10.54 -1.60
N GLY C 40 -2.26 -10.92 -2.83
CA GLY C 40 -3.42 -10.96 -3.77
C GLY C 40 -4.56 -11.75 -3.13
N TYR C 41 -4.26 -12.81 -2.45
CA TYR C 41 -5.33 -13.62 -1.79
C TYR C 41 -6.04 -12.76 -0.74
N GLN C 42 -5.31 -11.93 -0.03
CA GLN C 42 -5.94 -11.07 1.01
C GLN C 42 -6.90 -10.08 0.34
N TRP C 43 -6.50 -9.53 -0.76
CA TRP C 43 -7.37 -8.55 -1.48
C TRP C 43 -8.75 -9.15 -1.76
N LYS C 44 -8.83 -10.38 -2.19
CA LYS C 44 -10.17 -10.97 -2.44
C LYS C 44 -10.91 -11.13 -1.10
N MET C 45 -10.20 -10.97 -0.02
CA MET C 45 -10.80 -11.09 1.35
C MET C 45 -10.07 -10.11 2.26
N LEU C 46 -10.30 -8.85 2.09
CA LEU C 46 -9.57 -7.82 2.91
C LEU C 46 -9.90 -7.98 4.40
N THR C 47 -8.89 -7.91 5.22
CA THR C 47 -9.09 -8.03 6.69
C THR C 47 -9.52 -6.68 7.26
N GLU C 48 -10.72 -6.58 7.79
CA GLU C 48 -11.19 -5.28 8.35
C GLU C 48 -10.22 -4.80 9.43
N ALA C 49 -9.52 -5.70 10.05
CA ALA C 49 -8.56 -5.31 11.11
C ALA C 49 -7.49 -4.38 10.52
N GLU C 50 -7.30 -4.42 9.23
CA GLU C 50 -6.26 -3.59 8.56
C GLU C 50 -6.89 -2.41 7.81
N LYS C 51 -8.12 -2.54 7.38
CA LYS C 51 -8.76 -1.44 6.60
C LYS C 51 -9.03 -0.20 7.46
N TRP C 52 -9.97 -0.27 8.35
CA TRP C 52 -10.29 0.94 9.17
C TRP C 52 -9.04 1.70 9.70
N PRO C 53 -8.08 1.05 10.33
CA PRO C 53 -6.91 1.79 10.88
C PRO C 53 -6.27 2.80 9.91
N PHE C 54 -5.54 2.35 8.90
CA PHE C 54 -4.82 3.31 8.01
C PHE C 54 -5.67 3.91 6.87
N PHE C 55 -6.84 3.40 6.59
CA PHE C 55 -7.62 4.01 5.46
C PHE C 55 -7.99 5.48 5.78
N GLN C 56 -8.43 5.76 6.98
CA GLN C 56 -8.79 7.18 7.30
C GLN C 56 -7.63 8.11 6.91
N GLU C 57 -6.44 7.73 7.25
CA GLU C 57 -5.26 8.59 6.93
C GLU C 57 -5.02 8.62 5.41
N ALA C 58 -4.76 7.49 4.81
CA ALA C 58 -4.47 7.46 3.35
C ALA C 58 -5.48 8.32 2.57
N GLN C 59 -6.62 8.60 3.14
CA GLN C 59 -7.63 9.40 2.40
C GLN C 59 -7.08 10.83 2.18
N LYS C 60 -6.70 11.52 3.22
CA LYS C 60 -6.19 12.91 3.02
C LYS C 60 -4.88 12.89 2.21
N LEU C 61 -4.01 11.93 2.43
CA LEU C 61 -2.73 11.89 1.64
C LEU C 61 -3.01 12.14 0.15
N GLN C 62 -3.63 11.21 -0.51
CA GLN C 62 -3.90 11.38 -1.97
C GLN C 62 -4.76 12.63 -2.21
N ALA C 63 -5.79 12.81 -1.43
CA ALA C 63 -6.67 14.00 -1.64
C ALA C 63 -5.85 15.30 -1.59
N MET C 64 -4.83 15.37 -0.78
CA MET C 64 -4.02 16.62 -0.69
C MET C 64 -3.23 16.87 -1.98
N HIS C 65 -2.17 16.11 -2.17
CA HIS C 65 -1.30 16.29 -3.37
C HIS C 65 -2.03 16.02 -4.68
N ARG C 66 -2.89 15.05 -4.72
CA ARG C 66 -3.60 14.75 -6.00
C ARG C 66 -4.53 15.91 -6.38
N GLU C 67 -5.10 16.59 -5.43
CA GLU C 67 -6.03 17.71 -5.75
C GLU C 67 -5.27 18.97 -6.19
N LYS C 68 -4.00 19.09 -5.85
CA LYS C 68 -3.24 20.31 -6.25
C LYS C 68 -2.64 20.17 -7.67
N TYR C 69 -2.97 19.12 -8.37
CA TYR C 69 -2.42 18.92 -9.76
C TYR C 69 -3.59 18.61 -10.74
N PRO C 70 -4.62 19.43 -10.72
CA PRO C 70 -5.81 19.22 -11.57
C PRO C 70 -5.46 18.74 -12.98
N ASN C 71 -5.18 19.63 -13.90
CA ASN C 71 -4.87 19.19 -15.29
C ASN C 71 -3.47 18.60 -15.38
N TYR C 72 -2.64 18.84 -14.41
CA TYR C 72 -1.27 18.28 -14.48
C TYR C 72 -1.33 16.79 -14.12
N LYS C 73 -1.19 15.93 -15.09
CA LYS C 73 -1.27 14.45 -14.81
C LYS C 73 -0.10 13.72 -15.49
N TYR C 74 -0.09 12.42 -15.40
CA TYR C 74 1.00 11.62 -16.03
C TYR C 74 0.90 11.70 -17.56
N ARG C 75 2.00 11.70 -18.24
CA ARG C 75 1.99 11.76 -19.74
C ARG C 75 2.35 10.39 -20.30
N ASP C 3 3.68 14.22 -14.48
CA ASP C 3 4.83 13.37 -14.90
C ASP C 3 5.66 12.97 -13.67
N ARG C 4 6.89 13.37 -13.62
CA ARG C 4 7.75 13.01 -12.46
C ARG C 4 7.43 13.92 -11.27
N VAL C 5 6.21 13.86 -10.79
CA VAL C 5 5.80 14.70 -9.63
C VAL C 5 6.22 13.95 -8.35
N LYS C 6 5.83 14.41 -7.18
CA LYS C 6 6.23 13.65 -5.95
C LYS C 6 5.37 12.38 -5.94
N ARG C 7 5.60 11.47 -5.03
CA ARG C 7 4.78 10.22 -5.04
C ARG C 7 4.66 9.59 -3.63
N PRO C 8 3.72 10.03 -2.82
CA PRO C 8 3.56 9.45 -1.48
C PRO C 8 3.34 7.94 -1.62
N MET C 9 3.48 7.19 -0.56
CA MET C 9 3.30 5.72 -0.65
C MET C 9 1.88 5.41 -1.15
N ASN C 10 1.72 4.35 -1.91
CA ASN C 10 0.37 3.99 -2.45
C ASN C 10 -0.36 3.10 -1.44
N ALA C 11 -1.65 3.27 -1.33
CA ALA C 11 -2.44 2.44 -0.37
C ALA C 11 -2.04 0.97 -0.54
N PHE C 12 -1.53 0.61 -1.68
CA PHE C 12 -1.10 -0.80 -1.90
C PHE C 12 0.25 -1.01 -1.21
N ILE C 13 1.23 -0.21 -1.55
CA ILE C 13 2.55 -0.38 -0.91
C ILE C 13 2.40 -0.13 0.59
N VAL C 14 1.35 0.55 0.99
CA VAL C 14 1.16 0.75 2.46
C VAL C 14 1.12 -0.64 3.10
N TRP C 15 0.36 -1.54 2.51
CA TRP C 15 0.30 -2.93 3.06
C TRP C 15 1.71 -3.49 3.12
N SER C 16 2.42 -3.45 2.02
CA SER C 16 3.81 -3.99 1.99
C SER C 16 4.56 -3.53 3.24
N ARG C 17 4.61 -2.26 3.48
CA ARG C 17 5.32 -1.74 4.68
C ARG C 17 4.95 -2.59 5.92
N ASP C 18 3.75 -2.41 6.41
CA ASP C 18 3.30 -3.16 7.63
C ASP C 18 3.01 -4.64 7.32
N GLN C 19 2.18 -4.91 6.36
CA GLN C 19 1.82 -6.33 6.07
C GLN C 19 3.10 -7.17 5.88
N ARG C 20 4.10 -6.66 5.23
CA ARG C 20 5.35 -7.46 5.06
C ARG C 20 5.93 -7.77 6.44
N ARG C 21 5.97 -6.80 7.32
CA ARG C 21 6.55 -7.04 8.67
C ARG C 21 5.89 -8.29 9.27
N LYS C 22 4.62 -8.47 9.06
CA LYS C 22 3.94 -9.68 9.62
C LYS C 22 4.55 -10.92 9.00
N MET C 23 4.59 -10.96 7.70
CA MET C 23 5.18 -12.14 7.02
C MET C 23 6.64 -12.28 7.42
N ALA C 24 7.29 -11.20 7.75
CA ALA C 24 8.72 -11.26 8.14
C ALA C 24 8.90 -11.87 9.54
N LEU C 25 7.88 -11.92 10.35
CA LEU C 25 8.05 -12.51 11.72
C LEU C 25 8.42 -13.99 11.61
N GLU C 26 7.50 -14.81 11.16
CA GLU C 26 7.80 -16.26 11.05
C GLU C 26 8.54 -16.57 9.74
N ASN C 27 8.60 -15.64 8.82
CA ASN C 27 9.32 -15.90 7.53
C ASN C 27 10.19 -14.70 7.13
N PRO C 28 11.14 -14.33 7.97
CA PRO C 28 12.05 -13.21 7.66
C PRO C 28 12.83 -13.49 6.37
N ARG C 29 13.33 -14.69 6.20
CA ARG C 29 14.10 -15.02 4.94
C ARG C 29 13.22 -15.86 4.01
N MET C 30 12.56 -15.23 3.07
CA MET C 30 11.70 -16.01 2.12
C MET C 30 12.59 -16.77 1.13
N ARG C 31 12.35 -18.04 0.96
CA ARG C 31 13.18 -18.82 0.01
C ARG C 31 12.70 -18.60 -1.43
N ASN C 32 11.66 -17.83 -1.61
CA ASN C 32 11.15 -17.58 -3.00
C ASN C 32 10.29 -16.31 -2.99
N SER C 33 9.46 -16.12 -4.01
CA SER C 33 8.61 -14.89 -4.08
C SER C 33 7.14 -15.26 -3.81
N GLU C 34 6.82 -15.66 -2.60
CA GLU C 34 5.41 -16.03 -2.27
C GLU C 34 4.65 -14.78 -1.80
N ILE C 35 5.21 -14.07 -0.85
CA ILE C 35 4.53 -12.85 -0.32
C ILE C 35 3.91 -12.03 -1.46
N SER C 36 4.40 -12.17 -2.67
CA SER C 36 3.79 -11.40 -3.78
C SER C 36 2.42 -11.97 -4.13
N LYS C 37 2.38 -13.22 -4.54
CA LYS C 37 1.08 -13.86 -4.90
C LYS C 37 0.19 -13.99 -3.67
N GLN C 38 0.76 -14.10 -2.49
CA GLN C 38 -0.11 -14.24 -1.27
C GLN C 38 -0.90 -12.96 -1.05
N LEU C 39 -0.29 -11.82 -1.17
CA LEU C 39 -1.05 -10.57 -0.97
C LEU C 39 -2.20 -10.53 -1.96
N GLY C 40 -2.00 -11.07 -3.14
CA GLY C 40 -3.09 -11.07 -4.15
C GLY C 40 -4.28 -11.85 -3.57
N TYR C 41 -4.01 -12.94 -2.91
CA TYR C 41 -5.11 -13.75 -2.31
C TYR C 41 -5.86 -12.89 -1.28
N GLN C 42 -5.17 -12.03 -0.59
CA GLN C 42 -5.86 -11.16 0.43
C GLN C 42 -6.79 -10.18 -0.28
N TRP C 43 -6.32 -9.59 -1.34
CA TRP C 43 -7.16 -8.61 -2.10
C TRP C 43 -8.52 -9.23 -2.43
N LYS C 44 -8.57 -10.47 -2.81
CA LYS C 44 -9.91 -11.08 -3.12
C LYS C 44 -10.71 -11.18 -1.81
N MET C 45 -10.03 -11.13 -0.69
CA MET C 45 -10.71 -11.21 0.64
C MET C 45 -10.00 -10.24 1.59
N LEU C 46 -10.22 -8.96 1.42
CA LEU C 46 -9.54 -7.95 2.28
C LEU C 46 -9.98 -8.09 3.74
N THR C 47 -9.03 -8.09 4.64
CA THR C 47 -9.35 -8.20 6.09
C THR C 47 -9.67 -6.80 6.64
N GLU C 48 -10.92 -6.53 6.92
CA GLU C 48 -11.31 -5.18 7.46
C GLU C 48 -10.46 -4.83 8.69
N ALA C 49 -9.96 -5.80 9.38
CA ALA C 49 -9.14 -5.51 10.60
C ALA C 49 -7.93 -4.65 10.22
N GLU C 50 -7.57 -4.62 8.97
CA GLU C 50 -6.38 -3.84 8.53
C GLU C 50 -6.81 -2.60 7.71
N LYS C 51 -7.95 -2.66 7.06
CA LYS C 51 -8.39 -1.51 6.22
C LYS C 51 -8.68 -0.25 7.05
N TRP C 52 -9.74 -0.26 7.80
CA TRP C 52 -10.10 0.95 8.58
C TRP C 52 -8.88 1.68 9.22
N PRO C 53 -8.01 1.00 9.97
CA PRO C 53 -6.86 1.68 10.61
C PRO C 53 -6.10 2.67 9.68
N PHE C 54 -5.25 2.18 8.79
CA PHE C 54 -4.44 3.14 7.96
C PHE C 54 -5.21 3.75 6.77
N PHE C 55 -6.33 3.25 6.37
CA PHE C 55 -7.03 3.90 5.22
C PHE C 55 -7.43 5.32 5.62
N GLN C 56 -7.71 5.54 6.87
CA GLN C 56 -8.10 6.90 7.32
C GLN C 56 -7.00 7.90 6.94
N GLU C 57 -5.78 7.60 7.26
CA GLU C 57 -4.66 8.54 6.94
C GLU C 57 -4.41 8.60 5.41
N ALA C 58 -4.18 7.48 4.78
CA ALA C 58 -3.89 7.51 3.32
C ALA C 58 -4.93 8.36 2.57
N GLN C 59 -6.10 8.56 3.16
CA GLN C 59 -7.13 9.37 2.45
C GLN C 59 -6.71 10.85 2.39
N LYS C 60 -6.39 11.46 3.49
CA LYS C 60 -6.00 12.91 3.42
C LYS C 60 -4.73 13.06 2.57
N LEU C 61 -3.77 12.18 2.72
CA LEU C 61 -2.52 12.28 1.90
C LEU C 61 -2.88 12.60 0.44
N GLN C 62 -3.50 11.67 -0.22
CA GLN C 62 -3.87 11.90 -1.64
C GLN C 62 -4.80 13.11 -1.76
N ALA C 63 -5.65 13.32 -0.80
CA ALA C 63 -6.60 14.47 -0.88
C ALA C 63 -5.83 15.78 -1.04
N MET C 64 -4.75 15.96 -0.33
CA MET C 64 -3.98 17.24 -0.44
C MET C 64 -3.39 17.40 -1.85
N HIS C 65 -2.57 16.47 -2.25
CA HIS C 65 -1.91 16.57 -3.59
C HIS C 65 -2.91 16.49 -4.75
N ARG C 66 -3.97 15.75 -4.63
CA ARG C 66 -4.93 15.67 -5.78
C ARG C 66 -5.53 17.06 -6.01
N GLU C 67 -5.76 17.81 -4.96
CA GLU C 67 -6.34 19.17 -5.12
C GLU C 67 -5.28 20.15 -5.62
N LYS C 68 -4.02 19.85 -5.42
CA LYS C 68 -2.95 20.77 -5.89
C LYS C 68 -2.54 20.35 -7.32
N TYR C 69 -2.97 19.19 -7.75
CA TYR C 69 -2.62 18.70 -9.12
C TYR C 69 -3.86 18.11 -9.81
N PRO C 70 -4.95 18.86 -9.82
CA PRO C 70 -6.21 18.39 -10.42
C PRO C 70 -6.03 17.97 -11.87
N ASN C 71 -5.89 18.91 -12.76
CA ASN C 71 -5.75 18.57 -14.20
C ASN C 71 -4.31 18.17 -14.55
N TYR C 72 -3.41 18.20 -13.61
CA TYR C 72 -2.01 17.80 -13.97
C TYR C 72 -1.98 16.29 -14.20
N LYS C 73 -1.83 15.87 -15.43
CA LYS C 73 -1.80 14.40 -15.73
C LYS C 73 -0.37 13.99 -16.10
N TYR C 74 -0.05 12.73 -15.95
CA TYR C 74 1.33 12.28 -16.30
C TYR C 74 1.62 12.68 -17.74
N ARG C 75 2.86 12.89 -18.07
CA ARG C 75 3.22 13.31 -19.46
C ARG C 75 4.52 12.62 -19.89
N ASP C 3 9.87 18.95 -12.66
CA ASP C 3 9.60 17.93 -13.71
C ASP C 3 8.49 16.99 -13.24
N ARG C 4 8.81 15.75 -12.99
CA ARG C 4 7.75 14.79 -12.53
C ARG C 4 7.41 15.08 -11.07
N VAL C 5 6.16 14.98 -10.73
CA VAL C 5 5.75 15.23 -9.31
C VAL C 5 6.01 13.96 -8.51
N LYS C 6 6.35 14.11 -7.26
CA LYS C 6 6.67 12.91 -6.43
C LYS C 6 5.37 12.19 -6.04
N ARG C 7 5.48 10.98 -5.54
CA ARG C 7 4.27 10.20 -5.14
C ARG C 7 4.56 9.39 -3.85
N PRO C 8 4.19 9.90 -2.69
CA PRO C 8 4.46 9.18 -1.43
C PRO C 8 3.91 7.75 -1.49
N MET C 9 3.87 7.08 -0.35
CA MET C 9 3.38 5.67 -0.32
C MET C 9 1.91 5.58 -0.76
N ASN C 10 1.54 4.44 -1.31
CA ASN C 10 0.12 4.23 -1.75
C ASN C 10 -0.55 3.27 -0.76
N ALA C 11 -1.84 3.42 -0.55
CA ALA C 11 -2.55 2.52 0.40
C ALA C 11 -2.09 1.07 0.22
N PHE C 12 -1.65 0.71 -0.95
CA PHE C 12 -1.19 -0.69 -1.19
C PHE C 12 0.21 -0.90 -0.59
N ILE C 13 1.17 -0.12 -0.99
CA ILE C 13 2.54 -0.33 -0.42
C ILE C 13 2.49 -0.12 1.09
N VAL C 14 1.48 0.54 1.60
CA VAL C 14 1.41 0.71 3.08
C VAL C 14 1.38 -0.69 3.68
N TRP C 15 0.54 -1.55 3.17
CA TRP C 15 0.50 -2.95 3.70
C TRP C 15 1.92 -3.52 3.65
N SER C 16 2.54 -3.45 2.50
CA SER C 16 3.92 -3.98 2.36
C SER C 16 4.77 -3.59 3.56
N ARG C 17 4.87 -2.32 3.84
CA ARG C 17 5.68 -1.86 4.99
C ARG C 17 5.40 -2.73 6.23
N ASP C 18 4.25 -2.57 6.83
CA ASP C 18 3.92 -3.34 8.06
C ASP C 18 3.53 -4.79 7.76
N GLN C 19 2.62 -5.02 6.86
CA GLN C 19 2.19 -6.43 6.58
C GLN C 19 3.38 -7.31 6.22
N ARG C 20 4.20 -6.91 5.29
CA ARG C 20 5.35 -7.78 4.91
C ARG C 20 6.26 -7.98 6.13
N ARG C 21 6.43 -6.98 6.95
CA ARG C 21 7.31 -7.15 8.15
C ARG C 21 6.83 -8.40 8.91
N LYS C 22 5.55 -8.67 8.88
CA LYS C 22 5.03 -9.87 9.59
C LYS C 22 5.59 -11.13 8.90
N MET C 23 5.38 -11.23 7.61
CA MET C 23 5.90 -12.42 6.87
C MET C 23 7.42 -12.48 6.99
N ALA C 24 8.05 -11.37 7.28
CA ALA C 24 9.54 -11.37 7.40
C ALA C 24 9.98 -12.05 8.71
N LEU C 25 9.18 -11.99 9.75
CA LEU C 25 9.60 -12.63 11.03
C LEU C 25 9.68 -14.14 10.87
N GLU C 26 8.60 -14.79 10.54
CA GLU C 26 8.62 -16.27 10.41
C GLU C 26 9.19 -16.69 9.05
N ASN C 27 9.21 -15.81 8.08
CA ASN C 27 9.75 -16.18 6.73
C ASN C 27 10.62 -15.05 6.16
N PRO C 28 11.70 -14.72 6.84
CA PRO C 28 12.62 -13.67 6.35
C PRO C 28 13.30 -14.18 5.08
N ARG C 29 13.55 -15.46 5.00
CA ARG C 29 14.21 -16.05 3.80
C ARG C 29 13.16 -16.79 2.96
N MET C 30 12.43 -16.08 2.14
CA MET C 30 11.40 -16.74 1.29
C MET C 30 12.10 -17.47 0.14
N ARG C 31 11.71 -18.69 -0.11
CA ARG C 31 12.35 -19.46 -1.21
C ARG C 31 11.82 -18.98 -2.56
N ASN C 32 11.00 -17.97 -2.56
CA ASN C 32 10.44 -17.46 -3.85
C ASN C 32 9.61 -16.21 -3.58
N SER C 33 8.83 -15.79 -4.56
CA SER C 33 7.99 -14.56 -4.39
C SER C 33 6.52 -14.95 -4.20
N GLU C 34 6.22 -15.66 -3.13
CA GLU C 34 4.80 -16.07 -2.88
C GLU C 34 4.08 -14.94 -2.14
N ILE C 35 4.74 -14.30 -1.21
CA ILE C 35 4.10 -13.20 -0.45
C ILE C 35 3.40 -12.24 -1.42
N SER C 36 3.79 -12.26 -2.67
CA SER C 36 3.13 -11.35 -3.66
C SER C 36 1.74 -11.88 -4.02
N LYS C 37 1.67 -13.10 -4.50
CA LYS C 37 0.34 -13.68 -4.87
C LYS C 37 -0.52 -13.82 -3.62
N GLN C 38 0.10 -13.96 -2.47
CA GLN C 38 -0.69 -14.12 -1.22
C GLN C 38 -1.46 -12.84 -0.94
N LEU C 39 -0.82 -11.70 -1.06
CA LEU C 39 -1.55 -10.43 -0.80
C LEU C 39 -2.70 -10.30 -1.80
N GLY C 40 -2.45 -10.56 -3.05
CA GLY C 40 -3.56 -10.45 -4.05
C GLY C 40 -4.76 -11.24 -3.53
N TYR C 41 -4.53 -12.42 -2.99
CA TYR C 41 -5.66 -13.23 -2.46
C TYR C 41 -6.33 -12.45 -1.30
N GLN C 42 -5.55 -11.77 -0.49
CA GLN C 42 -6.15 -11.00 0.63
C GLN C 42 -7.02 -9.87 0.06
N TRP C 43 -6.64 -9.34 -1.07
CA TRP C 43 -7.43 -8.24 -1.69
C TRP C 43 -8.82 -8.74 -2.07
N LYS C 44 -8.94 -9.92 -2.59
CA LYS C 44 -10.30 -10.45 -2.92
C LYS C 44 -11.06 -10.69 -1.61
N MET C 45 -10.35 -10.70 -0.52
CA MET C 45 -10.98 -10.90 0.82
C MET C 45 -10.22 -10.04 1.84
N LEU C 46 -10.40 -8.75 1.76
CA LEU C 46 -9.66 -7.83 2.67
C LEU C 46 -10.03 -8.09 4.14
N THR C 47 -9.05 -8.14 4.99
CA THR C 47 -9.30 -8.37 6.44
C THR C 47 -9.69 -7.03 7.10
N GLU C 48 -10.95 -6.85 7.41
CA GLU C 48 -11.39 -5.56 8.04
C GLU C 48 -10.40 -5.13 9.13
N ALA C 49 -9.61 -6.04 9.62
CA ALA C 49 -8.63 -5.67 10.68
C ALA C 49 -7.64 -4.63 10.17
N GLU C 50 -7.22 -4.76 8.94
CA GLU C 50 -6.22 -3.79 8.38
C GLU C 50 -6.93 -2.64 7.66
N LYS C 51 -8.19 -2.78 7.32
CA LYS C 51 -8.89 -1.69 6.58
C LYS C 51 -9.13 -0.46 7.46
N TRP C 52 -10.13 -0.52 8.29
CA TRP C 52 -10.46 0.66 9.15
C TRP C 52 -9.22 1.42 9.70
N PRO C 53 -8.27 0.76 10.36
CA PRO C 53 -7.10 1.48 10.91
C PRO C 53 -6.45 2.49 9.92
N PHE C 54 -5.68 2.03 8.96
CA PHE C 54 -4.96 2.99 8.06
C PHE C 54 -5.82 3.58 6.94
N PHE C 55 -7.00 3.08 6.68
CA PHE C 55 -7.80 3.69 5.56
C PHE C 55 -8.20 5.13 5.93
N GLN C 56 -8.62 5.38 7.13
CA GLN C 56 -9.01 6.77 7.50
C GLN C 56 -7.92 7.74 7.06
N GLU C 57 -6.70 7.45 7.41
CA GLU C 57 -5.58 8.36 7.02
C GLU C 57 -5.40 8.35 5.50
N ALA C 58 -5.26 7.19 4.91
CA ALA C 58 -5.06 7.12 3.43
C ALA C 58 -6.03 8.04 2.71
N GLN C 59 -7.11 8.43 3.34
CA GLN C 59 -8.08 9.33 2.66
C GLN C 59 -7.45 10.72 2.47
N LYS C 60 -7.03 11.35 3.54
CA LYS C 60 -6.42 12.71 3.39
C LYS C 60 -5.14 12.64 2.55
N LEU C 61 -4.35 11.60 2.69
CA LEU C 61 -3.08 11.52 1.88
C LEU C 61 -3.38 11.82 0.40
N GLN C 62 -4.25 11.06 -0.21
CA GLN C 62 -4.55 11.29 -1.65
C GLN C 62 -5.10 12.70 -1.88
N ALA C 63 -5.88 13.18 -0.98
CA ALA C 63 -6.49 14.54 -1.12
C ALA C 63 -5.42 15.63 -1.22
N MET C 64 -4.51 15.69 -0.31
CA MET C 64 -3.46 16.77 -0.34
C MET C 64 -2.63 16.71 -1.62
N HIS C 65 -2.12 15.57 -1.96
CA HIS C 65 -1.26 15.48 -3.18
C HIS C 65 -2.02 15.91 -4.43
N ARG C 66 -3.15 15.32 -4.71
CA ARG C 66 -3.91 15.72 -5.93
C ARG C 66 -4.38 17.17 -5.80
N GLU C 67 -4.59 17.63 -4.60
CA GLU C 67 -5.04 19.03 -4.41
C GLU C 67 -3.88 20.00 -4.66
N LYS C 68 -2.67 19.51 -4.67
CA LYS C 68 -1.50 20.41 -4.91
C LYS C 68 -1.29 20.58 -6.42
N TYR C 69 -1.70 19.63 -7.21
CA TYR C 69 -1.51 19.73 -8.69
C TYR C 69 -2.77 19.20 -9.41
N PRO C 70 -3.87 19.92 -9.28
CA PRO C 70 -5.15 19.51 -9.88
C PRO C 70 -5.07 19.42 -11.42
N ASN C 71 -4.23 20.21 -12.06
CA ASN C 71 -4.15 20.16 -13.55
C ASN C 71 -2.99 19.29 -14.04
N TYR C 72 -2.03 19.03 -13.21
CA TYR C 72 -0.87 18.19 -13.67
C TYR C 72 -1.32 16.75 -13.91
N LYS C 73 -1.16 16.27 -15.12
CA LYS C 73 -1.55 14.85 -15.45
C LYS C 73 -0.32 14.13 -16.00
N TYR C 74 -0.17 12.86 -15.69
CA TYR C 74 1.02 12.12 -16.21
C TYR C 74 1.20 12.40 -17.70
N ARG C 75 2.41 12.53 -18.15
CA ARG C 75 2.67 12.80 -19.60
C ARG C 75 3.67 11.78 -20.14
N ASP C 3 7.53 17.29 -14.92
CA ASP C 3 7.44 16.02 -15.69
C ASP C 3 6.86 14.92 -14.79
N ARG C 4 7.70 14.21 -14.09
CA ARG C 4 7.18 13.13 -13.20
C ARG C 4 6.60 13.74 -11.92
N VAL C 5 5.43 13.32 -11.54
CA VAL C 5 4.79 13.87 -10.30
C VAL C 5 5.27 13.06 -9.10
N LYS C 6 5.09 13.56 -7.91
CA LYS C 6 5.52 12.78 -6.71
C LYS C 6 4.50 11.68 -6.42
N ARG C 7 4.85 10.74 -5.57
CA ARG C 7 3.89 9.66 -5.23
C ARG C 7 4.13 9.14 -3.79
N PRO C 8 3.37 9.62 -2.81
CA PRO C 8 3.58 9.17 -1.42
C PRO C 8 3.36 7.66 -1.35
N MET C 9 3.36 7.09 -0.18
CA MET C 9 3.14 5.62 -0.07
C MET C 9 1.72 5.28 -0.56
N ASN C 10 1.60 4.43 -1.53
CA ASN C 10 0.25 4.06 -2.03
C ASN C 10 -0.42 3.13 -1.01
N ALA C 11 -1.70 3.28 -0.80
CA ALA C 11 -2.41 2.42 0.19
C ALA C 11 -1.95 0.97 0.05
N PHE C 12 -1.47 0.61 -1.10
CA PHE C 12 -1.01 -0.80 -1.30
C PHE C 12 0.37 -0.99 -0.65
N ILE C 13 1.33 -0.17 -0.98
CA ILE C 13 2.67 -0.34 -0.35
C ILE C 13 2.56 -0.05 1.15
N VAL C 14 1.52 0.63 1.57
CA VAL C 14 1.38 0.88 3.04
C VAL C 14 1.37 -0.48 3.73
N TRP C 15 0.59 -1.39 3.21
CA TRP C 15 0.55 -2.75 3.81
C TRP C 15 1.98 -3.28 3.81
N SER C 16 2.67 -3.18 2.70
CA SER C 16 4.08 -3.67 2.64
C SER C 16 4.82 -3.26 3.91
N ARG C 17 4.90 -1.99 4.18
CA ARG C 17 5.61 -1.51 5.41
C ARG C 17 5.28 -2.42 6.60
N ASP C 18 4.10 -2.29 7.16
CA ASP C 18 3.75 -3.13 8.35
C ASP C 18 3.37 -4.55 7.93
N GLN C 19 2.49 -4.70 6.98
CA GLN C 19 2.07 -6.07 6.57
C GLN C 19 3.31 -6.93 6.26
N ARG C 20 4.27 -6.40 5.53
CA ARG C 20 5.48 -7.21 5.21
C ARG C 20 6.18 -7.62 6.51
N ARG C 21 6.23 -6.75 7.49
CA ARG C 21 6.91 -7.15 8.76
C ARG C 21 6.33 -8.48 9.22
N LYS C 22 5.04 -8.66 9.06
CA LYS C 22 4.43 -9.97 9.48
C LYS C 22 4.99 -11.08 8.60
N MET C 23 4.99 -10.86 7.31
CA MET C 23 5.52 -11.90 6.38
C MET C 23 7.01 -12.14 6.65
N ALA C 24 7.70 -11.11 7.05
CA ALA C 24 9.16 -11.27 7.33
C ALA C 24 9.36 -12.04 8.63
N LEU C 25 8.55 -11.78 9.62
CA LEU C 25 8.69 -12.50 10.92
C LEU C 25 8.33 -13.96 10.73
N GLU C 26 7.19 -14.22 10.16
CA GLU C 26 6.74 -15.61 9.97
C GLU C 26 7.45 -16.27 8.78
N ASN C 27 7.78 -15.50 7.76
CA ASN C 27 8.48 -16.11 6.57
C ASN C 27 9.63 -15.21 6.09
N PRO C 28 10.62 -15.00 6.93
CA PRO C 28 11.78 -14.16 6.56
C PRO C 28 12.58 -14.82 5.41
N ARG C 29 12.42 -16.11 5.21
CA ARG C 29 13.19 -16.82 4.13
C ARG C 29 12.27 -17.21 2.96
N MET C 30 11.79 -16.26 2.21
CA MET C 30 10.92 -16.61 1.05
C MET C 30 11.83 -17.06 -0.11
N ARG C 31 11.83 -18.32 -0.41
CA ARG C 31 12.71 -18.83 -1.50
C ARG C 31 12.11 -18.50 -2.88
N ASN C 32 11.17 -17.60 -2.93
CA ASN C 32 10.55 -17.25 -4.24
C ASN C 32 9.70 -15.99 -4.10
N SER C 33 9.26 -15.44 -5.20
CA SER C 33 8.42 -14.21 -5.14
C SER C 33 6.98 -14.63 -4.79
N GLU C 34 6.81 -15.27 -3.66
CA GLU C 34 5.44 -15.72 -3.25
C GLU C 34 4.70 -14.57 -2.55
N ILE C 35 5.37 -13.84 -1.71
CA ILE C 35 4.68 -12.73 -0.98
C ILE C 35 3.86 -11.91 -1.97
N SER C 36 4.18 -12.00 -3.24
CA SER C 36 3.41 -11.21 -4.25
C SER C 36 1.97 -11.74 -4.37
N LYS C 37 1.79 -12.93 -4.91
CA LYS C 37 0.42 -13.49 -5.07
C LYS C 37 -0.23 -13.72 -3.70
N GLN C 38 0.56 -13.87 -2.66
CA GLN C 38 -0.04 -14.11 -1.32
C GLN C 38 -0.84 -12.89 -0.88
N LEU C 39 -0.26 -11.73 -0.93
CA LEU C 39 -1.02 -10.53 -0.51
C LEU C 39 -2.26 -10.42 -1.39
N GLY C 40 -2.16 -10.80 -2.64
CA GLY C 40 -3.36 -10.73 -3.53
C GLY C 40 -4.52 -11.45 -2.85
N TYR C 41 -4.23 -12.57 -2.21
CA TYR C 41 -5.32 -13.32 -1.51
C TYR C 41 -5.92 -12.41 -0.43
N GLN C 42 -5.11 -11.68 0.28
CA GLN C 42 -5.65 -10.77 1.34
C GLN C 42 -6.51 -9.70 0.67
N TRP C 43 -6.18 -9.30 -0.51
CA TRP C 43 -6.98 -8.27 -1.22
C TRP C 43 -8.35 -8.84 -1.57
N LYS C 44 -8.42 -10.01 -2.09
CA LYS C 44 -9.76 -10.59 -2.41
C LYS C 44 -10.52 -10.81 -1.10
N MET C 45 -9.82 -10.69 0.00
CA MET C 45 -10.46 -10.85 1.35
C MET C 45 -9.75 -9.89 2.31
N LEU C 46 -9.96 -8.60 2.14
CA LEU C 46 -9.27 -7.61 3.01
C LEU C 46 -9.69 -7.79 4.47
N THR C 47 -8.73 -7.79 5.36
CA THR C 47 -9.04 -7.96 6.81
C THR C 47 -9.48 -6.60 7.37
N GLU C 48 -10.60 -6.55 8.04
CA GLU C 48 -11.08 -5.26 8.61
C GLU C 48 -10.07 -4.73 9.62
N ALA C 49 -9.35 -5.61 10.27
CA ALA C 49 -8.34 -5.16 11.27
C ALA C 49 -7.28 -4.30 10.58
N GLU C 50 -7.26 -4.35 9.26
CA GLU C 50 -6.24 -3.56 8.49
C GLU C 50 -6.91 -2.39 7.76
N LYS C 51 -8.16 -2.52 7.38
CA LYS C 51 -8.82 -1.41 6.62
C LYS C 51 -9.05 -0.18 7.52
N TRP C 52 -10.04 -0.23 8.36
CA TRP C 52 -10.34 0.96 9.22
C TRP C 52 -9.08 1.68 9.76
N PRO C 53 -8.14 1.00 10.41
CA PRO C 53 -6.96 1.69 10.97
C PRO C 53 -6.28 2.69 9.99
N PHE C 54 -5.50 2.23 9.04
CA PHE C 54 -4.76 3.19 8.14
C PHE C 54 -5.61 3.80 7.02
N PHE C 55 -6.79 3.34 6.75
CA PHE C 55 -7.58 3.98 5.65
C PHE C 55 -7.96 5.42 6.05
N GLN C 56 -8.27 5.63 7.30
CA GLN C 56 -8.64 7.02 7.72
C GLN C 56 -7.56 8.00 7.25
N GLU C 57 -6.32 7.69 7.51
CA GLU C 57 -5.22 8.59 7.09
C GLU C 57 -5.09 8.63 5.56
N ALA C 58 -4.87 7.51 4.94
CA ALA C 58 -4.69 7.48 3.46
C ALA C 58 -5.75 8.37 2.77
N GLN C 59 -6.82 8.66 3.43
CA GLN C 59 -7.86 9.52 2.80
C GLN C 59 -7.32 10.95 2.66
N LYS C 60 -6.99 11.57 3.75
CA LYS C 60 -6.48 12.97 3.69
C LYS C 60 -5.17 13.05 2.89
N LEU C 61 -4.33 12.05 2.95
CA LEU C 61 -3.05 12.12 2.16
C LEU C 61 -3.35 12.36 0.68
N GLN C 62 -3.95 11.42 0.01
CA GLN C 62 -4.23 11.59 -1.44
C GLN C 62 -5.12 12.81 -1.69
N ALA C 63 -5.87 13.24 -0.71
CA ALA C 63 -6.76 14.41 -0.90
C ALA C 63 -5.94 15.67 -1.25
N MET C 64 -4.98 16.00 -0.43
CA MET C 64 -4.17 17.23 -0.70
C MET C 64 -3.36 17.07 -2.00
N HIS C 65 -2.79 15.93 -2.21
CA HIS C 65 -1.96 15.72 -3.44
C HIS C 65 -2.80 15.92 -4.70
N ARG C 66 -3.98 15.38 -4.75
CA ARG C 66 -4.81 15.55 -5.98
C ARG C 66 -5.17 17.03 -6.18
N GLU C 67 -5.24 17.79 -5.12
CA GLU C 67 -5.57 19.24 -5.28
C GLU C 67 -4.35 20.00 -5.80
N LYS C 68 -3.18 19.43 -5.70
CA LYS C 68 -1.94 20.14 -6.17
C LYS C 68 -1.71 19.87 -7.67
N TYR C 69 -2.42 18.95 -8.26
CA TYR C 69 -2.22 18.63 -9.71
C TYR C 69 -3.56 18.58 -10.46
N PRO C 70 -4.35 19.64 -10.34
CA PRO C 70 -5.67 19.70 -10.99
C PRO C 70 -5.63 19.09 -12.40
N ASN C 71 -5.15 19.81 -13.38
CA ASN C 71 -5.10 19.27 -14.77
C ASN C 71 -3.72 18.69 -15.08
N TYR C 72 -2.80 18.81 -14.17
CA TYR C 72 -1.43 18.26 -14.46
C TYR C 72 -1.47 16.73 -14.35
N LYS C 73 -1.15 16.03 -15.42
CA LYS C 73 -1.18 14.53 -15.39
C LYS C 73 0.16 13.99 -15.90
N TYR C 74 0.35 12.69 -15.85
CA TYR C 74 1.63 12.10 -16.34
C TYR C 74 1.78 12.44 -17.83
N ARG C 75 2.96 12.27 -18.36
CA ARG C 75 3.19 12.57 -19.81
C ARG C 75 4.11 11.51 -20.42
N ASP C 3 9.05 15.62 -15.07
CA ASP C 3 9.04 14.16 -15.38
C ASP C 3 8.51 13.40 -14.16
N ARG C 4 9.37 12.98 -13.29
CA ARG C 4 8.91 12.21 -12.08
C ARG C 4 8.30 13.17 -11.06
N VAL C 5 7.02 13.08 -10.82
CA VAL C 5 6.37 13.97 -9.82
C VAL C 5 6.49 13.34 -8.43
N LYS C 6 6.32 14.11 -7.40
CA LYS C 6 6.43 13.55 -6.01
C LYS C 6 5.07 12.97 -5.57
N ARG C 7 5.07 11.80 -4.98
CA ARG C 7 3.78 11.18 -4.51
C ARG C 7 4.05 10.30 -3.27
N PRO C 8 3.11 10.24 -2.33
CA PRO C 8 3.29 9.42 -1.11
C PRO C 8 3.20 7.92 -1.46
N MET C 9 3.24 7.07 -0.46
CA MET C 9 3.13 5.61 -0.71
C MET C 9 1.71 5.31 -1.21
N ASN C 10 1.49 4.14 -1.77
CA ASN C 10 0.11 3.78 -2.25
C ASN C 10 -0.57 2.87 -1.23
N ALA C 11 -1.85 3.05 -1.02
CA ALA C 11 -2.59 2.22 -0.03
C ALA C 11 -2.14 0.76 -0.12
N PHE C 12 -1.71 0.31 -1.27
CA PHE C 12 -1.28 -1.10 -1.39
C PHE C 12 0.13 -1.26 -0.78
N ILE C 13 1.07 -0.44 -1.20
CA ILE C 13 2.44 -0.57 -0.61
C ILE C 13 2.35 -0.28 0.90
N VAL C 14 1.33 0.41 1.34
CA VAL C 14 1.23 0.66 2.81
C VAL C 14 1.21 -0.71 3.50
N TRP C 15 0.40 -1.63 3.01
CA TRP C 15 0.38 -2.98 3.64
C TRP C 15 1.81 -3.49 3.68
N SER C 16 2.49 -3.44 2.55
CA SER C 16 3.89 -3.92 2.50
C SER C 16 4.65 -3.43 3.73
N ARG C 17 4.83 -2.14 3.85
CA ARG C 17 5.57 -1.58 5.03
C ARG C 17 5.25 -2.37 6.31
N ASP C 18 4.06 -2.19 6.84
CA ASP C 18 3.69 -2.88 8.11
C ASP C 18 3.39 -4.38 7.87
N GLN C 19 2.52 -4.69 6.95
CA GLN C 19 2.16 -6.12 6.72
C GLN C 19 3.41 -6.97 6.44
N ARG C 20 4.31 -6.51 5.61
CA ARG C 20 5.52 -7.34 5.33
C ARG C 20 6.29 -7.59 6.63
N ARG C 21 6.43 -6.58 7.45
CA ARG C 21 7.19 -6.77 8.71
C ARG C 21 6.63 -8.01 9.43
N LYS C 22 5.34 -8.17 9.40
CA LYS C 22 4.72 -9.36 10.07
C LYS C 22 5.26 -10.63 9.41
N MET C 23 5.19 -10.70 8.11
CA MET C 23 5.69 -11.92 7.41
C MET C 23 7.18 -12.10 7.68
N ALA C 24 7.90 -11.03 7.87
CA ALA C 24 9.36 -11.14 8.12
C ALA C 24 9.65 -11.65 9.54
N LEU C 25 8.71 -11.52 10.46
CA LEU C 25 8.97 -12.00 11.86
C LEU C 25 9.10 -13.51 11.91
N GLU C 26 8.01 -14.20 11.68
CA GLU C 26 8.04 -15.69 11.75
C GLU C 26 8.52 -16.33 10.45
N ASN C 27 8.59 -15.58 9.37
CA ASN C 27 9.05 -16.18 8.07
C ASN C 27 10.09 -15.27 7.36
N PRO C 28 11.15 -14.92 8.07
CA PRO C 28 12.23 -14.09 7.48
C PRO C 28 12.96 -14.89 6.39
N ARG C 29 12.59 -16.13 6.20
CA ARG C 29 13.28 -16.98 5.16
C ARG C 29 12.39 -17.14 3.92
N MET C 30 12.05 -16.07 3.28
CA MET C 30 11.21 -16.17 2.04
C MET C 30 12.10 -16.54 0.86
N ARG C 31 11.88 -17.68 0.26
CA ARG C 31 12.72 -18.08 -0.91
C ARG C 31 12.24 -17.34 -2.17
N ASN C 32 11.36 -17.95 -2.92
CA ASN C 32 10.87 -17.30 -4.17
C ASN C 32 9.95 -16.12 -3.84
N SER C 33 9.27 -15.59 -4.82
CA SER C 33 8.37 -14.44 -4.59
C SER C 33 7.02 -14.95 -4.03
N GLU C 34 7.00 -15.36 -2.79
CA GLU C 34 5.74 -15.87 -2.18
C GLU C 34 4.94 -14.69 -1.61
N ILE C 35 5.51 -13.97 -0.69
CA ILE C 35 4.79 -12.81 -0.08
C ILE C 35 4.06 -12.00 -1.16
N SER C 36 4.44 -12.14 -2.41
CA SER C 36 3.76 -11.36 -3.47
C SER C 36 2.35 -11.93 -3.74
N LYS C 37 2.28 -13.10 -4.32
CA LYS C 37 0.95 -13.71 -4.63
C LYS C 37 0.20 -14.01 -3.33
N GLN C 38 0.88 -14.20 -2.24
CA GLN C 38 0.18 -14.49 -0.96
C GLN C 38 -0.67 -13.29 -0.56
N LEU C 39 -0.15 -12.11 -0.64
CA LEU C 39 -0.97 -10.92 -0.28
C LEU C 39 -2.21 -10.91 -1.17
N GLY C 40 -2.06 -11.27 -2.42
CA GLY C 40 -3.23 -11.29 -3.33
C GLY C 40 -4.37 -12.06 -2.65
N TYR C 41 -4.05 -13.14 -1.99
CA TYR C 41 -5.11 -13.92 -1.28
C TYR C 41 -5.74 -13.03 -0.19
N GLN C 42 -4.94 -12.27 0.52
CA GLN C 42 -5.51 -11.39 1.59
C GLN C 42 -6.47 -10.38 0.96
N TRP C 43 -6.20 -10.01 -0.26
CA TRP C 43 -7.09 -9.03 -0.95
C TRP C 43 -8.46 -9.67 -1.21
N LYS C 44 -8.50 -10.92 -1.60
CA LYS C 44 -9.82 -11.56 -1.82
C LYS C 44 -10.50 -11.73 -0.44
N MET C 45 -9.76 -11.50 0.61
CA MET C 45 -10.30 -11.60 1.99
C MET C 45 -9.60 -10.55 2.85
N LEU C 46 -9.89 -9.30 2.64
CA LEU C 46 -9.21 -8.23 3.41
C LEU C 46 -9.55 -8.33 4.89
N THR C 47 -8.56 -8.17 5.73
CA THR C 47 -8.79 -8.24 7.20
C THR C 47 -9.26 -6.87 7.70
N GLU C 48 -10.51 -6.74 8.06
CA GLU C 48 -11.04 -5.43 8.54
C GLU C 48 -10.15 -4.88 9.65
N ALA C 49 -9.50 -5.73 10.40
CA ALA C 49 -8.61 -5.24 11.49
C ALA C 49 -7.55 -4.31 10.92
N GLU C 50 -7.15 -4.53 9.68
CA GLU C 50 -6.08 -3.69 9.06
C GLU C 50 -6.71 -2.62 8.15
N LYS C 51 -7.91 -2.82 7.67
CA LYS C 51 -8.50 -1.81 6.73
C LYS C 51 -8.75 -0.46 7.41
N TRP C 52 -9.80 -0.38 8.17
CA TRP C 52 -10.17 0.91 8.82
C TRP C 52 -8.97 1.71 9.39
N PRO C 53 -8.10 1.13 10.21
CA PRO C 53 -6.96 1.91 10.77
C PRO C 53 -6.21 2.77 9.73
N PHE C 54 -5.46 2.17 8.84
CA PHE C 54 -4.64 2.99 7.88
C PHE C 54 -5.46 3.62 6.75
N PHE C 55 -6.64 3.16 6.43
CA PHE C 55 -7.38 3.83 5.31
C PHE C 55 -7.76 5.25 5.73
N GLN C 56 -8.12 5.46 6.97
CA GLN C 56 -8.48 6.84 7.40
C GLN C 56 -7.32 7.78 7.05
N GLU C 57 -6.11 7.32 7.20
CA GLU C 57 -4.93 8.15 6.89
C GLU C 57 -4.81 8.39 5.38
N ALA C 58 -4.52 7.35 4.63
CA ALA C 58 -4.35 7.52 3.15
C ALA C 58 -5.43 8.41 2.56
N GLN C 59 -6.53 8.56 3.23
CA GLN C 59 -7.61 9.43 2.68
C GLN C 59 -7.11 10.88 2.58
N LYS C 60 -6.67 11.45 3.67
CA LYS C 60 -6.20 12.87 3.62
C LYS C 60 -4.92 12.98 2.77
N LEU C 61 -4.02 12.04 2.85
CA LEU C 61 -2.76 12.13 2.02
C LEU C 61 -3.09 12.59 0.60
N GLN C 62 -3.96 11.89 -0.08
CA GLN C 62 -4.29 12.29 -1.47
C GLN C 62 -4.96 13.68 -1.45
N ALA C 63 -5.84 13.92 -0.53
CA ALA C 63 -6.53 15.25 -0.49
C ALA C 63 -5.50 16.38 -0.56
N MET C 64 -4.43 16.28 0.18
CA MET C 64 -3.40 17.36 0.15
C MET C 64 -2.74 17.45 -1.23
N HIS C 65 -2.02 16.43 -1.61
CA HIS C 65 -1.31 16.44 -2.92
C HIS C 65 -2.24 16.53 -4.13
N ARG C 66 -3.24 15.70 -4.22
CA ARG C 66 -4.14 15.77 -5.42
C ARG C 66 -4.80 17.15 -5.52
N GLU C 67 -4.94 17.85 -4.43
CA GLU C 67 -5.57 19.21 -4.51
C GLU C 67 -4.58 20.19 -5.13
N LYS C 68 -3.31 19.98 -4.93
CA LYS C 68 -2.28 20.90 -5.51
C LYS C 68 -1.86 20.41 -6.91
N TYR C 69 -2.26 19.21 -7.30
CA TYR C 69 -1.88 18.67 -8.64
C TYR C 69 -3.13 18.20 -9.42
N PRO C 70 -4.14 19.04 -9.49
CA PRO C 70 -5.39 18.68 -10.18
C PRO C 70 -5.12 17.99 -11.53
N ASN C 71 -4.93 18.73 -12.59
CA ASN C 71 -4.69 18.10 -13.91
C ASN C 71 -3.19 17.83 -14.09
N TYR C 72 -2.39 18.15 -13.11
CA TYR C 72 -0.93 17.90 -13.25
C TYR C 72 -0.71 16.39 -13.11
N LYS C 73 -1.01 15.63 -14.14
CA LYS C 73 -0.85 14.15 -14.08
C LYS C 73 0.37 13.71 -14.90
N TYR C 74 0.50 12.42 -15.10
CA TYR C 74 1.64 11.90 -15.89
C TYR C 74 1.54 12.37 -17.34
N ARG C 75 2.56 12.12 -18.13
CA ARG C 75 2.52 12.54 -19.57
C ARG C 75 3.17 11.46 -20.42
N ASP C 3 4.03 15.53 -14.06
CA ASP C 3 4.63 14.21 -14.41
C ASP C 3 5.34 13.63 -13.19
N ARG C 4 6.62 13.88 -13.04
CA ARG C 4 7.35 13.32 -11.87
C ARG C 4 7.03 14.15 -10.63
N VAL C 5 5.81 14.13 -10.18
CA VAL C 5 5.43 14.88 -8.96
C VAL C 5 5.81 14.02 -7.75
N LYS C 6 5.71 14.53 -6.56
CA LYS C 6 6.06 13.70 -5.37
C LYS C 6 4.97 12.64 -5.20
N ARG C 7 5.30 11.49 -4.67
CA ARG C 7 4.28 10.42 -4.51
C ARG C 7 4.64 9.53 -3.30
N PRO C 8 4.01 9.73 -2.15
CA PRO C 8 4.32 8.90 -0.97
C PRO C 8 4.00 7.44 -1.29
N MET C 9 4.00 6.59 -0.29
CA MET C 9 3.71 5.15 -0.54
C MET C 9 2.30 5.01 -1.11
N ASN C 10 2.04 3.95 -1.85
CA ASN C 10 0.67 3.75 -2.43
C ASN C 10 -0.15 2.85 -1.51
N ALA C 11 -1.44 3.00 -1.52
CA ALA C 11 -2.31 2.16 -0.64
C ALA C 11 -1.87 0.69 -0.70
N PHE C 12 -1.30 0.28 -1.79
CA PHE C 12 -0.85 -1.15 -1.90
C PHE C 12 0.45 -1.32 -1.11
N ILE C 13 1.45 -0.53 -1.41
CA ILE C 13 2.73 -0.66 -0.66
C ILE C 13 2.48 -0.33 0.81
N VAL C 14 1.39 0.34 1.12
CA VAL C 14 1.12 0.63 2.57
C VAL C 14 1.10 -0.71 3.29
N TRP C 15 0.34 -1.65 2.78
CA TRP C 15 0.32 -2.99 3.43
C TRP C 15 1.76 -3.48 3.55
N SER C 16 2.44 -3.60 2.44
CA SER C 16 3.86 -4.07 2.47
C SER C 16 4.59 -3.48 3.67
N ARG C 17 4.64 -2.18 3.76
CA ARG C 17 5.35 -1.52 4.92
C ARG C 17 5.07 -2.30 6.23
N ASP C 18 3.92 -2.10 6.81
CA ASP C 18 3.62 -2.80 8.10
C ASP C 18 3.22 -4.27 7.88
N GLN C 19 2.40 -4.56 6.92
CA GLN C 19 1.97 -5.97 6.71
C GLN C 19 3.17 -6.89 6.49
N ARG C 20 4.04 -6.60 5.56
CA ARG C 20 5.20 -7.51 5.35
C ARG C 20 6.05 -7.56 6.62
N ARG C 21 6.13 -6.50 7.37
CA ARG C 21 6.96 -6.57 8.63
C ARG C 21 6.48 -7.79 9.42
N LYS C 22 5.22 -8.10 9.33
CA LYS C 22 4.69 -9.29 10.06
C LYS C 22 5.32 -10.54 9.45
N MET C 23 5.23 -10.66 8.15
CA MET C 23 5.81 -11.85 7.46
C MET C 23 7.34 -11.86 7.63
N ALA C 24 7.91 -10.71 7.85
CA ALA C 24 9.40 -10.63 8.02
C ALA C 24 9.82 -11.19 9.38
N LEU C 25 9.01 -11.03 10.39
CA LEU C 25 9.38 -11.56 11.73
C LEU C 25 9.45 -13.08 11.71
N GLU C 26 8.34 -13.72 11.44
CA GLU C 26 8.31 -15.20 11.44
C GLU C 26 8.86 -15.79 10.12
N ASN C 27 8.89 -15.03 9.05
CA ASN C 27 9.40 -15.60 7.76
C ASN C 27 10.28 -14.59 6.99
N PRO C 28 11.37 -14.16 7.58
CA PRO C 28 12.30 -13.22 6.92
C PRO C 28 13.05 -13.93 5.76
N ARG C 29 12.75 -15.17 5.49
CA ARG C 29 13.47 -15.90 4.39
C ARG C 29 12.47 -16.63 3.47
N MET C 30 11.58 -15.93 2.83
CA MET C 30 10.62 -16.59 1.90
C MET C 30 11.29 -16.78 0.54
N ARG C 31 11.52 -17.99 0.13
CA ARG C 31 12.17 -18.21 -1.19
C ARG C 31 11.14 -17.95 -2.29
N ASN C 32 11.60 -17.58 -3.46
CA ASN C 32 10.67 -17.29 -4.59
C ASN C 32 9.70 -16.17 -4.17
N SER C 33 9.23 -15.41 -5.11
CA SER C 33 8.29 -14.31 -4.75
C SER C 33 6.96 -14.90 -4.26
N GLU C 34 6.95 -15.39 -3.05
CA GLU C 34 5.70 -15.98 -2.47
C GLU C 34 4.83 -14.84 -1.90
N ILE C 35 5.33 -14.17 -0.91
CA ILE C 35 4.56 -13.05 -0.28
C ILE C 35 3.89 -12.20 -1.36
N SER C 36 4.38 -12.24 -2.57
CA SER C 36 3.77 -11.42 -3.65
C SER C 36 2.37 -11.97 -4.02
N LYS C 37 2.33 -13.12 -4.63
CA LYS C 37 1.02 -13.70 -5.04
C LYS C 37 0.18 -14.04 -3.79
N GLN C 38 0.80 -14.28 -2.68
CA GLN C 38 0.02 -14.61 -1.46
C GLN C 38 -0.85 -13.41 -1.09
N LEU C 39 -0.30 -12.23 -1.08
CA LEU C 39 -1.14 -11.05 -0.77
C LEU C 39 -2.26 -10.99 -1.80
N GLY C 40 -1.98 -11.40 -3.01
CA GLY C 40 -3.05 -11.40 -4.04
C GLY C 40 -4.30 -12.04 -3.44
N TYR C 41 -4.09 -13.07 -2.67
CA TYR C 41 -5.24 -13.75 -2.01
C TYR C 41 -5.89 -12.81 -0.98
N GLN C 42 -5.12 -12.07 -0.24
CA GLN C 42 -5.71 -11.16 0.79
C GLN C 42 -6.63 -10.13 0.12
N TRP C 43 -6.35 -9.82 -1.10
CA TRP C 43 -7.18 -8.83 -1.85
C TRP C 43 -8.57 -9.42 -2.09
N LYS C 44 -8.61 -10.58 -2.65
CA LYS C 44 -9.91 -11.25 -2.90
C LYS C 44 -10.53 -11.62 -1.55
N MET C 45 -9.84 -11.31 -0.49
CA MET C 45 -10.35 -11.57 0.89
C MET C 45 -9.74 -10.51 1.83
N LEU C 46 -10.04 -9.26 1.61
CA LEU C 46 -9.44 -8.18 2.46
C LEU C 46 -9.93 -8.31 3.90
N THR C 47 -9.02 -8.19 4.83
CA THR C 47 -9.41 -8.26 6.26
C THR C 47 -9.87 -6.86 6.69
N GLU C 48 -11.12 -6.71 7.02
CA GLU C 48 -11.65 -5.37 7.42
C GLU C 48 -10.80 -4.77 8.54
N ALA C 49 -10.25 -5.57 9.39
CA ALA C 49 -9.41 -5.03 10.51
C ALA C 49 -8.25 -4.21 9.92
N GLU C 50 -8.01 -4.34 8.65
CA GLU C 50 -6.89 -3.59 8.00
C GLU C 50 -7.43 -2.50 7.07
N LYS C 51 -8.63 -2.66 6.58
CA LYS C 51 -9.19 -1.64 5.64
C LYS C 51 -9.51 -0.32 6.36
N TRP C 52 -10.53 -0.32 7.17
CA TRP C 52 -10.94 0.94 7.87
C TRP C 52 -9.78 1.72 8.55
N PRO C 53 -8.90 1.09 9.30
CA PRO C 53 -7.81 1.84 9.99
C PRO C 53 -6.93 2.71 9.06
N PHE C 54 -6.07 2.11 8.28
CA PHE C 54 -5.11 2.96 7.46
C PHE C 54 -5.73 3.58 6.20
N PHE C 55 -6.85 3.13 5.71
CA PHE C 55 -7.41 3.79 4.48
C PHE C 55 -7.82 5.23 4.82
N GLN C 56 -8.21 5.47 6.04
CA GLN C 56 -8.63 6.85 6.42
C GLN C 56 -7.52 7.86 6.11
N GLU C 57 -6.39 7.69 6.71
CA GLU C 57 -5.27 8.64 6.45
C GLU C 57 -4.79 8.53 5.01
N ALA C 58 -4.63 7.33 4.49
CA ALA C 58 -4.15 7.17 3.09
C ALA C 58 -4.88 8.16 2.16
N GLN C 59 -6.08 8.53 2.53
CA GLN C 59 -6.85 9.48 1.69
C GLN C 59 -6.13 10.83 1.67
N LYS C 60 -5.92 11.45 2.80
CA LYS C 60 -5.25 12.78 2.78
C LYS C 60 -3.87 12.70 2.10
N LEU C 61 -3.08 11.69 2.39
CA LEU C 61 -1.73 11.59 1.72
C LEU C 61 -1.84 11.93 0.23
N GLN C 62 -2.33 11.01 -0.55
CA GLN C 62 -2.42 11.26 -2.02
C GLN C 62 -3.48 12.33 -2.37
N ALA C 63 -4.58 12.35 -1.68
CA ALA C 63 -5.64 13.35 -2.01
C ALA C 63 -5.11 14.78 -1.95
N MET C 64 -4.46 15.15 -0.88
CA MET C 64 -3.94 16.55 -0.76
C MET C 64 -2.89 16.83 -1.84
N HIS C 65 -1.83 16.07 -1.88
CA HIS C 65 -0.76 16.33 -2.89
C HIS C 65 -1.34 16.22 -4.31
N ARG C 66 -2.22 15.30 -4.55
CA ARG C 66 -2.79 15.15 -5.91
C ARG C 66 -3.65 16.38 -6.27
N GLU C 67 -4.36 16.92 -5.31
CA GLU C 67 -5.22 18.10 -5.61
C GLU C 67 -4.37 19.37 -5.77
N LYS C 68 -3.09 19.32 -5.51
CA LYS C 68 -2.27 20.56 -5.64
C LYS C 68 -1.91 20.84 -7.12
N TYR C 69 -2.01 19.87 -8.00
CA TYR C 69 -1.67 20.13 -9.44
C TYR C 69 -2.68 19.41 -10.35
N PRO C 70 -3.93 19.85 -10.32
CA PRO C 70 -5.00 19.22 -11.12
C PRO C 70 -4.64 19.14 -12.62
N ASN C 71 -4.15 20.20 -13.19
CA ASN C 71 -3.83 20.17 -14.65
C ASN C 71 -2.53 19.41 -14.91
N TYR C 72 -1.61 19.46 -13.99
CA TYR C 72 -0.31 18.76 -14.21
C TYR C 72 -0.56 17.24 -14.07
N LYS C 73 -0.60 16.52 -15.16
CA LYS C 73 -0.86 15.04 -15.10
C LYS C 73 0.27 14.25 -15.75
N TYR C 74 0.12 12.95 -15.82
CA TYR C 74 1.16 12.09 -16.44
C TYR C 74 1.05 12.20 -17.96
N ARG C 75 2.11 11.88 -18.67
CA ARG C 75 2.07 11.95 -20.16
C ARG C 75 2.83 10.76 -20.76
#